data_1GQH
#
_entry.id   1GQH
#
_cell.length_a   108.640
_cell.length_b   55.396
_cell.length_c   124.425
_cell.angle_alpha   90.00
_cell.angle_beta   98.26
_cell.angle_gamma   90.00
#
_symmetry.space_group_name_H-M   'P 1 21 1'
#
loop_
_entity.id
_entity.type
_entity.pdbx_description
1 polymer 'QUERCETIN 2,3-DIOXYGENASE'
2 branched alpha-D-mannopyranose-(1-4)-2-acetamido-2-deoxy-beta-D-glucopyranose-(1-4)-2-acetamido-2-deoxy-beta-D-glucopyranose
3 branched alpha-D-mannopyranose-(1-3)-alpha-D-mannopyranose-(1-4)-2-acetamido-2-deoxy-beta-D-glucopyranose-(1-4)-2-acetamido-2-deoxy-beta-D-glucopyranose
4 branched 2-acetamido-2-deoxy-beta-D-glucopyranose-(1-4)-2-acetamido-2-deoxy-beta-D-glucopyranose
5 non-polymer 5-HYDROXY-2-(HYDROXYMETHYL)-4H-PYRAN-4-ONE
6 non-polymer 'COPPER (II) ION'
7 non-polymer 2-acetamido-2-deoxy-beta-D-glucopyranose
8 water water
#
_entity_poly.entity_id   1
_entity_poly.type   'polypeptide(L)'
_entity_poly.pdbx_seq_one_letter_code
;DTSSLIVEDAPDHVRPYVIRHYSHARAVTVDTQLYRFYVTGPSSGYAFTLMGTNAPHSDALGVLPHIHQKHYENFYCNKG
SFQLWAQSGNETQQTRVLSSGDYGSVPRNVTHTFQIQDPDTEMTGVIVPGGFEDLFYYLGTNATDTTHTPYIPSSSDSSS
TTGPDSSTISTLQSFDVYAELSFTPRTDTVNGTAPANTVWHTGANALASTAGDPYFIANGWGPKYLNSQYGYQIVAPFVT
ATQAQDTNYTLSTISMSTTPSTVTVPTWSFPGACAFQVQEGRVVVQIGDYAATELGSGDVAFIPGGVEFKYYSEAYFSKV
LFVSSGSDGLDQNLVNGGEEWSSVSFPADW
;
_entity_poly.pdbx_strand_id   A,B,C,D
#
loop_
_chem_comp.id
_chem_comp.type
_chem_comp.name
_chem_comp.formula
CU non-polymer 'COPPER (II) ION' 'Cu 2'
KOJ non-polymer 5-HYDROXY-2-(HYDROXYMETHYL)-4H-PYRAN-4-ONE 'C6 H6 O4'
MAN D-saccharide, alpha linking alpha-D-mannopyranose 'C6 H12 O6'
NAG D-saccharide, beta linking 2-acetamido-2-deoxy-beta-D-glucopyranose 'C8 H15 N O6'
#
# COMPACT_ATOMS: atom_id res chain seq x y z
N THR A 2 -26.35 46.61 0.89
CA THR A 2 -25.21 47.31 1.55
C THR A 2 -24.15 47.69 0.53
N SER A 3 -23.05 48.27 1.02
CA SER A 3 -21.94 48.66 0.17
C SER A 3 -20.96 47.50 0.08
N SER A 4 -21.26 46.43 0.80
CA SER A 4 -20.45 45.23 0.80
C SER A 4 -20.56 44.50 -0.52
N LEU A 5 -19.45 43.93 -0.96
CA LEU A 5 -19.37 43.20 -2.23
C LEU A 5 -20.49 42.22 -2.50
N ILE A 6 -20.85 41.43 -1.52
CA ILE A 6 -21.82 40.38 -1.76
C ILE A 6 -23.19 40.99 -1.63
N VAL A 7 -24.01 40.75 -2.64
CA VAL A 7 -25.38 41.24 -2.66
C VAL A 7 -26.27 40.07 -2.97
N GLU A 8 -27.53 40.21 -2.59
CA GLU A 8 -28.51 39.17 -2.83
C GLU A 8 -29.36 39.47 -4.07
N ASP A 9 -29.39 40.75 -4.47
CA ASP A 9 -30.00 41.16 -5.74
C ASP A 9 -28.99 42.06 -6.42
N ALA A 10 -28.92 41.97 -7.75
CA ALA A 10 -28.02 42.85 -8.46
C ALA A 10 -28.35 44.31 -8.09
N PRO A 11 -27.33 45.11 -7.83
CA PRO A 11 -27.51 46.53 -7.51
C PRO A 11 -28.26 47.24 -8.63
N ASP A 12 -28.75 48.43 -8.32
CA ASP A 12 -29.54 49.20 -9.25
C ASP A 12 -28.67 50.20 -9.99
N HIS A 13 -27.37 50.07 -9.80
CA HIS A 13 -26.42 50.95 -10.49
C HIS A 13 -25.12 50.19 -10.66
N VAL A 14 -24.19 50.78 -11.40
CA VAL A 14 -22.95 50.11 -11.73
C VAL A 14 -21.99 50.15 -10.56
N ARG A 15 -21.55 48.97 -10.13
CA ARG A 15 -20.56 48.87 -9.05
C ARG A 15 -20.06 47.44 -8.99
N PRO A 16 -18.88 47.24 -8.39
CA PRO A 16 -18.35 45.90 -8.23
C PRO A 16 -19.25 45.10 -7.28
N TYR A 17 -19.41 43.82 -7.56
CA TYR A 17 -20.17 42.98 -6.63
C TYR A 17 -20.04 41.50 -6.90
N VAL A 18 -20.41 40.73 -5.90
CA VAL A 18 -20.49 39.29 -5.98
C VAL A 18 -21.89 38.90 -5.58
N ILE A 19 -22.45 37.93 -6.31
CA ILE A 19 -23.77 37.40 -5.97
C ILE A 19 -23.66 35.88 -6.00
N ARG A 20 -24.01 35.22 -4.89
CA ARG A 20 -23.95 33.76 -4.77
C ARG A 20 -25.02 33.05 -5.61
N HIS A 21 -24.73 31.80 -5.99
CA HIS A 21 -25.66 30.94 -6.73
C HIS A 21 -26.97 30.84 -5.99
N TYR A 22 -28.08 31.01 -6.69
CA TYR A 22 -29.41 30.93 -6.07
C TYR A 22 -29.75 32.07 -5.12
N SER A 23 -28.97 33.14 -5.15
CA SER A 23 -29.39 34.33 -4.41
C SER A 23 -30.76 34.72 -5.00
N HIS A 24 -31.57 35.49 -4.27
CA HIS A 24 -32.89 35.91 -4.77
C HIS A 24 -32.84 36.50 -6.19
N ALA A 25 -31.96 37.49 -6.39
CA ALA A 25 -31.71 38.03 -7.72
C ALA A 25 -32.98 38.35 -8.54
N ARG A 26 -33.87 39.11 -7.90
CA ARG A 26 -35.13 39.51 -8.52
C ARG A 26 -35.87 38.36 -9.16
N ALA A 27 -35.97 37.26 -8.44
CA ALA A 27 -36.58 36.06 -8.96
C ALA A 27 -38.03 36.22 -9.43
N VAL A 28 -38.32 35.58 -10.56
CA VAL A 28 -39.67 35.45 -11.04
C VAL A 28 -39.84 34.02 -11.56
N THR A 29 -41.08 33.54 -11.57
CA THR A 29 -41.37 32.26 -12.23
C THR A 29 -42.26 32.48 -13.44
N VAL A 30 -42.11 31.58 -14.42
CA VAL A 30 -42.97 31.53 -15.58
C VAL A 30 -43.37 30.07 -15.59
N ASP A 31 -44.60 29.80 -15.21
CA ASP A 31 -45.02 28.42 -15.12
C ASP A 31 -44.05 27.67 -14.21
N THR A 32 -43.40 26.62 -14.69
CA THR A 32 -42.49 25.85 -13.82
C THR A 32 -41.05 26.37 -13.75
N GLN A 33 -40.74 27.35 -14.59
CA GLN A 33 -39.39 27.87 -14.68
C GLN A 33 -39.15 29.00 -13.71
N LEU A 34 -37.97 29.01 -13.12
CA LEU A 34 -37.63 30.07 -12.20
C LEU A 34 -36.38 30.75 -12.72
N TYR A 35 -36.49 32.06 -12.91
CA TYR A 35 -35.40 32.85 -13.44
C TYR A 35 -34.81 33.73 -12.33
N ARG A 36 -33.49 33.91 -12.36
CA ARG A 36 -32.79 34.81 -11.43
C ARG A 36 -31.93 35.77 -12.27
N PHE A 37 -31.75 37.01 -11.84
CA PHE A 37 -30.95 37.92 -12.66
C PHE A 37 -29.68 38.37 -11.95
N TYR A 38 -28.63 37.60 -12.19
CA TYR A 38 -27.36 37.84 -11.55
C TYR A 38 -26.74 39.14 -12.04
N VAL A 39 -26.86 39.42 -13.33
CA VAL A 39 -26.45 40.71 -13.86
C VAL A 39 -27.55 41.27 -14.72
N THR A 40 -27.93 42.53 -14.48
CA THR A 40 -28.99 43.19 -15.21
C THR A 40 -28.47 44.35 -16.04
N GLY A 41 -29.39 44.92 -16.82
CA GLY A 41 -29.09 46.14 -17.56
C GLY A 41 -28.56 47.20 -16.61
N PRO A 42 -29.34 47.61 -15.63
CA PRO A 42 -28.90 48.64 -14.66
C PRO A 42 -27.61 48.28 -13.92
N SER A 43 -27.49 47.03 -13.46
CA SER A 43 -26.25 46.66 -12.75
C SER A 43 -25.01 46.66 -13.65
N SER A 44 -25.19 46.42 -14.93
CA SER A 44 -24.05 46.36 -15.83
C SER A 44 -23.89 47.61 -16.69
N GLY A 45 -24.73 48.62 -16.45
CA GLY A 45 -24.73 49.80 -17.29
C GLY A 45 -25.17 49.45 -18.70
N TYR A 46 -26.07 48.46 -18.78
CA TYR A 46 -26.66 47.98 -20.05
C TYR A 46 -25.70 47.21 -20.96
N ALA A 47 -24.58 46.72 -20.40
CA ALA A 47 -23.59 45.96 -21.18
C ALA A 47 -24.11 44.58 -21.55
N PHE A 48 -24.65 43.86 -20.58
CA PHE A 48 -25.15 42.52 -20.85
C PHE A 48 -26.03 42.08 -19.71
N THR A 49 -26.71 40.96 -19.89
CA THR A 49 -27.47 40.32 -18.83
C THR A 49 -26.90 38.93 -18.63
N LEU A 50 -26.79 38.50 -17.38
CA LEU A 50 -26.32 37.17 -17.07
C LEU A 50 -27.36 36.59 -16.15
N MET A 51 -28.08 35.57 -16.61
CA MET A 51 -29.18 35.02 -15.84
C MET A 51 -29.15 33.52 -15.80
N GLY A 52 -29.86 32.98 -14.81
CA GLY A 52 -29.99 31.55 -14.66
C GLY A 52 -31.45 31.15 -14.63
N THR A 53 -31.75 30.05 -15.31
CA THR A 53 -33.07 29.47 -15.38
C THR A 53 -32.96 28.08 -14.80
N ASN A 54 -33.80 27.75 -13.83
CA ASN A 54 -33.80 26.43 -13.27
C ASN A 54 -35.17 25.86 -13.51
N ALA A 55 -35.26 24.59 -13.89
CA ALA A 55 -36.56 24.05 -14.30
C ALA A 55 -36.55 22.54 -14.38
N PRO A 56 -37.70 21.94 -14.15
CA PRO A 56 -37.84 20.49 -14.21
C PRO A 56 -38.08 20.03 -15.66
N HIS A 57 -38.15 18.72 -15.86
CA HIS A 57 -38.48 18.14 -17.16
C HIS A 57 -39.83 18.64 -17.62
N SER A 58 -39.94 19.01 -18.88
CA SER A 58 -41.26 19.31 -19.43
C SER A 58 -41.46 18.52 -20.72
N ASP A 59 -42.66 18.01 -20.94
CA ASP A 59 -42.92 17.35 -22.20
C ASP A 59 -43.30 18.36 -23.27
N ALA A 60 -43.35 19.64 -22.92
CA ALA A 60 -43.69 20.70 -23.88
C ALA A 60 -42.54 21.70 -24.05
N LEU A 61 -42.54 22.42 -25.16
CA LEU A 61 -41.57 23.48 -25.41
C LEU A 61 -41.59 24.45 -24.24
N GLY A 62 -40.45 25.05 -23.96
CA GLY A 62 -40.34 26.01 -22.88
C GLY A 62 -40.80 27.42 -23.24
N VAL A 63 -41.05 27.64 -24.53
CA VAL A 63 -41.48 28.93 -25.06
C VAL A 63 -41.91 28.72 -26.52
N LEU A 64 -42.74 29.59 -27.07
CA LEU A 64 -43.06 29.50 -28.48
C LEU A 64 -41.88 30.09 -29.25
N PRO A 65 -41.69 29.62 -30.48
CA PRO A 65 -40.63 30.13 -31.35
C PRO A 65 -40.75 31.61 -31.56
N HIS A 66 -39.61 32.29 -31.58
CA HIS A 66 -39.60 33.74 -31.67
C HIS A 66 -38.19 34.21 -32.01
N ILE A 67 -38.05 35.45 -32.46
CA ILE A 67 -36.74 35.99 -32.64
C ILE A 67 -36.59 37.26 -31.79
N HIS A 68 -35.34 37.66 -31.60
CA HIS A 68 -35.00 38.94 -30.99
C HIS A 68 -34.28 39.72 -32.12
N GLN A 69 -34.71 40.96 -32.36
CA GLN A 69 -34.09 41.75 -33.41
C GLN A 69 -32.87 42.53 -32.90
N LYS A 70 -32.85 42.80 -31.61
CA LYS A 70 -31.80 43.67 -31.07
C LYS A 70 -30.98 43.02 -29.98
N HIS A 71 -31.29 41.77 -29.63
CA HIS A 71 -30.53 41.07 -28.60
C HIS A 71 -29.93 39.75 -29.09
N TYR A 72 -28.66 39.55 -28.76
CA TYR A 72 -27.93 38.32 -29.06
C TYR A 72 -28.06 37.43 -27.82
N GLU A 73 -28.65 36.25 -27.99
CA GLU A 73 -28.86 35.38 -26.86
C GLU A 73 -27.79 34.27 -26.86
N ASN A 74 -27.36 33.87 -25.66
CA ASN A 74 -26.41 32.78 -25.50
C ASN A 74 -26.91 31.82 -24.44
N PHE A 75 -26.80 30.54 -24.74
CA PHE A 75 -27.30 29.52 -23.84
C PHE A 75 -26.18 28.60 -23.39
N TYR A 76 -25.93 28.54 -22.10
CA TYR A 76 -24.91 27.66 -21.54
C TYR A 76 -25.55 26.71 -20.53
N CYS A 77 -25.27 25.42 -20.68
CA CYS A 77 -25.88 24.46 -19.78
C CYS A 77 -25.05 24.26 -18.53
N ASN A 78 -25.54 24.81 -17.43
CA ASN A 78 -24.85 24.67 -16.16
C ASN A 78 -24.92 23.24 -15.62
N LYS A 79 -26.09 22.61 -15.73
CA LYS A 79 -26.25 21.21 -15.32
C LYS A 79 -27.53 20.66 -15.93
N GLY A 80 -27.72 19.35 -15.88
CA GLY A 80 -28.90 18.75 -16.46
C GLY A 80 -28.82 18.80 -17.99
N SER A 81 -29.95 19.07 -18.64
CA SER A 81 -29.98 19.13 -20.08
C SER A 81 -31.24 19.75 -20.65
N PHE A 82 -31.07 20.37 -21.82
CA PHE A 82 -32.19 20.98 -22.49
C PHE A 82 -31.97 21.05 -24.00
N GLN A 83 -33.05 20.87 -24.76
CA GLN A 83 -32.94 20.92 -26.21
C GLN A 83 -33.11 22.35 -26.68
N LEU A 84 -32.34 22.71 -27.69
CA LEU A 84 -32.40 24.05 -28.30
C LEU A 84 -32.58 23.89 -29.82
N TRP A 85 -33.52 24.63 -30.41
CA TRP A 85 -33.73 24.62 -31.87
C TRP A 85 -33.44 26.05 -32.34
N ALA A 86 -32.95 26.18 -33.56
CA ALA A 86 -32.58 27.50 -34.06
C ALA A 86 -32.46 27.49 -35.56
N GLN A 87 -32.83 28.60 -36.18
CA GLN A 87 -32.68 28.72 -37.62
C GLN A 87 -32.46 30.15 -38.06
N SER A 88 -31.54 30.33 -38.99
CA SER A 88 -31.30 31.63 -39.56
C SER A 88 -31.79 31.67 -41.00
N GLY A 89 -32.59 32.69 -41.30
CA GLY A 89 -33.12 32.91 -42.62
C GLY A 89 -33.46 31.66 -43.41
N ASN A 90 -32.68 31.46 -44.47
CA ASN A 90 -32.86 30.37 -45.41
C ASN A 90 -32.12 29.08 -45.05
N GLU A 91 -31.33 29.10 -43.99
CA GLU A 91 -30.48 27.96 -43.66
C GLU A 91 -31.25 26.78 -43.01
N THR A 92 -30.72 25.58 -43.19
CA THR A 92 -31.32 24.39 -42.58
C THR A 92 -31.58 24.62 -41.08
N GLN A 93 -32.71 24.14 -40.56
CA GLN A 93 -32.95 24.26 -39.13
C GLN A 93 -32.01 23.32 -38.34
N GLN A 94 -31.45 23.82 -37.25
CA GLN A 94 -30.53 23.05 -36.40
C GLN A 94 -31.10 22.84 -35.00
N THR A 95 -30.81 21.69 -34.41
CA THR A 95 -31.15 21.44 -33.03
C THR A 95 -30.09 20.58 -32.32
N ARG A 96 -29.91 20.83 -31.03
CA ARG A 96 -29.00 20.06 -30.20
C ARG A 96 -29.57 19.88 -28.80
N VAL A 97 -29.24 18.77 -28.18
CA VAL A 97 -29.58 18.63 -26.79
C VAL A 97 -28.32 19.00 -26.02
N LEU A 98 -28.37 20.07 -25.26
CA LEU A 98 -27.21 20.48 -24.48
C LEU A 98 -27.18 19.82 -23.11
N SER A 99 -26.05 19.21 -22.76
CA SER A 99 -25.87 18.71 -21.40
C SER A 99 -24.81 19.61 -20.71
N SER A 100 -24.32 19.20 -19.54
CA SER A 100 -23.43 20.05 -18.76
C SER A 100 -22.19 20.54 -19.50
N GLY A 101 -22.05 21.86 -19.56
CA GLY A 101 -20.90 22.48 -20.17
C GLY A 101 -21.07 22.79 -21.64
N ASP A 102 -22.21 22.39 -22.23
CA ASP A 102 -22.51 22.66 -23.64
C ASP A 102 -23.02 24.07 -23.88
N TYR A 103 -22.80 24.57 -25.08
CA TYR A 103 -23.14 25.97 -25.40
C TYR A 103 -23.86 26.15 -26.72
N GLY A 104 -24.85 27.05 -26.76
CA GLY A 104 -25.60 27.36 -27.97
C GLY A 104 -25.63 28.87 -28.18
N SER A 105 -25.26 29.31 -29.37
CA SER A 105 -25.21 30.73 -29.68
C SER A 105 -26.40 31.08 -30.55
N VAL A 106 -27.14 32.13 -30.18
CA VAL A 106 -28.32 32.55 -30.94
C VAL A 106 -28.27 34.03 -31.26
N PRO A 107 -27.59 34.38 -32.35
CA PRO A 107 -27.51 35.77 -32.77
C PRO A 107 -28.90 36.40 -32.99
N ARG A 108 -28.94 37.73 -33.13
CA ARG A 108 -30.15 38.47 -33.48
C ARG A 108 -30.76 37.89 -34.75
N ASN A 109 -32.08 38.02 -34.89
CA ASN A 109 -32.85 37.48 -36.02
C ASN A 109 -32.82 35.96 -36.26
N VAL A 110 -32.40 35.20 -35.25
CA VAL A 110 -32.42 33.76 -35.33
C VAL A 110 -33.60 33.15 -34.56
N THR A 111 -34.45 32.42 -35.28
CA THR A 111 -35.59 31.78 -34.65
C THR A 111 -35.14 30.68 -33.69
N HIS A 112 -35.75 30.60 -32.51
CA HIS A 112 -35.33 29.57 -31.56
C HIS A 112 -36.42 29.21 -30.57
N THR A 113 -36.21 28.11 -29.86
CA THR A 113 -37.07 27.70 -28.77
C THR A 113 -36.29 26.62 -28.03
N PHE A 114 -36.79 26.16 -26.90
CA PHE A 114 -36.06 25.18 -26.13
C PHE A 114 -37.03 24.24 -25.41
N GLN A 115 -36.48 23.17 -24.82
CA GLN A 115 -37.28 22.24 -24.03
C GLN A 115 -36.38 21.64 -22.95
N ILE A 116 -36.85 21.70 -21.70
CA ILE A 116 -36.11 21.17 -20.58
C ILE A 116 -36.26 19.65 -20.51
N GLN A 117 -35.14 18.95 -20.45
CA GLN A 117 -35.19 17.48 -20.42
C GLN A 117 -35.02 16.82 -19.06
N ASP A 118 -33.93 17.18 -18.38
CA ASP A 118 -33.59 16.57 -17.09
C ASP A 118 -34.17 17.34 -15.92
N PRO A 119 -34.46 16.62 -14.85
CA PRO A 119 -35.11 17.20 -13.67
C PRO A 119 -34.39 18.38 -13.01
N ASP A 120 -33.07 18.38 -13.01
CA ASP A 120 -32.31 19.43 -12.34
C ASP A 120 -31.50 20.19 -13.37
N THR A 121 -32.22 20.91 -14.23
CA THR A 121 -31.59 21.61 -15.33
C THR A 121 -31.45 23.07 -15.04
N GLU A 122 -30.30 23.60 -15.39
CA GLU A 122 -30.02 25.01 -15.24
C GLU A 122 -29.37 25.55 -16.49
N MET A 123 -29.95 26.61 -17.03
CA MET A 123 -29.39 27.29 -18.19
C MET A 123 -28.87 28.63 -17.72
N THR A 124 -27.62 28.92 -18.04
CA THR A 124 -27.09 30.23 -17.76
C THR A 124 -27.24 30.98 -19.06
N GLY A 125 -27.91 32.13 -18.98
CA GLY A 125 -28.15 32.91 -20.16
C GLY A 125 -27.32 34.17 -20.15
N VAL A 126 -26.71 34.46 -21.30
CA VAL A 126 -25.99 35.70 -21.47
C VAL A 126 -26.59 36.42 -22.67
N ILE A 127 -27.24 37.55 -22.41
CA ILE A 127 -27.90 38.32 -23.47
C ILE A 127 -27.23 39.67 -23.63
N VAL A 128 -26.98 40.08 -24.87
CA VAL A 128 -26.30 41.34 -25.17
C VAL A 128 -27.09 42.20 -26.18
N PRO A 129 -27.35 43.49 -25.89
CA PRO A 129 -26.95 44.16 -24.65
C PRO A 129 -27.88 43.80 -23.49
N GLY A 130 -27.64 44.39 -22.33
CA GLY A 130 -28.46 44.09 -21.16
C GLY A 130 -29.75 44.89 -21.08
N GLY A 131 -30.67 44.44 -20.23
CA GLY A 131 -31.94 45.10 -20.09
C GLY A 131 -33.09 44.25 -20.64
N PHE A 132 -32.75 43.14 -21.28
CA PHE A 132 -33.76 42.28 -21.86
C PHE A 132 -34.60 41.63 -20.78
N GLU A 133 -34.09 41.61 -19.57
CA GLU A 133 -34.81 40.95 -18.49
C GLU A 133 -36.18 41.53 -18.20
N ASP A 134 -36.46 42.75 -18.68
CA ASP A 134 -37.76 43.35 -18.44
C ASP A 134 -38.89 42.42 -18.86
N LEU A 135 -38.64 41.66 -19.92
CA LEU A 135 -39.62 40.75 -20.47
C LEU A 135 -39.99 39.72 -19.41
N PHE A 136 -38.98 39.21 -18.72
CA PHE A 136 -39.18 38.24 -17.66
C PHE A 136 -39.90 38.87 -16.46
N TYR A 137 -39.59 40.12 -16.15
CA TYR A 137 -40.33 40.80 -15.07
C TYR A 137 -41.79 40.85 -15.50
N TYR A 138 -41.99 41.24 -16.75
CA TYR A 138 -43.33 41.49 -17.30
C TYR A 138 -44.18 40.24 -17.29
N LEU A 139 -43.71 39.21 -17.99
CA LEU A 139 -44.44 37.95 -18.12
C LEU A 139 -44.39 37.09 -16.89
N GLY A 140 -43.39 37.28 -16.04
CA GLY A 140 -43.27 36.42 -14.89
C GLY A 140 -44.08 36.83 -13.68
N THR A 141 -43.99 36.01 -12.65
CA THR A 141 -44.62 36.35 -11.38
C THR A 141 -43.54 36.41 -10.33
N ASN A 142 -43.47 37.50 -9.61
CA ASN A 142 -42.47 37.63 -8.56
C ASN A 142 -42.43 36.37 -7.70
N ALA A 143 -41.22 36.04 -7.27
CA ALA A 143 -41.02 34.83 -6.50
C ALA A 143 -40.21 35.18 -5.28
N THR A 144 -40.78 34.87 -4.12
CA THR A 144 -40.12 35.17 -2.90
C THR A 144 -39.02 34.15 -2.62
N ASP A 145 -39.36 32.88 -2.81
CA ASP A 145 -38.43 31.77 -2.61
C ASP A 145 -37.57 31.94 -1.36
N THR A 146 -38.22 31.88 -0.20
CA THR A 146 -37.53 32.06 1.06
C THR A 146 -36.34 31.11 1.25
N THR A 147 -36.52 29.85 0.90
CA THR A 147 -35.48 28.87 1.16
C THR A 147 -34.38 28.88 0.12
N HIS A 148 -34.53 29.74 -0.88
CA HIS A 148 -33.60 29.80 -2.02
C HIS A 148 -33.53 28.47 -2.80
N THR A 149 -34.62 27.72 -2.83
CA THR A 149 -34.60 26.47 -3.58
C THR A 149 -34.45 26.79 -5.06
N PRO A 150 -33.70 25.97 -5.79
CA PRO A 150 -33.39 26.26 -7.20
C PRO A 150 -34.61 26.57 -8.05
N TYR A 151 -35.65 25.76 -7.92
CA TYR A 151 -36.92 26.00 -8.58
C TYR A 151 -38.03 25.49 -7.70
N ILE A 152 -39.25 25.96 -7.94
CA ILE A 152 -40.37 25.54 -7.10
C ILE A 152 -40.82 24.14 -7.45
N PRO A 153 -40.77 23.25 -6.48
CA PRO A 153 -41.17 21.86 -6.72
C PRO A 153 -42.64 21.82 -7.13
N SER A 154 -42.97 21.00 -8.13
CA SER A 154 -44.37 20.83 -8.52
C SER A 154 -44.55 19.70 -9.54
N GLY A 163 -45.04 29.22 -21.32
CA GLY A 163 -44.97 30.67 -21.16
C GLY A 163 -46.14 31.38 -21.83
N PRO A 164 -45.87 32.48 -22.54
CA PRO A 164 -46.93 33.23 -23.24
C PRO A 164 -47.63 32.42 -24.31
N ASP A 165 -48.95 32.46 -24.37
CA ASP A 165 -49.69 31.74 -25.41
C ASP A 165 -49.49 32.49 -26.72
N SER A 166 -50.00 31.96 -27.83
CA SER A 166 -49.70 32.56 -29.13
C SER A 166 -50.11 34.03 -29.27
N SER A 167 -51.30 34.37 -28.79
CA SER A 167 -51.78 35.73 -28.87
C SER A 167 -50.88 36.71 -28.10
N THR A 168 -50.42 36.29 -26.92
CA THR A 168 -49.60 37.13 -26.06
C THR A 168 -48.22 37.38 -26.64
N ILE A 169 -47.55 36.31 -27.07
CA ILE A 169 -46.22 36.41 -27.65
C ILE A 169 -46.16 37.19 -28.97
N SER A 170 -47.31 37.38 -29.61
CA SER A 170 -47.37 38.17 -30.84
C SER A 170 -47.61 39.66 -30.52
N THR A 171 -47.43 40.02 -29.26
CA THR A 171 -47.76 41.36 -28.78
C THR A 171 -46.57 42.03 -28.08
N LEU A 172 -45.42 41.41 -28.21
CA LEU A 172 -44.26 41.79 -27.40
C LEU A 172 -43.11 42.53 -28.09
N GLN A 173 -43.39 43.16 -29.23
CA GLN A 173 -42.36 43.86 -30.00
C GLN A 173 -41.54 44.82 -29.13
N SER A 174 -42.21 45.51 -28.21
CA SER A 174 -41.55 46.51 -27.38
C SER A 174 -40.48 45.89 -26.51
N PHE A 175 -40.60 44.60 -26.24
CA PHE A 175 -39.65 43.90 -25.40
C PHE A 175 -38.67 43.12 -26.26
N ASP A 176 -38.67 43.42 -27.55
CA ASP A 176 -37.81 42.77 -28.52
C ASP A 176 -38.07 41.27 -28.67
N VAL A 177 -39.35 40.93 -28.81
CA VAL A 177 -39.74 39.56 -29.00
C VAL A 177 -40.66 39.55 -30.21
N TYR A 178 -40.33 38.75 -31.21
CA TYR A 178 -41.16 38.68 -32.39
C TYR A 178 -41.54 37.23 -32.62
N ALA A 179 -42.84 36.98 -32.70
CA ALA A 179 -43.34 35.62 -32.87
C ALA A 179 -42.98 35.05 -34.23
N GLU A 180 -42.65 33.76 -34.27
CA GLU A 180 -42.41 33.02 -35.51
C GLU A 180 -43.28 31.78 -35.50
N LEU A 181 -44.59 31.98 -35.57
CA LEU A 181 -45.53 30.89 -35.46
C LEU A 181 -45.40 29.83 -36.57
N SER A 182 -44.74 30.18 -37.68
CA SER A 182 -44.56 29.24 -38.79
C SER A 182 -43.48 28.21 -38.48
N PHE A 183 -42.63 28.52 -37.49
CA PHE A 183 -41.53 27.62 -37.13
C PHE A 183 -42.05 26.33 -36.49
N THR A 184 -41.64 25.18 -37.03
CA THR A 184 -41.95 23.89 -36.44
C THR A 184 -40.64 23.22 -36.04
N PRO A 185 -40.40 23.05 -34.75
CA PRO A 185 -39.15 22.44 -34.28
C PRO A 185 -38.99 21.04 -34.87
N ARG A 186 -37.87 20.75 -35.52
CA ARG A 186 -37.73 19.44 -36.13
C ARG A 186 -37.77 18.33 -35.08
N THR A 187 -38.33 17.20 -35.46
CA THR A 187 -38.48 16.11 -34.51
C THR A 187 -37.73 14.87 -34.95
N ASP A 188 -36.55 15.06 -35.53
CA ASP A 188 -35.80 13.89 -35.99
C ASP A 188 -34.47 13.78 -35.25
N THR A 189 -34.45 14.29 -34.01
CA THR A 189 -33.28 14.24 -33.16
C THR A 189 -32.81 12.82 -32.91
N VAL A 190 -31.50 12.62 -33.04
CA VAL A 190 -30.91 11.35 -32.70
C VAL A 190 -29.57 11.62 -32.08
N ASN A 191 -29.30 10.91 -30.99
CA ASN A 191 -28.07 11.10 -30.25
C ASN A 191 -27.89 12.55 -29.89
N GLY A 192 -29.00 13.25 -29.67
CA GLY A 192 -28.95 14.63 -29.23
C GLY A 192 -28.68 15.64 -30.33
N THR A 193 -28.87 15.27 -31.60
CA THR A 193 -28.67 16.26 -32.66
C THR A 193 -29.55 16.02 -33.88
N ALA A 194 -29.80 17.09 -34.64
CA ALA A 194 -30.45 17.02 -35.95
C ALA A 194 -30.14 18.36 -36.67
N PRO A 195 -29.93 18.32 -37.98
CA PRO A 195 -30.01 17.10 -38.79
C PRO A 195 -28.83 16.14 -38.57
N ALA A 196 -28.92 14.98 -39.20
CA ALA A 196 -27.91 13.94 -39.01
C ALA A 196 -26.48 14.38 -39.36
N ASN A 197 -26.34 15.23 -40.37
CA ASN A 197 -25.00 15.61 -40.80
C ASN A 197 -24.39 16.74 -39.95
N THR A 198 -24.45 16.60 -38.63
CA THR A 198 -23.83 17.57 -37.74
C THR A 198 -22.88 16.82 -36.81
N VAL A 199 -22.06 17.57 -36.11
CA VAL A 199 -21.07 17.01 -35.18
C VAL A 199 -21.50 17.45 -33.79
N TRP A 200 -21.77 16.50 -32.90
CA TRP A 200 -22.22 16.85 -31.54
C TRP A 200 -21.70 15.84 -30.50
N HIS A 201 -20.69 16.24 -29.74
CA HIS A 201 -20.02 15.35 -28.80
C HIS A 201 -19.27 14.22 -29.53
N THR A 202 -19.13 14.34 -30.86
CA THR A 202 -18.38 13.35 -31.65
C THR A 202 -17.19 13.92 -32.43
N GLY A 203 -16.82 15.16 -32.15
CA GLY A 203 -15.77 15.80 -32.91
C GLY A 203 -15.74 17.28 -32.64
N ALA A 204 -14.78 17.96 -33.27
CA ALA A 204 -14.57 19.39 -33.09
C ALA A 204 -15.76 20.21 -33.60
N ASN A 205 -16.09 21.26 -32.87
CA ASN A 205 -17.08 22.20 -33.31
C ASN A 205 -16.35 23.51 -33.59
N ALA A 206 -16.71 24.18 -34.67
CA ALA A 206 -16.19 25.51 -34.96
C ALA A 206 -17.25 26.57 -34.65
N LEU A 207 -16.79 27.79 -34.32
CA LEU A 207 -17.68 28.93 -34.14
C LEU A 207 -18.17 29.28 -35.54
N ALA A 208 -19.32 29.92 -35.64
CA ALA A 208 -19.80 30.29 -36.97
C ALA A 208 -18.75 31.16 -37.68
N SER A 209 -18.69 31.04 -38.99
CA SER A 209 -17.71 31.76 -39.80
C SER A 209 -18.01 33.24 -39.93
N THR A 210 -19.22 33.65 -39.57
CA THR A 210 -19.63 35.05 -39.67
C THR A 210 -20.82 35.31 -38.73
N ALA A 211 -21.13 36.58 -38.49
CA ALA A 211 -22.24 36.90 -37.60
C ALA A 211 -23.60 36.53 -38.22
N GLY A 212 -24.58 36.26 -37.35
CA GLY A 212 -25.94 36.03 -37.80
C GLY A 212 -26.39 34.59 -37.85
N ASP A 213 -25.46 33.65 -37.82
CA ASP A 213 -25.77 32.24 -37.89
C ASP A 213 -25.61 31.63 -36.51
N PRO A 214 -26.54 30.78 -36.13
CA PRO A 214 -26.48 30.11 -34.82
C PRO A 214 -25.44 29.00 -34.89
N TYR A 215 -24.85 28.64 -33.75
CA TYR A 215 -23.89 27.55 -33.73
C TYR A 215 -23.82 26.99 -32.33
N PHE A 216 -23.25 25.79 -32.21
CA PHE A 216 -23.22 25.09 -30.94
C PHE A 216 -21.85 24.49 -30.68
N ILE A 217 -21.45 24.52 -29.40
CA ILE A 217 -20.15 23.95 -29.02
C ILE A 217 -20.30 23.01 -27.83
N ALA A 218 -20.07 21.73 -28.07
CA ALA A 218 -20.18 20.77 -26.99
C ALA A 218 -18.98 20.96 -26.07
N ASN A 219 -19.17 20.63 -24.80
CA ASN A 219 -18.15 20.81 -23.78
C ASN A 219 -16.81 20.18 -24.17
N GLY A 220 -15.79 21.02 -24.27
CA GLY A 220 -14.43 20.57 -24.57
C GLY A 220 -14.13 20.26 -26.03
N TRP A 221 -15.09 20.54 -26.92
CA TRP A 221 -14.91 20.22 -28.34
C TRP A 221 -14.59 21.42 -29.25
N GLY A 222 -14.67 22.63 -28.72
CA GLY A 222 -14.37 23.80 -29.52
C GLY A 222 -12.91 24.15 -29.48
N PRO A 223 -12.51 25.18 -30.21
CA PRO A 223 -11.12 25.62 -30.22
C PRO A 223 -10.71 26.13 -28.85
N LYS A 224 -9.45 25.91 -28.50
CA LYS A 224 -8.91 26.31 -27.21
C LYS A 224 -7.56 27.00 -27.37
N TYR A 225 -7.18 27.76 -26.35
CA TYR A 225 -5.94 28.48 -26.36
C TYR A 225 -5.34 28.39 -24.97
N LEU A 226 -4.05 28.09 -24.91
CA LEU A 226 -3.35 28.01 -23.65
C LEU A 226 -2.53 29.27 -23.42
N ASN A 227 -2.79 29.95 -22.31
CA ASN A 227 -1.96 31.08 -21.93
C ASN A 227 -1.06 30.64 -20.77
N SER A 228 0.23 30.92 -20.87
CA SER A 228 1.19 30.47 -19.87
C SER A 228 1.82 31.61 -19.04
N GLN A 229 1.22 32.78 -19.13
CA GLN A 229 1.74 33.99 -18.52
C GLN A 229 1.57 34.07 -16.99
N TYR A 230 0.46 33.59 -16.47
CA TYR A 230 0.19 33.75 -15.04
C TYR A 230 -0.23 32.41 -14.49
N GLY A 231 0.62 31.42 -14.67
CA GLY A 231 0.23 30.05 -14.41
C GLY A 231 -0.41 29.65 -15.75
N TYR A 232 -1.14 28.54 -15.76
CA TYR A 232 -1.79 28.07 -16.99
C TYR A 232 -3.26 28.39 -17.01
N GLN A 233 -3.71 28.97 -18.13
CA GLN A 233 -5.14 29.22 -18.28
C GLN A 233 -5.55 28.79 -19.69
N ILE A 234 -6.71 28.17 -19.78
CA ILE A 234 -7.20 27.72 -21.07
C ILE A 234 -8.51 28.38 -21.40
N VAL A 235 -8.49 29.18 -22.46
CA VAL A 235 -9.66 29.89 -22.91
C VAL A 235 -10.28 29.09 -24.04
N ALA A 236 -11.59 28.93 -23.97
CA ALA A 236 -12.34 28.28 -25.04
C ALA A 236 -13.36 29.30 -25.50
N PRO A 237 -13.06 30.03 -26.57
CA PRO A 237 -14.00 31.02 -27.11
C PRO A 237 -15.34 30.45 -27.51
N PHE A 238 -16.40 31.15 -27.15
CA PHE A 238 -17.75 30.84 -27.61
C PHE A 238 -18.22 31.96 -28.57
N VAL A 239 -17.87 33.20 -28.26
CA VAL A 239 -18.18 34.36 -29.10
C VAL A 239 -16.97 35.30 -29.22
N THR A 240 -16.55 35.57 -30.45
CA THR A 240 -15.48 36.54 -30.71
C THR A 240 -16.05 37.70 -31.53
N ALA A 241 -15.16 38.64 -31.87
CA ALA A 241 -15.51 39.79 -32.70
C ALA A 241 -16.20 39.39 -34.01
N THR A 242 -15.74 38.30 -34.61
CA THR A 242 -16.38 37.79 -35.81
C THR A 242 -17.88 37.62 -35.63
N GLN A 243 -18.28 37.00 -34.52
CA GLN A 243 -19.69 36.71 -34.28
C GLN A 243 -20.43 37.88 -33.67
N ALA A 244 -19.77 38.61 -32.79
CA ALA A 244 -20.45 39.68 -32.06
C ALA A 244 -20.67 40.91 -32.90
N GLN A 245 -19.66 41.23 -33.69
CA GLN A 245 -19.63 42.47 -34.46
C GLN A 245 -20.08 43.68 -33.63
N ASP A 246 -21.12 44.38 -34.07
CA ASP A 246 -21.55 45.61 -33.39
C ASP A 246 -22.15 45.39 -31.98
N THR A 247 -22.49 44.15 -31.65
CA THR A 247 -22.92 43.86 -30.26
C THR A 247 -21.72 44.00 -29.33
N ASN A 248 -20.52 43.95 -29.90
CA ASN A 248 -19.33 44.38 -29.17
C ASN A 248 -19.07 43.69 -27.82
N TYR A 249 -18.89 42.38 -27.85
CA TYR A 249 -18.60 41.64 -26.65
C TYR A 249 -17.90 40.33 -26.96
N THR A 250 -17.37 39.70 -25.91
CA THR A 250 -16.80 38.36 -26.05
C THR A 250 -17.40 37.44 -25.01
N LEU A 251 -17.29 36.15 -25.26
CA LEU A 251 -17.80 35.17 -24.34
C LEU A 251 -16.96 33.91 -24.46
N SER A 252 -16.69 33.24 -23.35
CA SER A 252 -15.91 32.02 -23.42
C SER A 252 -15.92 31.33 -22.07
N THR A 253 -15.21 30.21 -21.98
CA THR A 253 -14.87 29.67 -20.66
C THR A 253 -13.38 29.90 -20.46
N ILE A 254 -12.97 30.09 -19.22
CA ILE A 254 -11.56 30.17 -18.90
C ILE A 254 -11.28 29.12 -17.84
N SER A 255 -10.43 28.13 -18.14
CA SER A 255 -10.01 27.17 -17.13
C SER A 255 -8.66 27.65 -16.54
N MET A 256 -8.43 27.39 -15.27
CA MET A 256 -7.24 27.95 -14.62
C MET A 256 -6.52 26.94 -13.75
N SER A 257 -5.19 27.05 -13.69
CA SER A 257 -4.38 26.27 -12.76
C SER A 257 -4.23 27.19 -11.56
N THR A 258 -3.58 26.73 -10.51
CA THR A 258 -3.24 27.64 -9.43
C THR A 258 -2.15 28.51 -10.03
N THR A 259 -1.77 29.54 -9.29
CA THR A 259 -0.73 30.45 -9.70
C THR A 259 0.52 30.02 -8.94
N PRO A 260 1.62 29.76 -9.64
CA PRO A 260 2.86 29.38 -8.94
C PRO A 260 3.30 30.48 -7.99
N SER A 261 3.98 30.09 -6.92
CA SER A 261 4.47 31.06 -5.95
C SER A 261 5.42 32.10 -6.55
N THR A 262 6.06 31.77 -7.67
CA THR A 262 7.06 32.69 -8.23
C THR A 262 6.43 33.61 -9.27
N VAL A 263 5.11 33.52 -9.38
CA VAL A 263 4.40 34.33 -10.34
C VAL A 263 3.44 35.27 -9.63
N THR A 264 3.49 36.53 -10.02
CA THR A 264 2.59 37.54 -9.46
C THR A 264 1.19 37.44 -10.13
N VAL A 265 0.15 37.30 -9.33
CA VAL A 265 -1.22 37.31 -9.86
C VAL A 265 -1.39 38.70 -10.41
N PRO A 266 -1.62 38.81 -11.72
CA PRO A 266 -1.69 40.10 -12.41
C PRO A 266 -2.92 40.94 -12.01
N THR A 267 -2.80 42.26 -12.16
CA THR A 267 -3.94 43.15 -11.93
C THR A 267 -4.51 43.52 -13.29
N TRP A 268 -5.84 43.48 -13.42
CA TRP A 268 -6.51 43.83 -14.67
C TRP A 268 -7.41 45.06 -14.53
N SER A 269 -7.61 45.76 -15.64
CA SER A 269 -8.48 46.92 -15.64
C SER A 269 -8.87 47.15 -17.09
N PHE A 270 -10.12 46.86 -17.41
CA PHE A 270 -10.58 46.95 -18.79
C PHE A 270 -11.49 48.13 -19.08
N PRO A 271 -11.49 48.52 -20.34
CA PRO A 271 -12.41 49.55 -20.81
C PRO A 271 -13.86 49.18 -20.49
N GLY A 272 -14.25 47.94 -20.69
CA GLY A 272 -15.63 47.56 -20.47
C GLY A 272 -15.92 46.63 -19.31
N ALA A 273 -17.17 46.65 -18.87
CA ALA A 273 -17.60 45.77 -17.79
C ALA A 273 -17.36 44.32 -18.19
N CYS A 274 -17.16 43.44 -17.21
CA CYS A 274 -17.06 42.02 -17.47
C CYS A 274 -17.54 41.30 -16.23
N ALA A 275 -17.74 40.00 -16.36
CA ALA A 275 -18.32 39.18 -15.31
C ALA A 275 -18.00 37.72 -15.58
N PHE A 276 -18.13 36.92 -14.55
CA PHE A 276 -18.03 35.49 -14.76
C PHE A 276 -18.82 34.70 -13.74
N GLN A 277 -19.21 33.52 -14.16
CA GLN A 277 -19.88 32.62 -13.26
C GLN A 277 -18.98 31.40 -13.14
N VAL A 278 -18.65 31.02 -11.92
CA VAL A 278 -17.84 29.84 -11.71
C VAL A 278 -18.66 28.61 -12.09
N GLN A 279 -18.08 27.71 -12.90
CA GLN A 279 -18.75 26.45 -13.21
C GLN A 279 -18.11 25.33 -12.38
N GLU A 280 -16.79 25.33 -12.32
CA GLU A 280 -16.07 24.31 -11.54
C GLU A 280 -14.95 24.95 -10.76
N GLY A 281 -14.72 24.44 -9.57
CA GLY A 281 -13.59 24.90 -8.79
C GLY A 281 -13.85 26.01 -7.79
N ARG A 282 -12.79 26.72 -7.44
CA ARG A 282 -12.87 27.75 -6.41
C ARG A 282 -12.01 28.90 -6.88
N VAL A 283 -12.63 30.07 -7.01
CA VAL A 283 -11.95 31.19 -7.61
C VAL A 283 -12.05 32.38 -6.71
N VAL A 284 -10.89 32.97 -6.42
CA VAL A 284 -10.79 34.14 -5.60
C VAL A 284 -10.75 35.36 -6.50
N VAL A 285 -11.56 36.35 -6.17
CA VAL A 285 -11.62 37.57 -6.94
C VAL A 285 -11.44 38.73 -5.96
N GLN A 286 -10.52 39.63 -6.29
CA GLN A 286 -10.27 40.78 -5.42
C GLN A 286 -10.51 42.01 -6.28
N ILE A 287 -11.66 42.65 -6.06
CA ILE A 287 -12.07 43.79 -6.86
C ILE A 287 -11.97 45.09 -6.11
N GLY A 288 -11.29 46.07 -6.71
CA GLY A 288 -11.19 47.41 -6.15
C GLY A 288 -10.66 47.41 -4.74
N ASP A 289 -11.33 48.09 -3.82
CA ASP A 289 -10.89 48.06 -2.43
C ASP A 289 -11.52 46.91 -1.64
N TYR A 290 -12.32 46.08 -2.30
CA TYR A 290 -13.03 45.01 -1.61
C TYR A 290 -12.16 43.81 -1.22
N ALA A 291 -12.67 42.96 -0.34
CA ALA A 291 -11.92 41.79 0.12
C ALA A 291 -11.86 40.70 -0.92
N ALA A 292 -10.71 40.01 -0.95
CA ALA A 292 -10.52 38.86 -1.80
C ALA A 292 -11.61 37.91 -1.36
N THR A 293 -12.42 37.48 -2.32
CA THR A 293 -13.57 36.66 -2.03
C THR A 293 -13.54 35.38 -2.88
N GLU A 294 -13.81 34.24 -2.25
CA GLU A 294 -13.78 32.96 -2.95
C GLU A 294 -15.17 32.58 -3.46
N LEU A 295 -15.26 32.31 -4.75
CA LEU A 295 -16.53 31.96 -5.39
C LEU A 295 -16.55 30.50 -5.77
N GLY A 296 -17.69 29.87 -5.54
CA GLY A 296 -17.85 28.48 -5.86
C GLY A 296 -18.86 28.31 -6.97
N SER A 297 -19.29 27.08 -7.16
CA SER A 297 -20.20 26.72 -8.25
C SER A 297 -21.45 27.62 -8.36
N GLY A 298 -21.62 28.24 -9.52
CA GLY A 298 -22.76 29.11 -9.81
C GLY A 298 -22.61 30.57 -9.36
N ASP A 299 -21.61 30.85 -8.52
CA ASP A 299 -21.40 32.21 -8.03
C ASP A 299 -20.95 33.11 -9.18
N VAL A 300 -21.35 34.38 -9.09
CA VAL A 300 -21.06 35.34 -10.16
C VAL A 300 -20.29 36.54 -9.63
N ALA A 301 -19.30 36.99 -10.37
CA ALA A 301 -18.61 38.20 -9.96
C ALA A 301 -18.78 39.22 -11.08
N PHE A 302 -19.11 40.46 -10.72
CA PHE A 302 -19.26 41.49 -11.73
C PHE A 302 -18.24 42.60 -11.56
N ILE A 303 -17.54 42.96 -12.63
CA ILE A 303 -16.54 44.04 -12.55
C ILE A 303 -16.79 45.17 -13.55
N PRO A 304 -17.10 46.35 -13.06
CA PRO A 304 -17.30 47.52 -13.94
C PRO A 304 -16.05 47.82 -14.76
N GLY A 305 -16.24 48.38 -15.96
CA GLY A 305 -15.11 48.85 -16.75
C GLY A 305 -14.34 49.89 -15.92
N GLY A 306 -13.02 49.90 -16.00
CA GLY A 306 -12.26 50.91 -15.28
C GLY A 306 -12.00 50.58 -13.81
N VAL A 307 -12.47 49.43 -13.36
CA VAL A 307 -12.22 49.02 -11.99
C VAL A 307 -11.16 47.91 -11.95
N GLU A 308 -10.11 48.14 -11.18
CA GLU A 308 -9.01 47.19 -11.07
C GLU A 308 -9.46 45.94 -10.34
N PHE A 309 -8.97 44.78 -10.78
CA PHE A 309 -9.26 43.52 -10.11
C PHE A 309 -8.23 42.41 -10.33
N LYS A 310 -8.18 41.47 -9.38
CA LYS A 310 -7.30 40.32 -9.49
C LYS A 310 -8.16 39.10 -9.26
N TYR A 311 -7.78 37.99 -9.88
CA TYR A 311 -8.48 36.74 -9.67
C TYR A 311 -7.43 35.66 -9.81
N TYR A 312 -7.66 34.54 -9.14
CA TYR A 312 -6.79 33.38 -9.27
C TYR A 312 -7.59 32.19 -8.78
N SER A 313 -7.12 30.99 -9.09
CA SER A 313 -7.83 29.78 -8.68
C SER A 313 -7.20 29.17 -7.46
N GLU A 314 -8.02 28.97 -6.44
CA GLU A 314 -7.57 28.31 -5.24
C GLU A 314 -7.65 26.81 -5.47
N ALA A 315 -8.66 26.37 -6.21
CA ALA A 315 -8.71 24.95 -6.55
C ALA A 315 -7.59 24.64 -7.55
N TYR A 316 -7.19 23.38 -7.62
CA TYR A 316 -6.13 23.00 -8.55
C TYR A 316 -6.54 23.20 -10.03
N PHE A 317 -7.84 23.16 -10.28
CA PHE A 317 -8.40 23.38 -11.61
C PHE A 317 -9.75 24.04 -11.42
N SER A 318 -9.93 25.19 -12.04
CA SER A 318 -11.23 25.85 -12.01
C SER A 318 -11.63 26.17 -13.43
N LYS A 319 -12.94 26.32 -13.64
CA LYS A 319 -13.48 26.73 -14.94
C LYS A 319 -14.65 27.68 -14.72
N VAL A 320 -14.65 28.81 -15.45
CA VAL A 320 -15.71 29.79 -15.35
C VAL A 320 -16.22 30.15 -16.72
N LEU A 321 -17.45 30.67 -16.74
CA LEU A 321 -18.07 31.23 -17.92
C LEU A 321 -17.78 32.71 -17.82
N PHE A 322 -17.17 33.27 -18.85
CA PHE A 322 -16.73 34.65 -18.79
C PHE A 322 -17.36 35.50 -19.89
N VAL A 323 -17.81 36.71 -19.53
CA VAL A 323 -18.37 37.64 -20.50
C VAL A 323 -17.74 39.02 -20.37
N SER A 324 -17.52 39.68 -21.49
CA SER A 324 -16.89 40.98 -21.48
C SER A 324 -17.47 41.87 -22.56
N SER A 325 -17.78 43.11 -22.17
CA SER A 325 -18.19 44.17 -23.08
C SER A 325 -16.93 44.76 -23.69
N GLY A 326 -16.92 44.96 -25.01
CA GLY A 326 -15.72 45.41 -25.70
C GLY A 326 -15.16 44.24 -26.47
N SER A 327 -14.17 44.50 -27.30
CA SER A 327 -13.57 43.46 -28.12
C SER A 327 -12.24 42.99 -27.53
N ASP A 328 -11.82 43.60 -26.43
CA ASP A 328 -10.54 43.28 -25.85
C ASP A 328 -10.55 42.97 -24.39
N GLY A 329 -11.49 42.15 -23.97
CA GLY A 329 -11.59 41.78 -22.59
C GLY A 329 -10.59 40.71 -22.23
N LEU A 330 -10.70 40.28 -20.97
CA LEU A 330 -9.79 39.30 -20.40
C LEU A 330 -9.57 38.08 -21.30
N ASP A 331 -10.64 37.51 -21.83
CA ASP A 331 -10.47 36.26 -22.58
C ASP A 331 -9.65 36.47 -23.84
N GLN A 332 -9.98 37.50 -24.60
CA GLN A 332 -9.24 37.81 -25.80
C GLN A 332 -7.80 38.20 -25.48
N ASN A 333 -7.60 38.92 -24.37
CA ASN A 333 -6.24 39.27 -23.95
C ASN A 333 -5.44 37.97 -23.73
N LEU A 334 -6.05 37.01 -23.03
CA LEU A 334 -5.38 35.74 -22.75
C LEU A 334 -5.12 34.96 -24.05
N VAL A 335 -6.06 35.02 -24.98
CA VAL A 335 -5.87 34.36 -26.25
C VAL A 335 -4.72 35.00 -26.99
N ASN A 336 -4.76 36.32 -27.13
CA ASN A 336 -3.74 37.05 -27.88
C ASN A 336 -2.37 36.80 -27.28
N GLY A 337 -2.32 36.60 -25.97
CA GLY A 337 -1.07 36.39 -25.29
C GLY A 337 -0.61 34.94 -25.28
N GLY A 338 -1.46 34.01 -25.72
CA GLY A 338 -1.12 32.60 -25.67
C GLY A 338 -0.94 31.88 -26.98
N GLU A 339 -1.24 30.59 -26.99
CA GLU A 339 -1.09 29.78 -28.21
C GLU A 339 -2.30 28.85 -28.44
N GLU A 340 -2.49 28.37 -29.66
CA GLU A 340 -3.55 27.39 -29.92
C GLU A 340 -3.22 26.17 -29.06
N TRP A 341 -4.24 25.51 -28.52
CA TRP A 341 -4.03 24.40 -27.60
C TRP A 341 -5.05 23.30 -27.93
N SER A 342 -4.66 22.06 -27.83
CA SER A 342 -5.62 21.03 -28.23
C SER A 342 -6.14 20.17 -27.07
N SER A 343 -6.01 20.66 -25.86
CA SER A 343 -6.47 19.88 -24.73
C SER A 343 -7.22 20.73 -23.74
N VAL A 344 -8.14 20.09 -23.03
CA VAL A 344 -8.88 20.75 -21.98
C VAL A 344 -8.05 20.74 -20.71
N SER A 345 -6.94 19.98 -20.71
CA SER A 345 -6.02 19.96 -19.59
C SER A 345 -4.76 20.75 -19.94
N PHE A 346 -4.09 21.32 -18.93
CA PHE A 346 -2.84 22.06 -19.11
C PHE A 346 -1.62 21.19 -18.86
N PRO A 347 -0.43 21.66 -19.23
CA PRO A 347 0.79 20.87 -19.07
C PRO A 347 1.00 20.49 -17.62
N ALA A 348 1.59 19.30 -17.40
CA ALA A 348 1.87 18.78 -16.07
C ALA A 348 3.06 19.47 -15.39
N ASP A 349 3.86 20.23 -16.15
CA ASP A 349 5.00 20.95 -15.57
C ASP A 349 4.93 22.42 -15.92
N TRP A 350 5.33 23.27 -14.98
CA TRP A 350 5.39 24.70 -15.19
C TRP A 350 6.38 25.04 -16.32
N SER B 3 15.91 -15.16 -17.25
CA SER B 3 15.01 -14.39 -16.34
C SER B 3 15.36 -14.73 -14.90
N SER B 4 15.88 -13.73 -14.18
CA SER B 4 16.33 -13.91 -12.79
C SER B 4 15.21 -13.69 -11.77
N LEU B 5 15.13 -14.64 -10.84
CA LEU B 5 14.16 -14.59 -9.79
C LEU B 5 14.44 -13.46 -8.83
N ILE B 6 15.68 -12.97 -8.82
CA ILE B 6 16.12 -12.08 -7.76
C ILE B 6 15.58 -10.67 -7.81
N VAL B 7 15.00 -10.23 -6.70
CA VAL B 7 14.52 -8.87 -6.53
C VAL B 7 15.07 -8.31 -5.23
N GLU B 8 15.10 -6.99 -5.11
CA GLU B 8 15.65 -6.31 -3.92
C GLU B 8 14.56 -5.96 -2.93
N ASP B 9 13.33 -5.85 -3.43
CA ASP B 9 12.13 -5.58 -2.64
C ASP B 9 11.05 -6.54 -3.15
N ALA B 10 10.06 -6.84 -2.33
CA ALA B 10 8.99 -7.72 -2.77
C ALA B 10 8.22 -7.01 -3.90
N PRO B 11 7.80 -7.73 -4.93
CA PRO B 11 7.06 -7.12 -6.03
C PRO B 11 5.70 -6.62 -5.58
N ASP B 12 5.15 -5.72 -6.39
CA ASP B 12 3.85 -5.14 -6.12
C ASP B 12 2.76 -5.99 -6.75
N HIS B 13 3.15 -7.19 -7.15
CA HIS B 13 2.21 -8.15 -7.73
C HIS B 13 2.78 -9.55 -7.58
N VAL B 14 1.96 -10.54 -7.91
CA VAL B 14 2.30 -11.94 -7.75
C VAL B 14 3.13 -12.44 -8.91
N ARG B 15 4.23 -13.11 -8.57
CA ARG B 15 5.14 -13.72 -9.55
C ARG B 15 6.19 -14.48 -8.72
N PRO B 16 6.87 -15.43 -9.37
CA PRO B 16 7.97 -16.14 -8.73
C PRO B 16 9.08 -15.17 -8.39
N TYR B 17 9.65 -15.27 -7.20
CA TYR B 17 10.82 -14.47 -6.88
C TYR B 17 11.61 -15.05 -5.73
N VAL B 18 12.82 -14.54 -5.59
CA VAL B 18 13.73 -14.88 -4.51
C VAL B 18 14.27 -13.55 -4.03
N ILE B 19 14.23 -13.33 -2.73
CA ILE B 19 14.78 -12.12 -2.15
C ILE B 19 15.85 -12.52 -1.12
N ARG B 20 17.06 -12.01 -1.31
CA ARG B 20 18.19 -12.36 -0.47
C ARG B 20 18.03 -11.81 0.95
N HIS B 21 18.60 -12.52 1.91
CA HIS B 21 18.59 -12.09 3.30
C HIS B 21 19.13 -10.67 3.37
N TYR B 22 18.48 -9.85 4.18
CA TYR B 22 18.88 -8.46 4.40
C TYR B 22 18.74 -7.60 3.16
N SER B 23 17.95 -8.05 2.18
CA SER B 23 17.69 -7.23 0.99
C SER B 23 16.95 -6.01 1.49
N HIS B 24 16.90 -4.95 0.70
CA HIS B 24 16.22 -3.74 1.16
C HIS B 24 14.84 -4.08 1.68
N ALA B 25 14.08 -4.78 0.84
CA ALA B 25 12.76 -5.24 1.24
C ALA B 25 11.88 -4.16 1.88
N ARG B 26 11.88 -2.97 1.28
CA ARG B 26 10.98 -1.91 1.71
C ARG B 26 11.20 -1.61 3.20
N ALA B 27 12.44 -1.69 3.64
CA ALA B 27 12.76 -1.53 5.06
C ALA B 27 12.25 -0.27 5.75
N VAL B 28 11.82 -0.45 6.98
CA VAL B 28 11.48 0.66 7.86
C VAL B 28 12.03 0.35 9.25
N THR B 29 12.18 1.40 10.05
CA THR B 29 12.60 1.22 11.44
C THR B 29 11.53 1.77 12.35
N VAL B 30 11.35 1.10 13.48
CA VAL B 30 10.48 1.54 14.55
C VAL B 30 11.41 1.53 15.74
N ASP B 31 11.88 2.71 16.12
CA ASP B 31 12.86 2.82 17.18
C ASP B 31 14.09 2.01 16.72
N THR B 32 14.64 1.13 17.56
CA THR B 32 15.84 0.38 17.21
C THR B 32 15.60 -0.81 16.27
N GLN B 33 14.33 -1.18 16.11
CA GLN B 33 13.94 -2.33 15.29
C GLN B 33 13.92 -2.01 13.81
N LEU B 34 14.50 -2.89 13.02
CA LEU B 34 14.46 -2.78 11.56
C LEU B 34 13.60 -3.91 10.97
N TYR B 35 12.55 -3.51 10.26
CA TYR B 35 11.63 -4.42 9.62
C TYR B 35 11.90 -4.57 8.13
N ARG B 36 11.87 -5.81 7.64
CA ARG B 36 12.01 -6.08 6.21
C ARG B 36 10.80 -6.93 5.79
N PHE B 37 10.21 -6.58 4.66
CA PHE B 37 9.01 -7.28 4.20
C PHE B 37 9.32 -8.14 3.01
N TYR B 38 9.69 -9.39 3.29
CA TYR B 38 10.15 -10.30 2.25
C TYR B 38 9.00 -10.77 1.36
N VAL B 39 7.85 -10.96 1.97
CA VAL B 39 6.62 -11.30 1.25
C VAL B 39 5.54 -10.42 1.81
N THR B 40 4.77 -9.79 0.92
CA THR B 40 3.70 -8.89 1.32
C THR B 40 2.35 -9.33 0.78
N GLY B 41 1.33 -8.54 1.11
CA GLY B 41 -0.01 -8.78 0.61
C GLY B 41 0.02 -8.78 -0.90
N PRO B 42 0.43 -7.66 -1.48
CA PRO B 42 0.53 -7.54 -2.94
C PRO B 42 1.49 -8.57 -3.57
N SER B 43 2.57 -8.93 -2.89
CA SER B 43 3.50 -9.88 -3.48
C SER B 43 2.97 -11.32 -3.42
N SER B 44 2.09 -11.60 -2.45
CA SER B 44 1.55 -12.94 -2.31
C SER B 44 0.08 -13.06 -2.67
N GLY B 45 -0.51 -12.01 -3.22
CA GLY B 45 -1.93 -12.05 -3.49
C GLY B 45 -2.70 -12.13 -2.18
N TYR B 46 -2.19 -11.43 -1.17
CA TYR B 46 -2.84 -11.34 0.15
C TYR B 46 -2.91 -12.67 0.90
N ALA B 47 -2.16 -13.66 0.44
CA ALA B 47 -2.11 -14.96 1.10
C ALA B 47 -1.47 -14.91 2.49
N PHE B 48 -0.35 -14.21 2.60
CA PHE B 48 0.36 -14.11 3.87
C PHE B 48 1.50 -13.10 3.76
N THR B 49 2.03 -12.75 4.92
CA THR B 49 3.16 -11.85 5.00
C THR B 49 4.32 -12.57 5.66
N LEU B 50 5.52 -12.40 5.11
CA LEU B 50 6.69 -12.96 5.75
C LEU B 50 7.70 -11.83 5.93
N MET B 51 8.04 -11.55 7.18
CA MET B 51 8.92 -10.44 7.45
C MET B 51 10.04 -10.74 8.43
N GLY B 52 11.09 -9.94 8.32
CA GLY B 52 12.23 -10.10 9.18
C GLY B 52 12.33 -8.89 10.07
N THR B 53 12.45 -9.12 11.37
CA THR B 53 12.67 -8.02 12.30
C THR B 53 14.04 -8.21 12.97
N ASN B 54 14.98 -7.30 12.72
CA ASN B 54 16.30 -7.33 13.39
C ASN B 54 16.39 -6.23 14.42
N ALA B 55 16.92 -6.55 15.60
CA ALA B 55 17.01 -5.55 16.67
C ALA B 55 18.00 -5.95 17.75
N PRO B 56 18.48 -4.94 18.48
CA PRO B 56 19.41 -5.16 19.58
C PRO B 56 18.64 -5.44 20.86
N HIS B 57 19.38 -5.77 21.91
CA HIS B 57 18.81 -5.95 23.22
C HIS B 57 18.05 -4.69 23.64
N SER B 58 16.99 -4.89 24.41
CA SER B 58 16.22 -3.79 24.94
C SER B 58 15.76 -4.17 26.34
N ASP B 59 15.77 -3.19 27.26
CA ASP B 59 15.30 -3.43 28.60
C ASP B 59 13.80 -3.15 28.67
N ALA B 60 13.20 -2.88 27.52
CA ALA B 60 11.77 -2.59 27.47
C ALA B 60 11.08 -3.46 26.42
N LEU B 61 9.76 -3.63 26.55
CA LEU B 61 8.97 -4.38 25.59
C LEU B 61 9.19 -3.79 24.23
N GLY B 62 9.03 -4.62 23.20
CA GLY B 62 9.21 -4.19 21.83
C GLY B 62 7.90 -3.77 21.20
N VAL B 63 6.82 -3.95 21.94
CA VAL B 63 5.49 -3.55 21.47
C VAL B 63 4.53 -3.59 22.68
N LEU B 64 3.52 -2.73 22.66
CA LEU B 64 2.56 -2.73 23.76
C LEU B 64 1.65 -3.92 23.55
N PRO B 65 1.27 -4.56 24.64
CA PRO B 65 0.38 -5.73 24.57
C PRO B 65 -0.86 -5.41 23.74
N HIS B 66 -1.20 -6.32 22.84
CA HIS B 66 -2.31 -6.08 21.93
C HIS B 66 -2.86 -7.39 21.44
N ILE B 67 -3.97 -7.28 20.73
CA ILE B 67 -4.62 -8.41 20.08
C ILE B 67 -4.81 -8.16 18.58
N HIS B 68 -4.87 -9.23 17.82
CA HIS B 68 -5.29 -9.17 16.42
C HIS B 68 -6.55 -10.02 16.36
N GLN B 69 -7.64 -9.47 15.85
CA GLN B 69 -8.87 -10.24 15.77
C GLN B 69 -8.95 -11.04 14.47
N LYS B 70 -8.23 -10.59 13.45
CA LYS B 70 -8.33 -11.22 12.15
C LYS B 70 -7.02 -11.69 11.57
N HIS B 71 -5.95 -11.63 12.36
CA HIS B 71 -4.67 -12.14 11.89
C HIS B 71 -4.06 -13.14 12.84
N TYR B 72 -3.53 -14.21 12.26
CA TYR B 72 -2.84 -15.25 13.01
C TYR B 72 -1.37 -14.92 12.89
N GLU B 73 -0.74 -14.67 14.04
CA GLU B 73 0.69 -14.35 14.06
C GLU B 73 1.59 -15.52 14.45
N ASN B 74 2.76 -15.58 13.81
CA ASN B 74 3.71 -16.64 14.06
C ASN B 74 5.07 -16.01 14.28
N PHE B 75 5.72 -16.40 15.36
CA PHE B 75 7.05 -15.91 15.70
C PHE B 75 8.09 -17.02 15.59
N TYR B 76 9.07 -16.79 14.74
CA TYR B 76 10.14 -17.74 14.60
C TYR B 76 11.45 -17.03 14.84
N CYS B 77 12.28 -17.59 15.70
CA CYS B 77 13.58 -16.99 16.01
C CYS B 77 14.63 -17.48 15.03
N ASN B 78 15.07 -16.60 14.15
CA ASN B 78 16.11 -16.96 13.19
C ASN B 78 17.47 -17.06 13.90
N LYS B 79 17.73 -16.15 14.83
CA LYS B 79 18.96 -16.14 15.61
C LYS B 79 18.82 -15.17 16.76
N GLY B 80 19.70 -15.27 17.75
CA GLY B 80 19.65 -14.42 18.93
C GLY B 80 18.57 -14.95 19.86
N SER B 81 17.84 -14.05 20.50
CA SER B 81 16.71 -14.48 21.32
C SER B 81 15.78 -13.37 21.78
N PHE B 82 14.54 -13.75 22.05
CA PHE B 82 13.54 -12.79 22.52
C PHE B 82 12.48 -13.49 23.33
N GLN B 83 11.94 -12.79 24.33
CA GLN B 83 10.87 -13.34 25.14
C GLN B 83 9.54 -13.01 24.49
N LEU B 84 8.65 -13.98 24.55
CA LEU B 84 7.30 -13.81 24.06
C LEU B 84 6.33 -14.17 25.20
N TRP B 85 5.27 -13.36 25.37
CA TRP B 85 4.21 -13.63 26.34
C TRP B 85 2.93 -13.79 25.53
N ALA B 86 2.07 -14.73 25.91
CA ALA B 86 0.79 -14.90 25.21
C ALA B 86 -0.30 -15.35 26.16
N GLN B 87 -1.50 -14.82 25.94
CA GLN B 87 -2.64 -15.21 26.74
C GLN B 87 -3.92 -15.27 25.93
N SER B 88 -4.63 -16.38 26.09
CA SER B 88 -5.94 -16.54 25.48
C SER B 88 -6.97 -16.42 26.58
N GLY B 89 -7.80 -15.40 26.46
CA GLY B 89 -8.89 -15.17 27.39
C GLY B 89 -8.44 -15.15 28.83
N ASN B 90 -8.99 -16.07 29.62
CA ASN B 90 -8.68 -16.12 31.04
C ASN B 90 -7.77 -17.28 31.39
N GLU B 91 -7.24 -17.94 30.37
CA GLU B 91 -6.32 -19.05 30.58
C GLU B 91 -5.01 -18.52 31.13
N THR B 92 -4.25 -19.36 31.80
CA THR B 92 -2.96 -18.92 32.35
C THR B 92 -2.10 -18.20 31.30
N GLN B 93 -1.52 -17.06 31.67
CA GLN B 93 -0.61 -16.38 30.77
C GLN B 93 0.63 -17.25 30.59
N GLN B 94 1.04 -17.45 29.35
CA GLN B 94 2.24 -18.24 29.04
C GLN B 94 3.37 -17.37 28.53
N THR B 95 4.60 -17.71 28.92
CA THR B 95 5.74 -16.99 28.37
C THR B 95 6.93 -17.93 28.12
N ARG B 96 7.68 -17.65 27.06
CA ARG B 96 8.87 -18.43 26.72
C ARG B 96 9.92 -17.51 26.15
N VAL B 97 11.17 -17.88 26.36
CA VAL B 97 12.29 -17.15 25.82
C VAL B 97 12.72 -17.99 24.62
N LEU B 98 12.54 -17.45 23.42
CA LEU B 98 12.89 -18.19 22.23
C LEU B 98 14.33 -17.94 21.85
N SER B 99 15.00 -19.01 21.46
CA SER B 99 16.36 -18.89 20.98
C SER B 99 16.36 -19.49 19.59
N SER B 100 17.53 -19.61 18.99
CA SER B 100 17.56 -19.96 17.59
C SER B 100 16.79 -21.22 17.24
N GLY B 101 15.86 -21.09 16.29
CA GLY B 101 15.08 -22.21 15.84
C GLY B 101 13.76 -22.46 16.55
N ASP B 102 13.49 -21.69 17.62
CA ASP B 102 12.28 -21.83 18.41
C ASP B 102 11.11 -21.14 17.73
N TYR B 103 9.92 -21.60 18.06
CA TYR B 103 8.72 -21.10 17.41
C TYR B 103 7.63 -20.74 18.41
N GLY B 104 6.95 -19.62 18.18
CA GLY B 104 5.81 -19.22 18.98
C GLY B 104 4.59 -18.99 18.09
N SER B 105 3.46 -19.61 18.44
CA SER B 105 2.24 -19.53 17.63
C SER B 105 1.20 -18.66 18.34
N VAL B 106 0.70 -17.64 17.66
CA VAL B 106 -0.20 -16.70 18.30
C VAL B 106 -1.48 -16.47 17.49
N PRO B 107 -2.44 -17.35 17.69
CA PRO B 107 -3.71 -17.28 16.96
C PRO B 107 -4.48 -15.98 17.26
N ARG B 108 -5.52 -15.75 16.49
CA ARG B 108 -6.34 -14.56 16.70
C ARG B 108 -6.88 -14.52 18.12
N ASN B 109 -7.24 -13.31 18.53
CA ASN B 109 -7.75 -13.04 19.87
C ASN B 109 -6.86 -13.55 20.99
N VAL B 110 -5.54 -13.51 20.78
CA VAL B 110 -4.60 -13.88 21.83
C VAL B 110 -3.73 -12.69 22.20
N THR B 111 -3.81 -12.25 23.45
CA THR B 111 -3.00 -11.12 23.90
C THR B 111 -1.52 -11.48 23.87
N HIS B 112 -0.68 -10.57 23.38
CA HIS B 112 0.75 -10.86 23.29
C HIS B 112 1.67 -9.64 23.22
N THR B 113 2.92 -9.86 23.58
CA THR B 113 3.95 -8.85 23.38
C THR B 113 5.25 -9.61 23.37
N PHE B 114 6.36 -8.91 23.10
CA PHE B 114 7.67 -9.55 23.06
C PHE B 114 8.73 -8.61 23.59
N GLN B 115 9.93 -9.13 23.86
CA GLN B 115 11.06 -8.32 24.29
C GLN B 115 12.39 -8.88 23.79
N ILE B 116 13.20 -8.04 23.14
CA ILE B 116 14.46 -8.48 22.59
C ILE B 116 15.54 -8.72 23.65
N GLN B 117 16.14 -9.91 23.65
CA GLN B 117 17.19 -10.19 24.63
C GLN B 117 18.62 -10.06 24.07
N ASP B 118 18.93 -10.78 22.99
CA ASP B 118 20.31 -10.74 22.49
C ASP B 118 20.59 -9.68 21.42
N PRO B 119 21.83 -9.19 21.38
CA PRO B 119 22.26 -8.17 20.40
C PRO B 119 21.95 -8.50 18.96
N ASP B 120 22.20 -9.73 18.54
CA ASP B 120 21.97 -10.07 17.14
C ASP B 120 20.74 -10.94 17.06
N THR B 121 19.61 -10.36 17.42
CA THR B 121 18.34 -11.08 17.37
C THR B 121 17.59 -10.86 16.06
N GLU B 122 17.06 -11.95 15.52
CA GLU B 122 16.24 -11.86 14.34
C GLU B 122 14.99 -12.74 14.48
N MET B 123 13.84 -12.13 14.27
CA MET B 123 12.57 -12.82 14.35
C MET B 123 12.01 -12.86 12.96
N THR B 124 11.61 -14.05 12.52
CA THR B 124 10.93 -14.15 11.25
C THR B 124 9.47 -14.28 11.58
N GLY B 125 8.68 -13.35 11.07
CA GLY B 125 7.25 -13.33 11.32
C GLY B 125 6.45 -13.76 10.12
N VAL B 126 5.45 -14.62 10.37
CA VAL B 126 4.52 -15.07 9.34
C VAL B 126 3.11 -14.76 9.84
N ILE B 127 2.42 -13.86 9.13
CA ILE B 127 1.08 -13.43 9.48
C ILE B 127 0.13 -13.79 8.35
N VAL B 128 -1.00 -14.37 8.72
CA VAL B 128 -2.02 -14.79 7.79
C VAL B 128 -3.32 -14.14 8.25
N PRO B 129 -4.02 -13.48 7.33
CA PRO B 129 -3.62 -13.34 5.92
C PRO B 129 -2.59 -12.25 5.67
N GLY B 130 -2.19 -12.07 4.41
CA GLY B 130 -1.23 -11.08 4.04
C GLY B 130 -1.78 -9.66 4.02
N GLY B 131 -0.88 -8.68 4.10
CA GLY B 131 -1.29 -7.29 4.08
C GLY B 131 -1.14 -6.59 5.43
N PHE B 132 -0.89 -7.37 6.46
CA PHE B 132 -0.72 -6.82 7.81
C PHE B 132 0.42 -5.79 7.89
N GLU B 133 1.36 -5.86 6.96
CA GLU B 133 2.50 -4.93 6.96
C GLU B 133 2.12 -3.45 6.85
N ASP B 134 0.91 -3.16 6.40
CA ASP B 134 0.45 -1.77 6.31
C ASP B 134 0.68 -1.06 7.65
N LEU B 135 0.51 -1.81 8.75
CA LEU B 135 0.72 -1.28 10.09
C LEU B 135 2.11 -0.64 10.24
N PHE B 136 3.12 -1.37 9.79
CA PHE B 136 4.51 -0.95 9.92
C PHE B 136 4.89 0.18 8.97
N TYR B 137 4.18 0.30 7.85
CA TYR B 137 4.40 1.41 6.92
C TYR B 137 4.02 2.69 7.65
N TYR B 138 2.96 2.58 8.43
CA TYR B 138 2.49 3.71 9.22
C TYR B 138 3.41 3.92 10.42
N LEU B 139 3.64 2.88 11.20
CA LEU B 139 4.46 3.01 12.41
C LEU B 139 5.93 3.32 12.16
N GLY B 140 6.47 2.73 11.11
CA GLY B 140 7.89 2.88 10.83
C GLY B 140 8.31 4.06 9.98
N THR B 141 9.62 4.31 9.99
CA THR B 141 10.23 5.35 9.19
C THR B 141 11.04 4.67 8.07
N ASN B 142 10.86 5.11 6.83
CA ASN B 142 11.59 4.50 5.71
C ASN B 142 13.10 4.49 5.97
N ALA B 143 13.73 3.35 5.70
CA ALA B 143 15.16 3.22 5.92
C ALA B 143 15.86 2.85 4.62
N THR B 144 16.87 3.61 4.29
CA THR B 144 17.63 3.42 3.07
C THR B 144 18.60 2.25 3.21
N ASP B 145 19.22 2.17 4.38
CA ASP B 145 20.19 1.15 4.75
C ASP B 145 21.09 0.73 3.58
N THR B 146 21.86 1.68 3.07
CA THR B 146 22.70 1.47 1.90
C THR B 146 23.59 0.21 1.98
N THR B 147 24.15 -0.03 3.16
CA THR B 147 25.07 -1.17 3.30
C THR B 147 24.33 -2.45 3.64
N HIS B 148 23.02 -2.36 3.84
CA HIS B 148 22.26 -3.57 4.17
C HIS B 148 22.63 -4.16 5.53
N THR B 149 23.11 -3.32 6.46
CA THR B 149 23.39 -3.81 7.79
C THR B 149 22.06 -4.32 8.35
N PRO B 150 22.12 -5.40 9.12
CA PRO B 150 20.92 -6.04 9.67
C PRO B 150 20.01 -5.06 10.40
N TYR B 151 20.57 -4.17 11.21
CA TYR B 151 19.80 -3.11 11.87
C TYR B 151 20.71 -1.92 12.17
N ILE B 152 20.12 -0.74 12.35
CA ILE B 152 20.91 0.46 12.54
C ILE B 152 21.53 0.54 13.93
N PRO B 153 22.86 0.67 13.99
CA PRO B 153 23.57 0.80 15.27
C PRO B 153 23.42 2.21 15.86
N THR B 168 -5.30 7.31 18.07
CA THR B 168 -4.19 6.48 17.62
C THR B 168 -4.62 5.04 17.96
N ILE B 169 -5.73 4.98 18.68
CA ILE B 169 -6.40 3.76 19.08
C ILE B 169 -7.40 3.34 17.98
N SER B 170 -7.93 4.36 17.31
CA SER B 170 -8.86 4.19 16.19
C SER B 170 -8.09 3.73 14.98
N THR B 171 -6.92 4.32 14.79
CA THR B 171 -6.09 3.96 13.67
C THR B 171 -5.47 2.58 13.87
N LEU B 172 -5.15 2.24 15.11
CA LEU B 172 -4.54 0.94 15.38
C LEU B 172 -5.57 -0.16 15.23
N GLN B 173 -6.77 0.11 15.72
CA GLN B 173 -7.85 -0.87 15.61
C GLN B 173 -8.12 -1.15 14.15
N SER B 174 -8.04 -0.11 13.31
CA SER B 174 -8.25 -0.24 11.88
C SER B 174 -7.17 -1.11 11.23
N PHE B 175 -5.98 -1.16 11.85
CA PHE B 175 -4.93 -2.06 11.39
C PHE B 175 -5.03 -3.41 12.12
N ASP B 176 -6.15 -3.65 12.80
CA ASP B 176 -6.37 -4.92 13.48
C ASP B 176 -5.39 -5.07 14.64
N VAL B 177 -5.16 -3.96 15.33
CA VAL B 177 -4.32 -3.97 16.51
C VAL B 177 -5.15 -3.39 17.64
N TYR B 178 -5.57 -4.26 18.55
CA TYR B 178 -6.45 -3.91 19.66
C TYR B 178 -5.68 -3.94 20.95
N ALA B 179 -5.28 -2.78 21.44
CA ALA B 179 -4.46 -2.73 22.66
C ALA B 179 -5.13 -3.43 23.83
N GLU B 180 -4.30 -3.94 24.73
CA GLU B 180 -4.75 -4.56 25.96
C GLU B 180 -3.92 -3.91 27.07
N LEU B 181 -4.29 -2.69 27.43
CA LEU B 181 -3.56 -1.87 28.39
C LEU B 181 -3.39 -2.48 29.79
N SER B 182 -4.34 -3.31 30.22
CA SER B 182 -4.27 -3.92 31.54
C SER B 182 -3.39 -5.19 31.60
N PHE B 183 -2.90 -5.65 30.45
CA PHE B 183 -2.08 -6.85 30.41
C PHE B 183 -0.77 -6.59 31.13
N THR B 184 -0.38 -7.51 32.00
CA THR B 184 0.86 -7.39 32.73
C THR B 184 1.70 -8.63 32.41
N PRO B 185 2.71 -8.48 31.57
CA PRO B 185 3.59 -9.61 31.22
C PRO B 185 4.10 -10.19 32.52
N ARG B 186 4.02 -11.52 32.69
CA ARG B 186 4.44 -12.13 33.94
C ARG B 186 5.95 -11.97 34.17
N THR B 187 6.34 -11.94 35.43
CA THR B 187 7.70 -11.64 35.81
C THR B 187 8.34 -12.73 36.64
N ASP B 188 7.93 -13.98 36.43
CA ASP B 188 8.44 -15.09 37.21
C ASP B 188 9.12 -16.10 36.31
N THR B 189 9.67 -15.59 35.21
CA THR B 189 10.37 -16.41 34.25
C THR B 189 11.57 -17.09 34.89
N VAL B 190 11.74 -18.38 34.61
CA VAL B 190 12.88 -19.13 35.09
C VAL B 190 13.31 -20.12 34.01
N ASN B 191 14.61 -20.23 33.76
CA ASN B 191 15.08 -21.12 32.71
C ASN B 191 14.30 -20.85 31.42
N GLY B 192 13.92 -19.58 31.23
CA GLY B 192 13.30 -19.13 30.00
C GLY B 192 11.85 -19.52 29.82
N THR B 193 11.16 -19.74 30.95
CA THR B 193 9.77 -20.07 30.87
C THR B 193 8.99 -19.81 32.15
N ALA B 194 7.68 -19.68 31.98
CA ALA B 194 6.73 -19.52 33.09
C ALA B 194 5.35 -19.74 32.48
N PRO B 195 4.40 -20.23 33.28
CA PRO B 195 4.63 -20.61 34.67
C PRO B 195 5.51 -21.86 34.76
N ALA B 196 5.64 -22.37 35.99
CA ALA B 196 6.50 -23.52 36.31
C ALA B 196 6.10 -24.85 35.68
N ASN B 197 4.81 -25.19 35.70
CA ASN B 197 4.40 -26.46 35.08
C ASN B 197 4.40 -26.40 33.56
N THR B 198 5.50 -25.95 32.96
CA THR B 198 5.61 -25.90 31.51
C THR B 198 6.83 -26.66 30.98
N VAL B 199 6.80 -27.00 29.69
CA VAL B 199 7.91 -27.70 29.07
C VAL B 199 8.56 -26.85 28.00
N TRP B 200 9.81 -26.50 28.22
CA TRP B 200 10.55 -25.63 27.31
C TRP B 200 12.03 -26.02 27.19
N HIS B 201 12.36 -26.71 26.11
CA HIS B 201 13.69 -27.25 25.84
C HIS B 201 14.06 -28.40 26.78
N THR B 202 13.08 -28.96 27.47
CA THR B 202 13.35 -30.06 28.40
C THR B 202 12.43 -31.21 28.10
N GLY B 203 11.73 -31.15 26.98
CA GLY B 203 10.81 -32.22 26.62
C GLY B 203 9.97 -31.88 25.42
N ALA B 204 9.16 -32.85 25.02
CA ALA B 204 8.30 -32.73 23.85
C ALA B 204 7.29 -31.57 23.95
N ASN B 205 7.08 -30.90 22.83
CA ASN B 205 6.05 -29.87 22.72
C ASN B 205 5.03 -30.34 21.71
N ALA B 206 3.77 -30.38 22.10
CA ALA B 206 2.73 -30.71 21.14
C ALA B 206 2.08 -29.43 20.58
N LEU B 207 1.58 -29.52 19.35
CA LEU B 207 0.79 -28.44 18.78
C LEU B 207 -0.48 -28.37 19.62
N ALA B 208 -1.02 -27.17 19.85
CA ALA B 208 -2.25 -27.05 20.63
C ALA B 208 -3.38 -27.68 19.86
N SER B 209 -4.21 -28.46 20.56
CA SER B 209 -5.36 -29.08 19.91
C SER B 209 -6.57 -28.19 20.00
N THR B 210 -6.53 -27.19 20.88
CA THR B 210 -7.65 -26.26 21.01
C THR B 210 -7.36 -25.00 20.20
N ALA B 211 -8.24 -24.69 19.26
CA ALA B 211 -8.06 -23.49 18.43
C ALA B 211 -8.09 -22.24 19.30
N GLY B 212 -7.31 -21.23 18.92
CA GLY B 212 -7.31 -19.99 19.67
C GLY B 212 -6.33 -20.01 20.83
N ASP B 213 -5.80 -21.19 21.14
CA ASP B 213 -4.80 -21.29 22.18
C ASP B 213 -3.42 -21.09 21.60
N PRO B 214 -2.60 -20.30 22.27
CA PRO B 214 -1.23 -20.10 21.85
C PRO B 214 -0.42 -21.35 22.18
N TYR B 215 0.66 -21.56 21.45
CA TYR B 215 1.55 -22.66 21.77
C TYR B 215 2.97 -22.32 21.35
N PHE B 216 3.91 -23.10 21.88
CA PHE B 216 5.33 -22.89 21.63
C PHE B 216 6.05 -24.19 21.37
N ILE B 217 6.92 -24.18 20.38
CA ILE B 217 7.68 -25.36 20.01
C ILE B 217 9.16 -25.03 19.99
N ALA B 218 9.88 -25.68 20.93
CA ALA B 218 11.32 -25.50 21.05
C ALA B 218 11.98 -26.27 19.94
N ASN B 219 13.07 -25.69 19.43
CA ASN B 219 13.78 -26.28 18.30
C ASN B 219 14.03 -27.77 18.42
N GLY B 220 13.34 -28.56 17.62
CA GLY B 220 13.57 -30.00 17.57
C GLY B 220 12.76 -30.86 18.52
N TRP B 221 11.87 -30.24 19.27
CA TRP B 221 11.15 -30.93 20.33
C TRP B 221 9.69 -31.15 19.95
N GLY B 222 9.29 -30.69 18.77
CA GLY B 222 7.92 -30.86 18.33
C GLY B 222 7.77 -32.13 17.54
N PRO B 223 6.57 -32.41 17.04
CA PRO B 223 6.33 -33.61 16.24
C PRO B 223 7.04 -33.50 14.90
N LYS B 224 7.48 -34.64 14.38
CA LYS B 224 8.21 -34.70 13.13
C LYS B 224 7.74 -35.88 12.30
N TYR B 225 7.85 -35.73 10.99
CA TYR B 225 7.53 -36.81 10.06
C TYR B 225 8.67 -36.94 9.09
N LEU B 226 9.04 -38.19 8.83
CA LEU B 226 10.10 -38.51 7.88
C LEU B 226 9.46 -38.97 6.57
N ASN B 227 9.78 -38.27 5.49
CA ASN B 227 9.36 -38.64 4.16
C ASN B 227 10.57 -39.17 3.38
N SER B 228 10.42 -40.35 2.77
CA SER B 228 11.51 -40.97 2.02
C SER B 228 11.26 -41.06 0.53
N GLN B 229 10.32 -40.28 0.01
CA GLN B 229 9.97 -40.42 -1.40
C GLN B 229 11.04 -39.91 -2.36
N TYR B 230 11.70 -38.84 -1.98
CA TYR B 230 12.66 -38.14 -2.83
C TYR B 230 13.85 -37.79 -1.97
N GLY B 231 14.58 -38.82 -1.55
CA GLY B 231 15.61 -38.68 -0.55
C GLY B 231 14.86 -38.57 0.78
N TYR B 232 15.57 -38.13 1.81
CA TYR B 232 14.98 -37.93 3.11
C TYR B 232 14.60 -36.49 3.38
N GLN B 233 13.37 -36.29 3.85
CA GLN B 233 12.94 -34.98 4.25
C GLN B 233 12.20 -35.13 5.55
N ILE B 234 12.50 -34.24 6.50
CA ILE B 234 11.79 -34.26 7.76
C ILE B 234 10.97 -33.03 7.93
N VAL B 235 9.67 -33.21 8.07
CA VAL B 235 8.79 -32.08 8.29
C VAL B 235 8.47 -32.00 9.78
N ALA B 236 8.62 -30.82 10.34
CA ALA B 236 8.25 -30.55 11.73
C ALA B 236 7.13 -29.51 11.63
N PRO B 237 5.88 -29.95 11.69
CA PRO B 237 4.73 -29.04 11.60
C PRO B 237 4.69 -28.05 12.73
N PHE B 238 4.43 -26.79 12.39
CA PHE B 238 4.25 -25.73 13.39
C PHE B 238 2.77 -25.37 13.43
N VAL B 239 2.12 -25.33 12.28
CA VAL B 239 0.68 -25.02 12.20
C VAL B 239 -0.01 -25.93 11.19
N THR B 240 -1.13 -26.53 11.60
CA THR B 240 -1.93 -27.39 10.74
C THR B 240 -3.38 -26.89 10.69
N ALA B 241 -4.23 -27.62 9.98
CA ALA B 241 -5.63 -27.25 9.80
C ALA B 241 -6.29 -27.10 11.15
N THR B 242 -6.00 -28.04 12.04
CA THR B 242 -6.49 -27.97 13.39
C THR B 242 -6.36 -26.55 13.97
N GLN B 243 -5.16 -25.99 13.89
CA GLN B 243 -4.90 -24.68 14.48
C GLN B 243 -5.25 -23.51 13.57
N ALA B 244 -5.08 -23.68 12.27
CA ALA B 244 -5.34 -22.58 11.34
C ALA B 244 -6.84 -22.33 11.09
N GLN B 245 -7.63 -23.39 11.13
CA GLN B 245 -9.04 -23.28 10.85
C GLN B 245 -9.21 -22.48 9.57
N ASP B 246 -10.06 -21.45 9.65
CA ASP B 246 -10.40 -20.69 8.47
C ASP B 246 -9.27 -19.84 7.91
N THR B 247 -8.19 -19.63 8.67
CA THR B 247 -7.08 -18.87 8.12
C THR B 247 -6.41 -19.68 7.01
N ASN B 248 -6.70 -20.97 6.97
CA ASN B 248 -6.40 -21.80 5.80
C ASN B 248 -4.95 -21.81 5.31
N TYR B 249 -4.02 -22.24 6.16
CA TYR B 249 -2.62 -22.30 5.78
C TYR B 249 -1.86 -23.32 6.60
N THR B 250 -0.64 -23.64 6.16
CA THR B 250 0.27 -24.47 6.93
C THR B 250 1.63 -23.79 7.12
N LEU B 251 2.35 -24.23 8.14
CA LEU B 251 3.63 -23.65 8.46
C LEU B 251 4.44 -24.73 9.11
N SER B 252 5.73 -24.76 8.83
CA SER B 252 6.57 -25.78 9.40
C SER B 252 8.00 -25.62 8.92
N THR B 253 8.90 -26.47 9.42
CA THR B 253 10.22 -26.53 8.80
C THR B 253 10.31 -27.84 8.02
N ILE B 254 11.08 -27.79 6.96
CA ILE B 254 11.38 -28.99 6.20
C ILE B 254 12.88 -29.12 6.19
N SER B 255 13.39 -30.25 6.68
CA SER B 255 14.80 -30.50 6.62
C SER B 255 15.00 -31.49 5.47
N MET B 256 16.13 -31.41 4.80
CA MET B 256 16.35 -32.18 3.57
C MET B 256 17.74 -32.79 3.50
N SER B 257 17.79 -33.99 2.93
CA SER B 257 19.05 -34.65 2.62
C SER B 257 19.30 -34.29 1.17
N THR B 258 20.42 -34.75 0.61
CA THR B 258 20.66 -34.59 -0.82
C THR B 258 19.80 -35.64 -1.52
N THR B 259 19.69 -35.51 -2.84
CA THR B 259 18.88 -36.42 -3.65
C THR B 259 19.76 -37.55 -4.17
N PRO B 260 19.51 -38.79 -3.74
CA PRO B 260 20.41 -39.90 -4.02
C PRO B 260 20.27 -40.60 -5.38
N SER B 261 21.15 -41.56 -5.60
CA SER B 261 21.22 -42.30 -6.88
C SER B 261 19.89 -42.93 -7.27
N THR B 262 19.55 -42.78 -8.54
CA THR B 262 18.31 -43.22 -9.19
C THR B 262 17.13 -42.28 -8.95
N VAL B 263 17.22 -41.40 -7.96
CA VAL B 263 16.10 -40.51 -7.67
C VAL B 263 16.20 -39.21 -8.46
N THR B 264 15.11 -38.77 -9.05
CA THR B 264 15.08 -37.49 -9.76
C THR B 264 14.36 -36.42 -8.90
N VAL B 265 14.87 -35.20 -8.90
CA VAL B 265 14.24 -34.14 -8.11
C VAL B 265 12.86 -33.98 -8.72
N PRO B 266 11.81 -34.13 -7.92
CA PRO B 266 10.45 -34.10 -8.41
C PRO B 266 9.96 -32.68 -8.67
N THR B 267 8.88 -32.58 -9.43
CA THR B 267 8.30 -31.29 -9.76
C THR B 267 7.00 -31.15 -9.00
N TRP B 268 6.78 -30.00 -8.38
CA TRP B 268 5.59 -29.77 -7.59
C TRP B 268 4.71 -28.65 -8.15
N SER B 269 3.44 -28.69 -7.80
CA SER B 269 2.51 -27.63 -8.10
C SER B 269 1.38 -27.73 -7.08
N PHE B 270 1.04 -26.60 -6.47
CA PHE B 270 -0.05 -26.54 -5.49
C PHE B 270 -0.91 -25.31 -5.74
N PRO B 271 -2.21 -25.40 -5.43
CA PRO B 271 -3.13 -24.30 -5.75
C PRO B 271 -2.84 -23.01 -4.97
N GLY B 272 -2.38 -23.12 -3.74
CA GLY B 272 -2.14 -21.92 -2.97
C GLY B 272 -0.68 -21.48 -3.03
N ALA B 273 -0.45 -20.18 -2.96
CA ALA B 273 0.91 -19.67 -2.88
C ALA B 273 1.68 -20.34 -1.74
N CYS B 274 3.01 -20.38 -1.87
CA CYS B 274 3.85 -20.89 -0.80
C CYS B 274 5.22 -20.19 -0.82
N ALA B 275 5.98 -20.38 0.25
CA ALA B 275 7.25 -19.72 0.34
C ALA B 275 8.10 -20.39 1.37
N PHE B 276 9.40 -20.14 1.28
CA PHE B 276 10.27 -20.64 2.34
C PHE B 276 11.46 -19.72 2.56
N GLN B 277 11.96 -19.72 3.79
CA GLN B 277 13.18 -19.03 4.13
C GLN B 277 14.17 -20.06 4.66
N VAL B 278 15.32 -20.17 4.00
CA VAL B 278 16.37 -21.08 4.44
C VAL B 278 16.87 -20.63 5.80
N GLN B 279 17.03 -21.59 6.70
CA GLN B 279 17.57 -21.34 8.02
C GLN B 279 19.00 -21.85 8.02
N GLU B 280 19.19 -23.05 7.48
CA GLU B 280 20.49 -23.67 7.43
C GLU B 280 20.72 -24.32 6.08
N GLY B 281 21.94 -24.29 5.59
CA GLY B 281 22.22 -25.04 4.40
C GLY B 281 22.14 -24.29 3.09
N ARG B 282 21.96 -25.07 2.04
CA ARG B 282 22.06 -24.56 0.68
C ARG B 282 21.02 -25.27 -0.17
N VAL B 283 20.04 -24.51 -0.63
CA VAL B 283 18.90 -25.08 -1.30
C VAL B 283 18.70 -24.45 -2.67
N VAL B 284 18.62 -25.28 -3.69
CA VAL B 284 18.38 -24.79 -5.02
C VAL B 284 16.89 -24.87 -5.33
N VAL B 285 16.39 -23.79 -5.92
CA VAL B 285 14.98 -23.72 -6.26
C VAL B 285 14.86 -23.31 -7.70
N GLN B 286 13.96 -23.95 -8.42
CA GLN B 286 13.72 -23.58 -9.80
C GLN B 286 12.22 -23.40 -9.89
N ILE B 287 11.81 -22.19 -10.28
CA ILE B 287 10.40 -21.86 -10.31
C ILE B 287 9.97 -21.41 -11.71
N GLY B 288 8.93 -22.04 -12.22
CA GLY B 288 8.41 -21.71 -13.53
C GLY B 288 9.47 -21.75 -14.60
N ASP B 289 9.53 -20.70 -15.40
CA ASP B 289 10.47 -20.60 -16.52
C ASP B 289 11.74 -19.87 -16.14
N TYR B 290 11.87 -19.54 -14.85
CA TYR B 290 13.05 -18.83 -14.37
C TYR B 290 14.27 -19.73 -14.19
N ALA B 291 15.43 -19.10 -14.21
CA ALA B 291 16.68 -19.82 -14.02
C ALA B 291 16.77 -20.24 -12.56
N ALA B 292 17.36 -21.42 -12.35
CA ALA B 292 17.53 -21.97 -11.02
C ALA B 292 18.45 -21.07 -10.19
N THR B 293 18.27 -21.10 -8.88
CA THR B 293 19.02 -20.26 -7.99
C THR B 293 19.28 -20.99 -6.70
N GLU B 294 20.50 -20.86 -6.19
CA GLU B 294 20.87 -21.44 -4.91
C GLU B 294 20.64 -20.40 -3.82
N LEU B 295 20.00 -20.83 -2.73
CA LEU B 295 19.72 -19.94 -1.60
C LEU B 295 20.52 -20.33 -0.37
N GLY B 296 20.91 -19.34 0.42
CA GLY B 296 21.65 -19.57 1.66
C GLY B 296 20.83 -19.04 2.82
N SER B 297 21.42 -18.97 4.01
CA SER B 297 20.66 -18.59 5.21
C SER B 297 19.93 -17.27 5.07
N GLY B 298 18.66 -17.31 5.43
CA GLY B 298 17.81 -16.13 5.46
C GLY B 298 17.21 -15.77 4.13
N ASP B 299 17.68 -16.42 3.06
CA ASP B 299 17.16 -16.16 1.74
C ASP B 299 15.72 -16.71 1.67
N VAL B 300 14.86 -16.03 0.92
CA VAL B 300 13.46 -16.39 0.79
C VAL B 300 13.07 -16.62 -0.65
N ALA B 301 12.28 -17.65 -0.88
CA ALA B 301 11.72 -17.95 -2.19
C ALA B 301 10.20 -17.93 -2.11
N PHE B 302 9.58 -17.37 -3.14
CA PHE B 302 8.13 -17.31 -3.17
C PHE B 302 7.62 -17.96 -4.45
N ILE B 303 6.63 -18.83 -4.29
CA ILE B 303 6.05 -19.55 -5.42
C ILE B 303 4.57 -19.31 -5.50
N PRO B 304 4.12 -18.58 -6.53
CA PRO B 304 2.68 -18.36 -6.72
C PRO B 304 1.92 -19.66 -6.81
N GLY B 305 0.68 -19.68 -6.32
CA GLY B 305 -0.15 -20.87 -6.44
C GLY B 305 -0.30 -21.26 -7.89
N GLY B 306 -0.19 -22.55 -8.19
CA GLY B 306 -0.36 -22.99 -9.55
C GLY B 306 0.86 -22.96 -10.46
N VAL B 307 2.01 -22.52 -9.94
CA VAL B 307 3.24 -22.48 -10.72
C VAL B 307 4.10 -23.67 -10.31
N GLU B 308 4.70 -24.33 -11.29
CA GLU B 308 5.54 -25.49 -11.04
C GLU B 308 6.89 -25.07 -10.50
N PHE B 309 7.41 -25.87 -9.58
CA PHE B 309 8.71 -25.63 -9.00
C PHE B 309 9.38 -26.93 -8.59
N LYS B 310 10.69 -26.87 -8.41
CA LYS B 310 11.49 -27.99 -7.93
C LYS B 310 12.42 -27.38 -6.92
N TYR B 311 12.79 -28.13 -5.90
CA TYR B 311 13.82 -27.68 -5.00
C TYR B 311 14.59 -28.91 -4.61
N TYR B 312 15.84 -28.70 -4.23
CA TYR B 312 16.64 -29.78 -3.69
C TYR B 312 17.75 -29.16 -2.86
N SER B 313 18.38 -29.98 -2.02
CA SER B 313 19.46 -29.50 -1.17
C SER B 313 20.83 -29.83 -1.79
N GLU B 314 21.67 -28.82 -1.99
CA GLU B 314 23.05 -29.05 -2.42
C GLU B 314 23.84 -29.37 -1.17
N ALA B 315 23.42 -28.83 -0.04
CA ALA B 315 24.13 -29.14 1.19
C ALA B 315 23.72 -30.54 1.66
N TYR B 316 24.60 -31.19 2.44
CA TYR B 316 24.29 -32.53 2.95
C TYR B 316 23.08 -32.51 3.88
N PHE B 317 22.82 -31.38 4.52
CA PHE B 317 21.61 -31.23 5.32
C PHE B 317 21.20 -29.79 5.24
N SER B 318 19.95 -29.53 4.91
CA SER B 318 19.45 -28.16 4.91
C SER B 318 18.16 -28.15 5.71
N LYS B 319 17.81 -27.00 6.28
CA LYS B 319 16.54 -26.81 6.99
C LYS B 319 15.89 -25.48 6.56
N VAL B 320 14.63 -25.51 6.11
CA VAL B 320 13.92 -24.27 5.77
C VAL B 320 12.65 -24.04 6.61
N LEU B 321 12.24 -22.77 6.68
CA LEU B 321 10.97 -22.39 7.30
C LEU B 321 9.98 -22.30 6.14
N PHE B 322 8.89 -23.04 6.23
CA PHE B 322 7.96 -23.14 5.12
C PHE B 322 6.53 -22.71 5.45
N VAL B 323 5.94 -21.92 4.56
CA VAL B 323 4.54 -21.49 4.71
C VAL B 323 3.80 -21.73 3.41
N SER B 324 2.56 -22.20 3.54
CA SER B 324 1.73 -22.47 2.38
C SER B 324 0.28 -22.05 2.65
N SER B 325 -0.32 -21.35 1.69
CA SER B 325 -1.73 -21.00 1.76
C SER B 325 -2.49 -22.23 1.25
N GLY B 326 -3.52 -22.61 1.97
CA GLY B 326 -4.28 -23.79 1.61
C GLY B 326 -4.04 -24.85 2.66
N SER B 327 -4.79 -25.94 2.59
CA SER B 327 -4.68 -26.96 3.63
C SER B 327 -3.84 -28.16 3.19
N ASP B 328 -3.41 -28.16 1.93
CA ASP B 328 -2.63 -29.30 1.42
C ASP B 328 -1.44 -28.96 0.56
N GLY B 329 -0.67 -27.94 0.94
CA GLY B 329 0.55 -27.63 0.23
C GLY B 329 1.67 -28.64 0.48
N LEU B 330 2.85 -28.33 -0.04
CA LEU B 330 4.02 -29.19 0.07
C LEU B 330 4.26 -29.92 1.41
N ASP B 331 4.25 -29.16 2.51
CA ASP B 331 4.56 -29.78 3.80
C ASP B 331 3.53 -30.87 4.21
N GLN B 332 2.25 -30.56 4.11
CA GLN B 332 1.22 -31.54 4.41
C GLN B 332 1.34 -32.71 3.47
N ASN B 333 1.76 -32.44 2.24
CA ASN B 333 1.90 -33.52 1.28
C ASN B 333 3.01 -34.49 1.70
N LEU B 334 4.12 -33.93 2.16
CA LEU B 334 5.24 -34.75 2.61
C LEU B 334 4.85 -35.54 3.87
N VAL B 335 4.11 -34.90 4.78
CA VAL B 335 3.63 -35.57 5.98
C VAL B 335 2.74 -36.76 5.61
N ASN B 336 1.72 -36.51 4.80
CA ASN B 336 0.81 -37.55 4.34
C ASN B 336 1.56 -38.69 3.65
N GLY B 337 2.65 -38.36 2.96
CA GLY B 337 3.41 -39.38 2.24
C GLY B 337 4.47 -40.02 3.11
N GLY B 338 4.62 -39.53 4.33
CA GLY B 338 5.64 -40.03 5.25
C GLY B 338 5.12 -40.77 6.47
N GLU B 339 5.96 -40.86 7.50
CA GLU B 339 5.60 -41.51 8.76
C GLU B 339 6.16 -40.73 9.93
N GLU B 340 5.48 -40.83 11.07
CA GLU B 340 5.95 -40.16 12.28
C GLU B 340 7.38 -40.59 12.54
N TRP B 341 8.21 -39.61 12.91
CA TRP B 341 9.64 -39.83 13.06
C TRP B 341 10.09 -39.13 14.33
N SER B 342 11.01 -39.74 15.08
CA SER B 342 11.44 -39.22 16.38
C SER B 342 12.79 -38.48 16.41
N SER B 343 13.34 -38.11 15.27
CA SER B 343 14.63 -37.45 15.29
C SER B 343 14.71 -36.28 14.36
N VAL B 344 15.61 -35.34 14.65
CA VAL B 344 15.89 -34.21 13.78
C VAL B 344 16.85 -34.69 12.70
N SER B 345 17.45 -35.85 12.90
CA SER B 345 18.31 -36.42 11.87
C SER B 345 17.61 -37.52 11.08
N PHE B 346 17.94 -37.65 9.79
CA PHE B 346 17.41 -38.75 8.97
C PHE B 346 18.30 -39.99 9.11
N PRO B 347 17.84 -41.15 8.65
CA PRO B 347 18.62 -42.39 8.75
C PRO B 347 19.95 -42.31 8.02
N ALA B 348 20.91 -43.11 8.48
CA ALA B 348 22.28 -43.13 7.95
C ALA B 348 22.41 -43.91 6.63
N ASP B 349 21.38 -44.67 6.26
CA ASP B 349 21.36 -45.48 5.04
C ASP B 349 20.14 -45.15 4.18
N TRP B 350 20.33 -45.14 2.86
CA TRP B 350 19.23 -44.85 1.94
C TRP B 350 18.13 -45.92 2.01
N SER C 3 -2.34 18.55 12.96
CA SER C 3 -1.49 19.12 11.88
C SER C 3 -2.35 20.00 11.00
N SER C 4 -2.91 19.37 9.98
CA SER C 4 -3.93 20.04 9.17
C SER C 4 -4.94 19.01 8.76
N LEU C 5 -6.21 19.36 8.90
CA LEU C 5 -7.27 18.53 8.38
C LEU C 5 -6.98 18.19 6.92
N ILE C 6 -6.43 19.15 6.19
CA ILE C 6 -6.21 18.95 4.76
C ILE C 6 -4.91 18.23 4.45
N VAL C 7 -5.00 17.25 3.55
CA VAL C 7 -3.86 16.45 3.11
C VAL C 7 -3.78 16.41 1.59
N GLU C 8 -2.58 16.13 1.08
CA GLU C 8 -2.30 16.17 -0.34
C GLU C 8 -2.39 14.76 -0.94
N ASP C 9 -2.17 13.74 -0.11
CA ASP C 9 -2.40 12.35 -0.48
C ASP C 9 -3.22 11.70 0.65
N ALA C 10 -3.94 10.63 0.36
CA ALA C 10 -4.70 9.98 1.43
C ALA C 10 -3.70 9.50 2.47
N PRO C 11 -3.97 9.68 3.76
CA PRO C 11 -3.02 9.25 4.79
C PRO C 11 -2.84 7.74 4.76
N ASP C 12 -1.77 7.28 5.39
CA ASP C 12 -1.44 5.86 5.43
C ASP C 12 -2.05 5.15 6.64
N HIS C 13 -3.05 5.79 7.24
CA HIS C 13 -3.76 5.24 8.39
C HIS C 13 -5.06 6.01 8.56
N VAL C 14 -5.98 5.47 9.35
CA VAL C 14 -7.27 6.10 9.60
C VAL C 14 -7.19 7.37 10.47
N ARG C 15 -7.75 8.48 9.97
CA ARG C 15 -7.79 9.75 10.67
C ARG C 15 -8.74 10.65 9.87
N PRO C 16 -9.37 11.63 10.50
CA PRO C 16 -10.21 12.56 9.75
C PRO C 16 -9.36 13.35 8.77
N TYR C 17 -9.86 13.54 7.58
CA TYR C 17 -9.14 14.37 6.64
C TYR C 17 -10.01 14.88 5.51
N VAL C 18 -9.52 15.93 4.88
CA VAL C 18 -10.12 16.46 3.67
C VAL C 18 -9.00 16.47 2.63
N ILE C 19 -9.33 16.05 1.42
CA ILE C 19 -8.39 16.11 0.33
C ILE C 19 -9.06 16.84 -0.83
N ARG C 20 -8.41 17.89 -1.32
CA ARG C 20 -8.96 18.72 -2.40
C ARG C 20 -8.95 18.03 -3.75
N HIS C 21 -9.90 18.45 -4.57
CA HIS C 21 -10.04 17.95 -5.93
C HIS C 21 -8.71 18.15 -6.68
N TYR C 22 -8.24 17.08 -7.33
CA TYR C 22 -6.99 17.09 -8.08
C TYR C 22 -5.72 17.16 -7.26
N SER C 23 -5.80 16.90 -5.96
CA SER C 23 -4.61 16.82 -5.15
C SER C 23 -3.79 15.67 -5.70
N HIS C 24 -2.49 15.63 -5.38
CA HIS C 24 -1.65 14.56 -5.91
C HIS C 24 -2.30 13.21 -5.73
N ALA C 25 -2.67 12.91 -4.48
CA ALA C 25 -3.40 11.68 -4.17
C ALA C 25 -2.78 10.38 -4.75
N ARG C 26 -1.49 10.18 -4.54
CA ARG C 26 -0.79 8.95 -4.97
C ARG C 26 -0.97 8.66 -6.46
N ALA C 27 -1.09 9.71 -7.25
CA ALA C 27 -1.44 9.58 -8.67
C ALA C 27 -0.65 8.61 -9.57
N VAL C 28 -1.38 7.94 -10.46
CA VAL C 28 -0.77 7.11 -11.49
C VAL C 28 -1.49 7.27 -12.82
N THR C 29 -0.77 7.01 -13.90
CA THR C 29 -1.41 6.99 -15.19
C THR C 29 -1.38 5.58 -15.74
N VAL C 30 -2.47 5.21 -16.39
CA VAL C 30 -2.53 3.97 -17.16
C VAL C 30 -2.86 4.47 -18.56
N ASP C 31 -1.87 4.50 -19.44
CA ASP C 31 -2.07 5.06 -20.78
C ASP C 31 -2.51 6.56 -20.68
N THR C 32 -3.68 6.94 -21.22
CA THR C 32 -4.13 8.35 -21.14
C THR C 32 -4.84 8.73 -19.83
N GLN C 33 -5.25 7.71 -19.09
CA GLN C 33 -6.03 7.90 -17.88
C GLN C 33 -5.16 8.26 -16.69
N LEU C 34 -5.66 9.15 -15.85
CA LEU C 34 -4.92 9.52 -14.64
C LEU C 34 -5.80 9.16 -13.45
N TYR C 35 -5.26 8.37 -12.53
CA TYR C 35 -6.01 7.89 -11.38
C TYR C 35 -5.56 8.54 -10.08
N ARG C 36 -6.52 9.02 -9.31
CA ARG C 36 -6.26 9.60 -8.00
C ARG C 36 -7.01 8.79 -6.94
N PHE C 37 -6.35 8.53 -5.83
CA PHE C 37 -6.92 7.72 -4.76
C PHE C 37 -7.19 8.60 -3.55
N TYR C 38 -8.37 9.17 -3.54
CA TYR C 38 -8.77 10.10 -2.50
C TYR C 38 -9.01 9.39 -1.19
N VAL C 39 -9.52 8.16 -1.27
CA VAL C 39 -9.69 7.31 -0.10
C VAL C 39 -9.17 5.92 -0.46
N THR C 40 -8.29 5.36 0.38
CA THR C 40 -7.67 4.06 0.11
C THR C 40 -7.99 3.05 1.19
N GLY C 41 -7.51 1.82 0.99
CA GLY C 41 -7.64 0.80 2.02
C GLY C 41 -7.06 1.29 3.34
N PRO C 42 -5.78 1.65 3.35
CA PRO C 42 -5.13 2.18 4.56
C PRO C 42 -5.77 3.46 5.11
N SER C 43 -6.20 4.40 4.27
CA SER C 43 -6.81 5.58 4.81
C SER C 43 -8.22 5.32 5.33
N SER C 44 -8.87 4.26 4.87
CA SER C 44 -10.24 4.02 5.31
C SER C 44 -10.43 2.82 6.21
N GLY C 45 -9.32 2.20 6.62
CA GLY C 45 -9.42 1.00 7.43
C GLY C 45 -10.03 -0.14 6.63
N TYR C 46 -9.75 -0.12 5.32
CA TYR C 46 -10.21 -1.16 4.38
C TYR C 46 -11.70 -1.12 4.08
N ALA C 47 -12.39 -0.08 4.54
CA ALA C 47 -13.84 0.02 4.32
C ALA C 47 -14.23 0.26 2.85
N PHE C 48 -13.49 1.13 2.17
CA PHE C 48 -13.82 1.42 0.77
C PHE C 48 -12.71 2.19 0.10
N THR C 49 -12.78 2.25 -1.22
CA THR C 49 -11.85 3.05 -1.97
C THR C 49 -12.70 4.10 -2.68
N LEU C 50 -12.25 5.35 -2.68
CA LEU C 50 -12.93 6.40 -3.45
C LEU C 50 -11.90 7.00 -4.36
N MET C 51 -12.04 6.77 -5.65
CA MET C 51 -11.07 7.29 -6.59
C MET C 51 -11.64 8.15 -7.68
N GLY C 52 -10.78 8.94 -8.30
CA GLY C 52 -11.20 9.73 -9.43
C GLY C 52 -10.37 9.31 -10.63
N THR C 53 -11.00 9.14 -11.78
CA THR C 53 -10.26 8.87 -12.99
C THR C 53 -10.53 10.00 -13.99
N ASN C 54 -9.50 10.75 -14.37
CA ASN C 54 -9.67 11.76 -15.43
C ASN C 54 -9.03 11.30 -16.75
N ALA C 55 -9.74 11.52 -17.85
CA ALA C 55 -9.23 11.02 -19.12
C ALA C 55 -9.84 11.76 -20.30
N PRO C 56 -9.12 11.76 -21.43
CA PRO C 56 -9.62 12.37 -22.68
C PRO C 56 -10.44 11.36 -23.50
N HIS C 57 -11.04 11.84 -24.58
CA HIS C 57 -11.80 10.99 -25.48
C HIS C 57 -10.95 9.84 -25.99
N SER C 58 -11.52 8.65 -26.04
CA SER C 58 -10.80 7.52 -26.62
C SER C 58 -11.68 6.77 -27.57
N ASP C 59 -11.11 6.31 -28.68
CA ASP C 59 -11.84 5.47 -29.61
C ASP C 59 -11.82 4.00 -29.18
N ALA C 60 -11.11 3.69 -28.11
CA ALA C 60 -11.05 2.30 -27.70
C ALA C 60 -11.54 2.13 -26.27
N LEU C 61 -11.81 0.88 -25.88
CA LEU C 61 -12.30 0.59 -24.54
C LEU C 61 -11.27 1.09 -23.55
N GLY C 62 -11.72 1.45 -22.35
CA GLY C 62 -10.82 1.99 -21.34
C GLY C 62 -10.18 0.87 -20.54
N VAL C 63 -10.77 -0.31 -20.63
CA VAL C 63 -10.30 -1.48 -19.90
C VAL C 63 -10.85 -2.71 -20.63
N LEU C 64 -10.22 -3.87 -20.47
CA LEU C 64 -10.75 -5.07 -21.08
C LEU C 64 -11.87 -5.58 -20.21
N PRO C 65 -12.91 -6.13 -20.82
CA PRO C 65 -14.05 -6.65 -20.04
C PRO C 65 -13.50 -7.55 -18.94
N HIS C 66 -14.10 -7.50 -17.76
CA HIS C 66 -13.62 -8.30 -16.65
C HIS C 66 -14.69 -8.35 -15.59
N ILE C 67 -14.40 -9.10 -14.54
CA ILE C 67 -15.31 -9.22 -13.42
C ILE C 67 -14.50 -9.04 -12.16
N HIS C 68 -15.15 -8.60 -11.08
CA HIS C 68 -14.57 -8.63 -9.74
C HIS C 68 -15.43 -9.60 -8.91
N GLN C 69 -14.81 -10.63 -8.36
CA GLN C 69 -15.58 -11.58 -7.56
C GLN C 69 -15.83 -11.06 -6.15
N LYS C 70 -14.96 -10.17 -5.67
CA LYS C 70 -15.09 -9.74 -4.29
C LYS C 70 -15.27 -8.24 -4.10
N HIS C 71 -15.24 -7.49 -5.18
CA HIS C 71 -15.41 -6.05 -5.07
C HIS C 71 -16.68 -5.57 -5.77
N TYR C 72 -17.41 -4.70 -5.09
CA TYR C 72 -18.58 -4.09 -5.64
C TYR C 72 -18.11 -2.75 -6.18
N GLU C 73 -18.33 -2.54 -7.47
CA GLU C 73 -17.85 -1.34 -8.13
C GLU C 73 -18.96 -0.35 -8.35
N ASN C 74 -18.67 0.94 -8.27
CA ASN C 74 -19.68 1.97 -8.50
C ASN C 74 -19.11 3.07 -9.41
N PHE C 75 -19.87 3.46 -10.42
CA PHE C 75 -19.36 4.46 -11.34
C PHE C 75 -20.24 5.70 -11.30
N TYR C 76 -19.64 6.84 -10.96
CA TYR C 76 -20.38 8.10 -10.91
C TYR C 76 -19.67 9.09 -11.84
N CYS C 77 -20.43 9.74 -12.71
CA CYS C 77 -19.83 10.71 -13.63
C CYS C 77 -19.82 12.12 -13.05
N ASN C 78 -18.65 12.57 -12.61
CA ASN C 78 -18.47 13.94 -12.09
C ASN C 78 -18.68 14.90 -13.23
N LYS C 79 -18.13 14.57 -14.40
CA LYS C 79 -18.26 15.45 -15.56
C LYS C 79 -17.86 14.77 -16.87
N GLY C 80 -18.16 15.40 -17.99
CA GLY C 80 -17.91 14.82 -19.29
C GLY C 80 -18.82 13.63 -19.53
N SER C 81 -18.31 12.58 -20.16
CA SER C 81 -19.14 11.42 -20.42
C SER C 81 -18.37 10.16 -20.75
N PHE C 82 -18.93 9.04 -20.33
CA PHE C 82 -18.36 7.75 -20.65
C PHE C 82 -19.44 6.71 -20.72
N GLN C 83 -19.25 5.77 -21.65
CA GLN C 83 -20.15 4.65 -21.80
C GLN C 83 -19.72 3.50 -20.90
N LEU C 84 -20.69 2.85 -20.29
CA LEU C 84 -20.45 1.75 -19.41
C LEU C 84 -21.27 0.57 -19.91
N TRP C 85 -20.67 -0.62 -19.94
CA TRP C 85 -21.38 -1.84 -20.33
C TRP C 85 -21.38 -2.80 -19.15
N ALA C 86 -22.46 -3.55 -18.96
CA ALA C 86 -22.55 -4.44 -17.83
C ALA C 86 -23.51 -5.58 -18.09
N GLN C 87 -23.17 -6.76 -17.59
CA GLN C 87 -24.03 -7.93 -17.75
C GLN C 87 -23.83 -8.92 -16.62
N SER C 88 -24.94 -9.32 -16.02
CA SER C 88 -24.90 -10.34 -15.00
C SER C 88 -25.26 -11.64 -15.69
N GLY C 89 -24.58 -12.72 -15.33
CA GLY C 89 -24.90 -14.04 -15.86
C GLY C 89 -25.43 -14.05 -17.28
N ASN C 90 -26.60 -14.68 -17.47
CA ASN C 90 -27.22 -14.76 -18.79
C ASN C 90 -28.32 -13.71 -18.99
N GLU C 91 -28.29 -12.67 -18.18
CA GLU C 91 -29.23 -11.58 -18.32
C GLU C 91 -28.80 -10.74 -19.52
N THR C 92 -29.72 -9.94 -20.03
CA THR C 92 -29.43 -9.07 -21.15
C THR C 92 -28.28 -8.12 -20.86
N GLN C 93 -27.37 -7.99 -21.83
CA GLN C 93 -26.28 -7.05 -21.69
C GLN C 93 -26.83 -5.64 -21.67
N GLN C 94 -26.45 -4.85 -20.67
CA GLN C 94 -26.93 -3.48 -20.56
C GLN C 94 -25.81 -2.47 -20.81
N THR C 95 -26.16 -1.32 -21.41
CA THR C 95 -25.19 -0.25 -21.60
C THR C 95 -25.82 1.15 -21.58
N ARG C 96 -25.12 2.12 -20.97
CA ARG C 96 -25.57 3.50 -20.91
C ARG C 96 -24.39 4.43 -21.07
N VAL C 97 -24.66 5.59 -21.68
CA VAL C 97 -23.65 6.64 -21.74
C VAL C 97 -23.97 7.55 -20.56
N LEU C 98 -23.08 7.60 -19.60
CA LEU C 98 -23.31 8.42 -18.43
C LEU C 98 -22.76 9.79 -18.65
N SER C 99 -23.57 10.80 -18.33
CA SER C 99 -23.12 12.19 -18.40
C SER C 99 -23.12 12.75 -16.96
N SER C 100 -22.85 14.04 -16.83
CA SER C 100 -22.63 14.60 -15.50
C SER C 100 -23.71 14.22 -14.49
N GLY C 101 -23.30 13.62 -13.38
CA GLY C 101 -24.25 13.27 -12.34
C GLY C 101 -24.91 11.92 -12.47
N ASP C 102 -24.62 11.20 -13.55
CA ASP C 102 -25.16 9.86 -13.72
C ASP C 102 -24.39 8.79 -12.90
N TYR C 103 -25.07 7.67 -12.66
CA TYR C 103 -24.55 6.60 -11.84
C TYR C 103 -24.74 5.21 -12.47
N GLY C 104 -23.74 4.35 -12.27
CA GLY C 104 -23.76 3.00 -12.77
C GLY C 104 -23.35 2.04 -11.67
N SER C 105 -24.23 1.08 -11.36
CA SER C 105 -23.95 0.15 -10.27
C SER C 105 -23.43 -1.16 -10.83
N VAL C 106 -22.28 -1.61 -10.31
CA VAL C 106 -21.66 -2.87 -10.79
C VAL C 106 -21.32 -3.87 -9.66
N PRO C 107 -22.31 -4.65 -9.27
CA PRO C 107 -22.15 -5.67 -8.23
C PRO C 107 -21.13 -6.72 -8.61
N ARG C 108 -20.71 -7.48 -7.60
CA ARG C 108 -19.76 -8.57 -7.78
C ARG C 108 -20.26 -9.52 -8.87
N ASN C 109 -19.32 -10.11 -9.60
CA ASN C 109 -19.62 -11.08 -10.65
C ASN C 109 -20.31 -10.47 -11.88
N VAL C 110 -20.20 -9.16 -12.04
CA VAL C 110 -20.80 -8.50 -13.18
C VAL C 110 -19.73 -8.09 -14.17
N THR C 111 -19.80 -8.68 -15.36
CA THR C 111 -18.87 -8.37 -16.43
C THR C 111 -19.08 -6.93 -16.82
N HIS C 112 -18.00 -6.18 -17.02
CA HIS C 112 -18.15 -4.79 -17.39
C HIS C 112 -16.92 -4.23 -18.08
N THR C 113 -17.10 -3.05 -18.67
CA THR C 113 -16.03 -2.27 -19.27
C THR C 113 -16.60 -0.87 -19.52
N PHE C 114 -15.75 0.05 -19.93
CA PHE C 114 -16.19 1.42 -20.21
C PHE C 114 -15.37 2.02 -21.32
N GLN C 115 -15.80 3.19 -21.77
CA GLN C 115 -15.12 3.92 -22.83
C GLN C 115 -15.39 5.40 -22.63
N ILE C 116 -14.31 6.19 -22.66
CA ILE C 116 -14.40 7.62 -22.43
C ILE C 116 -14.81 8.39 -23.68
N GLN C 117 -15.89 9.15 -23.58
CA GLN C 117 -16.43 9.90 -24.74
C GLN C 117 -15.99 11.35 -24.80
N ASP C 118 -16.29 12.15 -23.78
CA ASP C 118 -15.97 13.58 -23.81
C ASP C 118 -14.52 13.90 -23.41
N PRO C 119 -13.97 14.99 -23.96
CA PRO C 119 -12.59 15.39 -23.68
C PRO C 119 -12.31 15.64 -22.20
N ASP C 120 -13.24 16.22 -21.47
CA ASP C 120 -13.02 16.53 -20.05
C ASP C 120 -13.86 15.61 -19.18
N THR C 121 -13.50 14.33 -19.16
CA THR C 121 -14.33 13.38 -18.47
C THR C 121 -13.73 12.97 -17.16
N GLU C 122 -14.57 12.89 -16.15
CA GLU C 122 -14.11 12.47 -14.85
C GLU C 122 -15.06 11.41 -14.30
N MET C 123 -14.49 10.30 -13.86
CA MET C 123 -15.29 9.25 -13.25
C MET C 123 -14.89 9.12 -11.79
N THR C 124 -15.86 9.24 -10.90
CA THR C 124 -15.59 8.97 -9.50
C THR C 124 -15.97 7.53 -9.25
N GLY C 125 -15.00 6.74 -8.79
CA GLY C 125 -15.24 5.34 -8.52
C GLY C 125 -15.32 5.10 -7.02
N VAL C 126 -16.25 4.24 -6.62
CA VAL C 126 -16.37 3.87 -5.22
C VAL C 126 -16.36 2.36 -5.19
N ILE C 127 -15.35 1.81 -4.54
CA ILE C 127 -15.21 0.36 -4.48
C ILE C 127 -15.23 -0.15 -3.06
N VAL C 128 -15.99 -1.22 -2.84
CA VAL C 128 -16.15 -1.81 -1.51
C VAL C 128 -15.88 -3.31 -1.66
N PRO C 129 -15.01 -3.86 -0.84
CA PRO C 129 -14.33 -3.10 0.22
C PRO C 129 -13.07 -2.43 -0.31
N GLY C 130 -12.42 -1.65 0.56
CA GLY C 130 -11.24 -0.89 0.17
C GLY C 130 -9.98 -1.70 0.01
N GLY C 131 -9.03 -1.14 -0.73
CA GLY C 131 -7.73 -1.75 -0.98
C GLY C 131 -7.53 -2.18 -2.42
N PHE C 132 -8.58 -2.07 -3.21
CA PHE C 132 -8.54 -2.50 -4.61
C PHE C 132 -7.51 -1.68 -5.42
N GLU C 133 -7.21 -0.47 -4.97
CA GLU C 133 -6.23 0.38 -5.64
C GLU C 133 -4.84 -0.22 -5.86
N ASP C 134 -4.49 -1.25 -5.09
CA ASP C 134 -3.21 -1.94 -5.28
C ASP C 134 -3.04 -2.35 -6.76
N LEU C 135 -4.14 -2.76 -7.36
CA LEU C 135 -4.14 -3.11 -8.77
C LEU C 135 -3.54 -1.97 -9.61
N PHE C 136 -3.97 -0.75 -9.32
CA PHE C 136 -3.53 0.44 -10.06
C PHE C 136 -2.09 0.84 -9.77
N TYR C 137 -1.58 0.44 -8.61
CA TYR C 137 -0.19 0.69 -8.25
C TYR C 137 0.67 -0.19 -9.13
N TYR C 138 0.14 -1.34 -9.47
CA TYR C 138 0.87 -2.27 -10.33
C TYR C 138 0.74 -1.89 -11.79
N LEU C 139 -0.51 -1.69 -12.22
CA LEU C 139 -0.76 -1.36 -13.61
C LEU C 139 -0.28 0.02 -13.97
N GLY C 140 -0.36 0.96 -13.03
CA GLY C 140 -0.04 2.33 -13.34
C GLY C 140 1.41 2.76 -13.16
N THR C 141 1.72 3.92 -13.73
CA THR C 141 3.02 4.54 -13.58
C THR C 141 2.84 5.78 -12.72
N ASN C 142 3.64 5.88 -11.65
CA ASN C 142 3.59 7.02 -10.75
C ASN C 142 3.65 8.29 -11.55
N ALA C 143 2.82 9.27 -11.17
CA ALA C 143 2.81 10.55 -11.84
C ALA C 143 3.04 11.67 -10.84
N THR C 144 4.04 12.49 -11.13
CA THR C 144 4.36 13.62 -10.27
C THR C 144 3.29 14.72 -10.44
N ASP C 145 2.80 14.89 -11.67
CA ASP C 145 1.79 15.92 -11.99
C ASP C 145 2.00 17.21 -11.20
N THR C 146 3.11 17.87 -11.45
CA THR C 146 3.46 19.03 -10.66
C THR C 146 2.38 20.10 -10.67
N THR C 147 1.73 20.33 -11.81
CA THR C 147 0.72 21.37 -11.86
C THR C 147 -0.68 20.93 -11.44
N HIS C 148 -0.83 19.68 -11.03
CA HIS C 148 -2.14 19.15 -10.68
C HIS C 148 -3.15 19.20 -11.85
N THR C 149 -2.66 19.21 -13.08
CA THR C 149 -3.58 19.16 -14.21
C THR C 149 -4.42 17.89 -14.09
N PRO C 150 -5.71 18.00 -14.39
CA PRO C 150 -6.62 16.86 -14.29
C PRO C 150 -6.06 15.60 -14.94
N TYR C 151 -5.61 15.67 -16.18
CA TYR C 151 -4.90 14.53 -16.77
C TYR C 151 -3.79 15.05 -17.70
N ILE C 152 -2.84 14.19 -18.06
CA ILE C 152 -1.71 14.64 -18.86
C ILE C 152 -2.15 14.82 -20.30
N PRO C 153 -2.03 16.04 -20.82
CA PRO C 153 -2.41 16.34 -22.20
C PRO C 153 -1.61 15.51 -23.21
N SER C 154 -2.23 15.06 -24.31
CA SER C 154 -1.49 14.30 -25.36
C SER C 154 -0.43 15.16 -26.05
N SER C 170 -2.23 -10.65 -16.60
CA SER C 170 -1.62 -11.96 -16.43
C SER C 170 -1.95 -12.51 -15.05
N THR C 171 -1.54 -11.72 -14.04
CA THR C 171 -1.68 -12.01 -12.61
C THR C 171 -2.74 -11.10 -12.05
N LEU C 172 -3.78 -10.90 -12.82
CA LEU C 172 -4.78 -9.98 -12.39
C LEU C 172 -5.78 -10.61 -11.43
N GLN C 173 -5.88 -11.94 -11.46
CA GLN C 173 -6.83 -12.64 -10.60
C GLN C 173 -6.55 -12.42 -9.10
N SER C 174 -5.27 -12.32 -8.74
CA SER C 174 -4.88 -12.09 -7.35
C SER C 174 -5.33 -10.70 -6.90
N PHE C 175 -5.49 -9.79 -7.83
CA PHE C 175 -6.01 -8.45 -7.53
C PHE C 175 -7.53 -8.43 -7.64
N ASP C 176 -8.14 -9.59 -7.82
CA ASP C 176 -9.59 -9.72 -7.98
C ASP C 176 -10.07 -9.20 -9.32
N VAL C 177 -9.30 -9.47 -10.36
CA VAL C 177 -9.65 -9.04 -11.70
C VAL C 177 -9.63 -10.27 -12.59
N TYR C 178 -10.81 -10.68 -13.06
CA TYR C 178 -10.96 -11.87 -13.88
C TYR C 178 -11.44 -11.52 -15.28
N ALA C 179 -10.56 -11.70 -16.25
CA ALA C 179 -10.86 -11.39 -17.63
C ALA C 179 -12.07 -12.17 -18.14
N GLU C 180 -12.76 -11.55 -19.09
CA GLU C 180 -13.86 -12.19 -19.79
C GLU C 180 -13.63 -11.87 -21.27
N LEU C 181 -12.70 -12.58 -21.88
CA LEU C 181 -12.28 -12.32 -23.24
C LEU C 181 -13.33 -12.55 -24.32
N SER C 182 -14.35 -13.32 -24.00
CA SER C 182 -15.40 -13.63 -24.97
C SER C 182 -16.54 -12.59 -24.94
N PHE C 183 -16.44 -11.64 -24.01
CA PHE C 183 -17.46 -10.63 -23.85
C PHE C 183 -17.34 -9.61 -24.97
N THR C 184 -18.46 -9.33 -25.62
CA THR C 184 -18.46 -8.33 -26.66
C THR C 184 -19.44 -7.24 -26.26
N PRO C 185 -18.95 -6.03 -26.07
CA PRO C 185 -19.81 -4.87 -25.75
C PRO C 185 -20.79 -4.61 -26.88
N ARG C 186 -22.09 -4.57 -26.58
CA ARG C 186 -23.08 -4.39 -27.64
C ARG C 186 -22.84 -3.08 -28.38
N THR C 187 -23.22 -3.04 -29.64
CA THR C 187 -22.90 -1.90 -30.49
C THR C 187 -24.14 -1.29 -31.14
N ASP C 188 -25.27 -1.39 -30.44
CA ASP C 188 -26.51 -0.88 -30.96
C ASP C 188 -27.03 0.22 -30.05
N THR C 189 -26.13 1.06 -29.58
CA THR C 189 -26.49 2.17 -28.71
C THR C 189 -27.25 3.22 -29.49
N VAL C 190 -28.31 3.74 -28.90
CA VAL C 190 -29.11 4.83 -29.47
C VAL C 190 -29.51 5.75 -28.32
N ASN C 191 -29.35 7.05 -28.50
CA ASN C 191 -29.67 7.99 -27.44
C ASN C 191 -29.06 7.57 -26.12
N GLY C 192 -27.82 7.10 -26.16
CA GLY C 192 -27.07 6.78 -24.96
C GLY C 192 -27.45 5.53 -24.19
N THR C 193 -28.23 4.64 -24.79
CA THR C 193 -28.58 3.40 -24.11
C THR C 193 -28.82 2.25 -25.08
N ALA C 194 -28.77 1.02 -24.57
CA ALA C 194 -29.18 -0.21 -25.26
C ALA C 194 -29.35 -1.25 -24.16
N PRO C 195 -30.27 -2.19 -24.33
CA PRO C 195 -31.09 -2.34 -25.55
C PRO C 195 -32.19 -1.28 -25.64
N ALA C 196 -33.02 -1.37 -26.67
CA ALA C 196 -34.12 -0.42 -26.83
C ALA C 196 -35.16 -0.68 -25.76
N ASN C 197 -35.90 0.34 -25.36
CA ASN C 197 -36.95 0.07 -24.40
C ASN C 197 -36.44 0.12 -22.98
N THR C 198 -35.18 0.51 -22.81
CA THR C 198 -34.66 0.79 -21.50
C THR C 198 -34.97 2.27 -21.26
N VAL C 199 -34.89 2.69 -20.01
CA VAL C 199 -35.18 4.07 -19.65
C VAL C 199 -33.88 4.77 -19.27
N TRP C 200 -33.54 5.84 -19.98
CA TRP C 200 -32.30 6.57 -19.74
C TRP C 200 -32.47 8.07 -20.02
N HIS C 201 -32.67 8.84 -18.95
CA HIS C 201 -32.92 10.30 -19.02
C HIS C 201 -34.28 10.61 -19.62
N THR C 202 -35.18 9.63 -19.67
CA THR C 202 -36.53 9.82 -20.22
C THR C 202 -37.60 9.33 -19.25
N GLY C 203 -37.18 8.98 -18.05
CA GLY C 203 -38.12 8.43 -17.07
C GLY C 203 -37.45 7.91 -15.83
N ALA C 204 -38.26 7.55 -14.84
CA ALA C 204 -37.75 7.06 -13.55
C ALA C 204 -36.86 5.84 -13.68
N ASN C 205 -35.80 5.81 -12.88
CA ASN C 205 -34.96 4.64 -12.80
C ASN C 205 -35.09 4.07 -11.40
N ALA C 206 -35.30 2.76 -11.31
CA ALA C 206 -35.38 2.12 -10.01
C ALA C 206 -34.07 1.40 -9.72
N LEU C 207 -33.72 1.25 -8.45
CA LEU C 207 -32.57 0.45 -8.08
C LEU C 207 -32.95 -1.00 -8.39
N ALA C 208 -31.98 -1.84 -8.71
CA ALA C 208 -32.30 -3.23 -9.00
C ALA C 208 -32.96 -3.85 -7.78
N SER C 209 -34.03 -4.60 -8.01
CA SER C 209 -34.72 -5.25 -6.91
C SER C 209 -34.03 -6.57 -6.59
N THR C 210 -33.20 -7.01 -7.52
CA THR C 210 -32.45 -8.27 -7.38
C THR C 210 -30.96 -8.01 -7.19
N ALA C 211 -30.42 -8.53 -6.09
CA ALA C 211 -29.00 -8.42 -5.79
C ALA C 211 -28.17 -9.17 -6.83
N GLY C 212 -27.05 -8.59 -7.22
CA GLY C 212 -26.17 -9.20 -8.20
C GLY C 212 -26.41 -8.66 -9.60
N ASP C 213 -27.47 -7.89 -9.76
CA ASP C 213 -27.82 -7.30 -11.05
C ASP C 213 -27.26 -5.88 -11.19
N PRO C 214 -26.71 -5.56 -12.35
CA PRO C 214 -26.21 -4.20 -12.60
C PRO C 214 -27.40 -3.27 -12.80
N TYR C 215 -27.23 -1.99 -12.54
CA TYR C 215 -28.35 -1.08 -12.73
C TYR C 215 -27.81 0.32 -12.87
N PHE C 216 -28.61 1.22 -13.42
CA PHE C 216 -28.14 2.57 -13.68
C PHE C 216 -29.18 3.61 -13.29
N ILE C 217 -28.71 4.77 -12.85
CA ILE C 217 -29.59 5.84 -12.47
C ILE C 217 -29.14 7.13 -13.12
N ALA C 218 -30.02 7.69 -13.93
CA ALA C 218 -29.77 8.98 -14.58
C ALA C 218 -29.94 10.09 -13.55
N ASN C 219 -29.11 11.11 -13.66
CA ASN C 219 -29.08 12.23 -12.73
C ASN C 219 -30.48 12.78 -12.45
N GLY C 220 -30.93 12.62 -11.21
CA GLY C 220 -32.22 13.13 -10.80
C GLY C 220 -33.44 12.30 -11.15
N TRP C 221 -33.23 11.11 -11.70
CA TRP C 221 -34.34 10.27 -12.14
C TRP C 221 -34.60 9.08 -11.20
N GLY C 222 -33.82 8.95 -10.14
CA GLY C 222 -34.02 7.87 -9.19
C GLY C 222 -34.96 8.23 -8.04
N PRO C 223 -35.20 7.29 -7.14
CA PRO C 223 -36.06 7.54 -5.99
C PRO C 223 -35.44 8.60 -5.09
N LYS C 224 -36.24 9.51 -4.56
CA LYS C 224 -35.69 10.49 -3.65
C LYS C 224 -36.46 10.55 -2.34
N TYR C 225 -35.81 11.09 -1.31
CA TYR C 225 -36.43 11.31 0.00
C TYR C 225 -36.08 12.69 0.55
N LEU C 226 -37.08 13.36 1.10
CA LEU C 226 -36.88 14.69 1.65
C LEU C 226 -36.83 14.60 3.16
N ASN C 227 -35.71 15.00 3.74
CA ASN C 227 -35.62 15.08 5.18
C ASN C 227 -35.74 16.55 5.58
N SER C 228 -36.59 16.84 6.55
CA SER C 228 -36.84 18.22 6.97
C SER C 228 -36.45 18.55 8.42
N GLN C 229 -35.65 17.68 9.02
CA GLN C 229 -35.28 17.84 10.42
C GLN C 229 -34.22 18.90 10.69
N TYR C 230 -33.32 19.11 9.74
CA TYR C 230 -32.22 20.04 9.92
C TYR C 230 -32.04 20.89 8.67
N GLY C 231 -33.07 21.66 8.34
CA GLY C 231 -33.09 22.34 7.07
C GLY C 231 -33.57 21.25 6.12
N TYR C 232 -33.53 21.50 4.82
CA TYR C 232 -33.94 20.51 3.85
C TYR C 232 -32.78 19.74 3.27
N GLN C 233 -32.88 18.43 3.30
CA GLN C 233 -31.90 17.59 2.62
C GLN C 233 -32.65 16.53 1.81
N ILE C 234 -32.17 16.29 0.60
CA ILE C 234 -32.80 15.33 -0.29
C ILE C 234 -31.80 14.23 -0.60
N VAL C 235 -32.16 13.01 -0.23
CA VAL C 235 -31.27 11.89 -0.44
C VAL C 235 -31.75 11.12 -1.64
N ALA C 236 -30.81 10.79 -2.51
CA ALA C 236 -31.09 9.94 -3.66
C ALA C 236 -30.25 8.68 -3.51
N PRO C 237 -30.83 7.61 -3.00
CA PRO C 237 -30.10 6.35 -2.81
C PRO C 237 -29.61 5.76 -4.12
N PHE C 238 -28.39 5.25 -4.09
CA PHE C 238 -27.81 4.57 -5.23
C PHE C 238 -27.66 3.12 -4.84
N VAL C 239 -27.23 2.89 -3.61
CA VAL C 239 -27.04 1.53 -3.12
C VAL C 239 -27.57 1.45 -1.71
N THR C 240 -28.46 0.48 -1.47
CA THR C 240 -28.98 0.21 -0.14
C THR C 240 -28.65 -1.21 0.29
N ALA C 241 -29.14 -1.59 1.46
CA ALA C 241 -28.88 -2.91 2.00
C ALA C 241 -29.36 -4.00 1.05
N THR C 242 -30.39 -3.69 0.27
CA THR C 242 -30.93 -4.65 -0.68
C THR C 242 -29.89 -5.05 -1.70
N GLN C 243 -29.17 -4.05 -2.21
CA GLN C 243 -28.16 -4.28 -3.23
C GLN C 243 -26.80 -4.67 -2.65
N ALA C 244 -26.44 -4.10 -1.50
CA ALA C 244 -25.13 -4.33 -0.88
C ALA C 244 -25.00 -5.68 -0.19
N GLN C 245 -26.07 -6.13 0.43
CA GLN C 245 -26.00 -7.39 1.16
C GLN C 245 -24.78 -7.36 2.07
N ASP C 246 -24.00 -8.44 2.05
CA ASP C 246 -22.82 -8.56 2.88
C ASP C 246 -21.70 -7.54 2.60
N THR C 247 -21.69 -6.88 1.44
CA THR C 247 -20.67 -5.83 1.27
C THR C 247 -20.94 -4.75 2.32
N ASN C 248 -22.16 -4.74 2.85
CA ASN C 248 -22.44 -3.94 4.04
C ASN C 248 -22.10 -2.46 3.92
N TYR C 249 -22.78 -1.77 3.00
CA TYR C 249 -22.56 -0.32 2.81
C TYR C 249 -23.75 0.42 2.17
N THR C 250 -23.72 1.75 2.23
CA THR C 250 -24.72 2.56 1.52
C THR C 250 -24.03 3.61 0.66
N LEU C 251 -24.71 4.00 -0.42
CA LEU C 251 -24.20 5.02 -1.33
C LEU C 251 -25.36 5.88 -1.86
N SER C 252 -25.12 7.16 -2.04
CA SER C 252 -26.18 8.03 -2.51
C SER C 252 -25.69 9.44 -2.71
N THR C 253 -26.56 10.32 -3.20
CA THR C 253 -26.23 11.75 -3.15
C THR C 253 -27.13 12.36 -2.10
N ILE C 254 -26.62 13.34 -1.40
CA ILE C 254 -27.41 14.13 -0.44
C ILE C 254 -27.37 15.58 -0.96
N SER C 255 -28.54 16.17 -1.20
CA SER C 255 -28.62 17.58 -1.60
C SER C 255 -29.02 18.32 -0.36
N MET C 256 -28.59 19.58 -0.23
CA MET C 256 -28.80 20.32 1.00
C MET C 256 -29.18 21.77 0.81
N SER C 257 -30.14 22.22 1.61
CA SER C 257 -30.44 23.63 1.70
C SER C 257 -29.47 24.21 2.73
N THR C 258 -29.52 25.52 2.97
CA THR C 258 -28.77 26.07 4.11
C THR C 258 -29.49 25.64 5.36
N THR C 259 -28.90 25.95 6.50
CA THR C 259 -29.49 25.62 7.78
C THR C 259 -30.05 26.91 8.39
N PRO C 260 -31.35 26.92 8.63
CA PRO C 260 -31.99 28.12 9.17
C PRO C 260 -31.45 28.41 10.56
N SER C 261 -31.46 29.67 10.93
CA SER C 261 -31.01 30.10 12.25
C SER C 261 -31.80 29.43 13.38
N THR C 262 -33.02 29.00 13.08
CA THR C 262 -33.89 28.41 14.08
C THR C 262 -33.52 26.93 14.27
N VAL C 263 -32.47 26.51 13.57
CA VAL C 263 -32.06 25.12 13.65
C VAL C 263 -30.59 24.93 14.04
N THR C 264 -30.37 24.04 15.01
CA THR C 264 -29.03 23.67 15.43
C THR C 264 -28.48 22.62 14.47
N VAL C 265 -27.32 22.89 13.87
CA VAL C 265 -26.69 21.90 13.00
C VAL C 265 -26.37 20.70 13.87
N PRO C 266 -26.93 19.54 13.52
CA PRO C 266 -26.75 18.32 14.34
C PRO C 266 -25.32 17.80 14.34
N THR C 267 -25.01 16.99 15.36
CA THR C 267 -23.72 16.35 15.46
C THR C 267 -23.91 14.87 15.25
N TRP C 268 -23.16 14.30 14.32
CA TRP C 268 -23.28 12.89 13.98
C TRP C 268 -22.10 12.01 14.40
N SER C 269 -22.39 10.72 14.51
CA SER C 269 -21.43 9.67 14.81
C SER C 269 -22.00 8.31 14.40
N PHE C 270 -21.24 7.56 13.60
CA PHE C 270 -21.68 6.27 13.10
C PHE C 270 -20.56 5.24 13.34
N PRO C 271 -20.90 3.97 13.49
CA PRO C 271 -19.89 2.94 13.78
C PRO C 271 -18.94 2.71 12.60
N GLY C 272 -19.40 2.94 11.38
CA GLY C 272 -18.53 2.76 10.23
C GLY C 272 -18.04 4.06 9.63
N ALA C 273 -16.89 3.99 8.97
CA ALA C 273 -16.35 5.18 8.32
C ALA C 273 -17.31 5.64 7.23
N CYS C 274 -17.25 6.92 6.92
CA CYS C 274 -18.02 7.44 5.80
C CYS C 274 -17.23 8.54 5.10
N ALA C 275 -17.66 8.88 3.91
CA ALA C 275 -16.96 9.87 3.09
C ALA C 275 -17.92 10.53 2.13
N PHE C 276 -17.56 11.72 1.69
CA PHE C 276 -18.35 12.35 0.67
C PHE C 276 -17.48 13.25 -0.21
N GLN C 277 -17.92 13.42 -1.44
CA GLN C 277 -17.22 14.28 -2.38
C GLN C 277 -18.22 15.29 -2.87
N VAL C 278 -17.92 16.58 -2.69
CA VAL C 278 -18.84 17.58 -3.16
C VAL C 278 -18.93 17.52 -4.67
N GLN C 279 -20.17 17.58 -5.19
CA GLN C 279 -20.41 17.62 -6.62
C GLN C 279 -20.79 19.04 -7.01
N GLU C 280 -21.68 19.64 -6.24
CA GLU C 280 -22.04 21.04 -6.46
C GLU C 280 -22.16 21.79 -5.14
N GLY C 281 -21.83 23.08 -5.13
CA GLY C 281 -21.99 23.86 -3.93
C GLY C 281 -20.78 24.02 -3.03
N ARG C 282 -21.07 24.40 -1.80
CA ARG C 282 -20.05 24.69 -0.81
C ARG C 282 -20.52 24.15 0.53
N VAL C 283 -19.82 23.14 1.03
CA VAL C 283 -20.20 22.41 2.22
C VAL C 283 -19.14 22.51 3.31
N VAL C 284 -19.55 22.90 4.50
CA VAL C 284 -18.63 23.02 5.62
C VAL C 284 -18.68 21.73 6.41
N VAL C 285 -17.52 21.22 6.78
CA VAL C 285 -17.45 19.99 7.53
C VAL C 285 -16.54 20.25 8.72
N GLN C 286 -17.00 19.81 9.88
CA GLN C 286 -16.25 19.95 11.11
C GLN C 286 -16.15 18.53 11.65
N ILE C 287 -14.94 17.97 11.63
CA ILE C 287 -14.74 16.59 12.07
C ILE C 287 -13.86 16.50 13.31
N GLY C 288 -14.35 15.80 14.32
CA GLY C 288 -13.62 15.61 15.57
C GLY C 288 -13.02 16.85 16.20
N ASP C 289 -11.70 16.84 16.34
CA ASP C 289 -10.91 17.90 16.96
C ASP C 289 -10.44 18.98 15.98
N TYR C 290 -10.72 18.78 14.69
CA TYR C 290 -10.23 19.67 13.66
C TYR C 290 -11.08 20.91 13.42
N ALA C 291 -10.45 21.96 12.89
CA ALA C 291 -11.14 23.19 12.53
C ALA C 291 -12.07 22.91 11.38
N ALA C 292 -13.22 23.59 11.36
CA ALA C 292 -14.20 23.43 10.30
C ALA C 292 -13.55 23.85 9.00
N THR C 293 -13.88 23.18 7.90
CA THR C 293 -13.27 23.45 6.61
C THR C 293 -14.36 23.50 5.54
N GLU C 294 -14.25 24.44 4.61
CA GLU C 294 -15.25 24.53 3.57
C GLU C 294 -14.77 23.83 2.31
N LEU C 295 -15.62 22.94 1.79
CA LEU C 295 -15.33 22.15 0.60
C LEU C 295 -16.05 22.66 -0.65
N GLY C 296 -15.36 22.58 -1.78
CA GLY C 296 -15.95 22.98 -3.07
C GLY C 296 -15.93 21.80 -4.03
N SER C 297 -16.21 22.07 -5.30
CA SER C 297 -16.32 21.02 -6.33
C SER C 297 -15.23 19.94 -6.30
N GLY C 298 -15.63 18.69 -6.08
CA GLY C 298 -14.69 17.59 -6.16
C GLY C 298 -13.89 17.33 -4.90
N ASP C 299 -13.99 18.23 -3.92
CA ASP C 299 -13.32 18.04 -2.64
C ASP C 299 -13.93 16.85 -1.89
N VAL C 300 -13.08 16.12 -1.18
CA VAL C 300 -13.50 14.92 -0.47
C VAL C 300 -13.22 14.99 1.03
N ALA C 301 -14.23 14.64 1.82
CA ALA C 301 -14.05 14.58 3.25
C ALA C 301 -14.17 13.14 3.74
N PHE C 302 -13.26 12.73 4.61
CA PHE C 302 -13.33 11.38 5.11
C PHE C 302 -13.47 11.37 6.62
N ILE C 303 -14.43 10.58 7.10
CA ILE C 303 -14.74 10.51 8.54
C ILE C 303 -14.66 9.09 9.07
N PRO C 304 -13.72 8.86 9.96
CA PRO C 304 -13.52 7.56 10.60
C PRO C 304 -14.73 7.16 11.40
N GLY C 305 -15.00 5.85 11.48
CA GLY C 305 -16.11 5.37 12.28
C GLY C 305 -15.92 5.78 13.74
N GLY C 306 -17.03 6.10 14.39
CA GLY C 306 -16.99 6.49 15.80
C GLY C 306 -16.53 7.92 16.03
N VAL C 307 -16.22 8.65 14.98
CA VAL C 307 -15.77 10.03 15.16
C VAL C 307 -16.93 10.98 14.91
N GLU C 308 -17.07 11.99 15.77
CA GLU C 308 -18.16 12.95 15.65
C GLU C 308 -17.92 13.97 14.55
N PHE C 309 -18.99 14.31 13.84
CA PHE C 309 -18.89 15.30 12.79
C PHE C 309 -20.17 16.09 12.60
N LYS C 310 -19.99 17.28 12.02
CA LYS C 310 -21.04 18.22 11.74
C LYS C 310 -20.78 18.73 10.32
N TYR C 311 -21.84 18.91 9.54
CA TYR C 311 -21.68 19.50 8.21
C TYR C 311 -22.91 20.34 7.96
N TYR C 312 -22.78 21.31 7.08
CA TYR C 312 -23.90 22.15 6.68
C TYR C 312 -23.54 22.80 5.37
N SER C 313 -24.54 23.24 4.62
CA SER C 313 -24.26 23.87 3.37
C SER C 313 -24.17 25.37 3.51
N GLU C 314 -23.07 25.94 3.05
CA GLU C 314 -22.95 27.39 3.04
C GLU C 314 -23.60 27.96 1.76
N ALA C 315 -23.59 27.17 0.68
CA ALA C 315 -24.24 27.55 -0.56
C ALA C 315 -25.75 27.34 -0.37
N TYR C 316 -26.55 28.06 -1.15
CA TYR C 316 -28.01 27.96 -1.03
C TYR C 316 -28.47 26.56 -1.41
N PHE C 317 -27.63 25.87 -2.17
CA PHE C 317 -27.92 24.49 -2.56
C PHE C 317 -26.61 23.76 -2.82
N SER C 318 -26.46 22.62 -2.17
CA SER C 318 -25.27 21.82 -2.40
C SER C 318 -25.69 20.37 -2.66
N LYS C 319 -24.82 19.62 -3.33
CA LYS C 319 -25.05 18.21 -3.58
C LYS C 319 -23.72 17.47 -3.47
N VAL C 320 -23.71 16.39 -2.69
CA VAL C 320 -22.51 15.57 -2.51
C VAL C 320 -22.76 14.09 -2.84
N LEU C 321 -21.68 13.35 -3.11
CA LEU C 321 -21.76 11.91 -3.34
C LEU C 321 -21.31 11.33 -2.02
N PHE C 322 -22.19 10.54 -1.43
CA PHE C 322 -21.96 10.03 -0.09
C PHE C 322 -21.83 8.51 -0.02
N VAL C 323 -20.78 8.04 0.66
CA VAL C 323 -20.60 6.60 0.89
C VAL C 323 -20.43 6.34 2.38
N SER C 324 -21.09 5.30 2.86
CA SER C 324 -21.02 4.98 4.27
C SER C 324 -20.84 3.50 4.49
N SER C 325 -19.89 3.15 5.36
CA SER C 325 -19.68 1.74 5.72
C SER C 325 -20.68 1.31 6.79
N GLY C 326 -21.37 0.20 6.54
CA GLY C 326 -22.42 -0.27 7.44
C GLY C 326 -23.80 -0.05 6.84
N SER C 327 -24.84 -0.47 7.54
CA SER C 327 -26.17 -0.39 6.97
C SER C 327 -26.99 0.81 7.42
N ASP C 328 -26.58 1.47 8.49
CA ASP C 328 -27.35 2.60 9.02
C ASP C 328 -26.57 3.91 9.15
N GLY C 329 -25.79 4.25 8.13
CA GLY C 329 -25.05 5.50 8.14
C GLY C 329 -25.93 6.71 7.90
N LEU C 330 -25.28 7.86 7.76
CA LEU C 330 -25.97 9.14 7.59
C LEU C 330 -27.10 9.13 6.57
N ASP C 331 -26.81 8.70 5.35
CA ASP C 331 -27.82 8.79 4.32
C ASP C 331 -29.06 8.01 4.69
N GLN C 332 -28.88 6.80 5.18
CA GLN C 332 -30.02 5.97 5.58
C GLN C 332 -30.77 6.62 6.72
N ASN C 333 -30.04 7.23 7.65
CA ASN C 333 -30.66 7.89 8.77
C ASN C 333 -31.57 9.01 8.27
N LEU C 334 -31.05 9.80 7.33
CA LEU C 334 -31.84 10.88 6.77
C LEU C 334 -33.06 10.31 6.09
N VAL C 335 -32.86 9.24 5.32
CA VAL C 335 -33.97 8.63 4.59
C VAL C 335 -35.07 8.21 5.57
N ASN C 336 -34.69 7.46 6.59
CA ASN C 336 -35.63 6.96 7.60
C ASN C 336 -36.36 8.06 8.36
N GLY C 337 -35.73 9.21 8.53
CA GLY C 337 -36.36 10.31 9.23
C GLY C 337 -37.12 11.24 8.29
N GLY C 338 -37.17 10.86 7.02
CA GLY C 338 -37.83 11.67 6.01
C GLY C 338 -38.99 10.97 5.31
N GLU C 339 -39.38 11.51 4.18
CA GLU C 339 -40.54 11.03 3.43
C GLU C 339 -40.19 10.92 1.94
N GLU C 340 -41.06 10.24 1.18
CA GLU C 340 -40.89 10.12 -0.26
C GLU C 340 -41.03 11.49 -0.88
N TRP C 341 -40.20 11.76 -1.89
CA TRP C 341 -40.16 13.08 -2.47
C TRP C 341 -39.93 12.94 -3.96
N SER C 342 -40.62 13.75 -4.75
CA SER C 342 -40.58 13.61 -6.19
C SER C 342 -39.85 14.72 -6.92
N SER C 343 -39.05 15.48 -6.20
CA SER C 343 -38.37 16.61 -6.82
C SER C 343 -36.91 16.71 -6.38
N VAL C 344 -36.07 17.23 -7.28
CA VAL C 344 -34.66 17.47 -6.95
C VAL C 344 -34.52 18.76 -6.13
N SER C 345 -35.57 19.56 -6.12
CA SER C 345 -35.58 20.78 -5.34
C SER C 345 -36.37 20.54 -4.06
N PHE C 346 -36.05 21.31 -3.02
CA PHE C 346 -36.77 21.26 -1.76
C PHE C 346 -37.81 22.40 -1.69
N PRO C 347 -38.72 22.35 -0.73
CA PRO C 347 -39.78 23.36 -0.65
C PRO C 347 -39.26 24.80 -0.61
N ALA C 348 -40.05 25.72 -1.16
CA ALA C 348 -39.74 27.13 -1.15
C ALA C 348 -39.93 27.82 0.22
N ASP C 349 -40.63 27.15 1.14
CA ASP C 349 -40.79 27.69 2.50
C ASP C 349 -40.32 26.68 3.55
N TRP C 350 -39.78 27.18 4.65
CA TRP C 350 -39.33 26.31 5.72
C TRP C 350 -40.55 25.65 6.38
N SER D 4 39.62 -27.94 -7.96
CA SER D 4 39.55 -29.19 -7.10
C SER D 4 39.78 -28.91 -5.61
N LEU D 5 39.39 -27.73 -5.20
CA LEU D 5 39.54 -27.27 -3.82
C LEU D 5 38.72 -28.10 -2.81
N ILE D 6 37.59 -28.62 -3.25
CA ILE D 6 36.67 -29.32 -2.38
C ILE D 6 37.11 -30.75 -2.09
N VAL D 7 37.07 -31.13 -0.81
CA VAL D 7 37.39 -32.50 -0.39
C VAL D 7 36.30 -33.07 0.53
N GLU D 8 36.27 -34.39 0.65
CA GLU D 8 35.25 -35.08 1.43
C GLU D 8 35.77 -35.50 2.81
N ASP D 9 37.09 -35.65 2.91
CA ASP D 9 37.78 -35.88 4.17
C ASP D 9 38.97 -34.93 4.16
N ALA D 10 39.42 -34.47 5.33
CA ALA D 10 40.58 -33.57 5.36
C ALA D 10 41.78 -34.28 4.77
N PRO D 11 42.56 -33.58 3.96
CA PRO D 11 43.74 -34.16 3.30
C PRO D 11 44.77 -34.65 4.33
N ASP D 12 45.70 -35.48 3.88
CA ASP D 12 46.72 -36.02 4.77
C ASP D 12 48.00 -35.19 4.77
N HIS D 13 47.94 -34.02 4.18
CA HIS D 13 49.10 -33.13 4.12
C HIS D 13 48.55 -31.74 3.94
N VAL D 14 49.37 -30.73 4.21
CA VAL D 14 48.97 -29.34 4.12
C VAL D 14 48.72 -28.92 2.69
N ARG D 15 47.54 -28.37 2.44
CA ARG D 15 47.16 -27.87 1.13
C ARG D 15 45.90 -27.01 1.27
N PRO D 16 45.66 -26.12 0.33
CA PRO D 16 44.41 -25.35 0.34
C PRO D 16 43.23 -26.32 0.15
N TYR D 17 42.16 -26.11 0.90
CA TYR D 17 40.98 -26.93 0.70
C TYR D 17 39.73 -26.36 1.35
N VAL D 18 38.58 -26.86 0.89
CA VAL D 18 37.29 -26.51 1.40
C VAL D 18 36.58 -27.84 1.61
N ILE D 19 35.93 -27.98 2.75
CA ILE D 19 35.19 -29.19 3.03
C ILE D 19 33.81 -28.81 3.52
N ARG D 20 32.81 -29.33 2.84
CA ARG D 20 31.44 -28.97 3.12
C ARG D 20 30.96 -29.50 4.46
N HIS D 21 30.02 -28.75 5.03
CA HIS D 21 29.32 -29.09 6.27
C HIS D 21 28.77 -30.50 6.14
N TYR D 22 29.05 -31.33 7.14
CA TYR D 22 28.58 -32.72 7.18
C TYR D 22 29.23 -33.66 6.17
N SER D 23 30.33 -33.24 5.55
CA SER D 23 31.10 -34.17 4.74
C SER D 23 31.54 -35.29 5.68
N HIS D 24 32.01 -36.39 5.10
CA HIS D 24 32.43 -37.53 5.90
C HIS D 24 33.44 -37.15 6.98
N ALA D 25 34.52 -36.46 6.59
CA ALA D 25 35.51 -35.99 7.56
C ALA D 25 35.91 -37.04 8.61
N ARG D 26 36.26 -38.23 8.15
CA ARG D 26 36.67 -39.34 9.00
C ARG D 26 35.72 -39.53 10.16
N ALA D 27 34.42 -39.46 9.88
CA ALA D 27 33.43 -39.53 10.93
C ALA D 27 33.60 -40.76 11.83
N VAL D 28 33.37 -40.53 13.11
CA VAL D 28 33.38 -41.56 14.14
C VAL D 28 32.21 -41.27 15.06
N THR D 29 31.68 -42.31 15.73
CA THR D 29 30.71 -42.06 16.80
C THR D 29 31.27 -42.48 18.15
N VAL D 30 30.79 -41.78 19.18
CA VAL D 30 31.06 -42.12 20.57
C VAL D 30 29.66 -42.13 21.18
N ASP D 31 29.12 -43.32 21.35
CA ASP D 31 27.75 -43.47 21.81
C ASP D 31 26.78 -42.75 20.83
N THR D 32 26.08 -41.70 21.28
CA THR D 32 25.07 -41.05 20.42
C THR D 32 25.63 -39.87 19.65
N GLN D 33 26.87 -39.50 19.97
CA GLN D 33 27.58 -38.39 19.35
C GLN D 33 28.26 -38.76 18.04
N LEU D 34 28.19 -37.88 17.05
CA LEU D 34 28.92 -38.09 15.81
C LEU D 34 29.94 -36.96 15.61
N TYR D 35 31.21 -37.32 15.56
CA TYR D 35 32.30 -36.35 15.39
C TYR D 35 32.77 -36.27 13.93
N ARG D 36 33.11 -35.06 13.50
CA ARG D 36 33.65 -34.84 12.16
C ARG D 36 34.92 -33.99 12.27
N PHE D 37 35.94 -34.31 11.48
CA PHE D 37 37.21 -33.61 11.60
C PHE D 37 37.51 -32.88 10.30
N TYR D 38 37.02 -31.64 10.29
CA TYR D 38 37.12 -30.76 9.16
C TYR D 38 38.57 -30.37 8.91
N VAL D 39 39.31 -30.12 9.99
CA VAL D 39 40.74 -29.83 9.96
C VAL D 39 41.40 -30.68 11.05
N THR D 40 42.46 -31.40 10.70
CA THR D 40 43.14 -32.33 11.60
C THR D 40 44.59 -31.97 11.76
N GLY D 41 45.29 -32.76 12.58
CA GLY D 41 46.73 -32.63 12.75
C GLY D 41 47.45 -32.66 11.41
N PRO D 42 47.37 -33.78 10.69
CA PRO D 42 48.00 -33.91 9.36
C PRO D 42 47.60 -32.78 8.42
N SER D 43 46.31 -32.47 8.42
CA SER D 43 45.72 -31.49 7.55
C SER D 43 46.28 -30.09 7.72
N SER D 44 46.60 -29.73 8.95
CA SER D 44 47.03 -28.37 9.24
C SER D 44 48.51 -28.25 9.61
N GLY D 45 49.26 -29.33 9.46
CA GLY D 45 50.66 -29.27 9.84
C GLY D 45 50.75 -29.22 11.36
N TYR D 46 49.72 -29.75 12.01
CA TYR D 46 49.64 -29.85 13.47
C TYR D 46 49.40 -28.51 14.15
N ALA D 47 48.93 -27.53 13.38
CA ALA D 47 48.63 -26.20 13.89
C ALA D 47 47.35 -26.17 14.73
N PHE D 48 46.32 -26.87 14.30
CA PHE D 48 45.09 -26.90 15.07
C PHE D 48 44.12 -27.94 14.50
N THR D 49 43.12 -28.25 15.29
CA THR D 49 42.06 -29.15 14.85
C THR D 49 40.77 -28.35 14.91
N LEU D 50 39.94 -28.53 13.90
CA LEU D 50 38.62 -27.92 13.86
C LEU D 50 37.66 -29.06 13.59
N MET D 51 36.88 -29.40 14.60
CA MET D 51 35.98 -30.52 14.46
C MET D 51 34.54 -30.12 14.76
N GLY D 52 33.60 -30.97 14.35
CA GLY D 52 32.21 -30.70 14.63
C GLY D 52 31.62 -31.91 15.33
N THR D 53 30.82 -31.66 16.35
CA THR D 53 30.16 -32.72 17.10
C THR D 53 28.64 -32.54 16.95
N ASN D 54 27.95 -33.55 16.41
CA ASN D 54 26.48 -33.49 16.32
C ASN D 54 25.91 -34.52 17.26
N ALA D 55 24.88 -34.16 18.00
CA ALA D 55 24.40 -35.05 19.05
C ALA D 55 22.98 -34.69 19.52
N PRO D 56 22.21 -35.70 19.92
CA PRO D 56 20.90 -35.48 20.52
C PRO D 56 20.96 -35.15 22.02
N HIS D 57 19.82 -34.74 22.55
CA HIS D 57 19.69 -34.54 23.98
C HIS D 57 20.21 -35.77 24.71
N SER D 58 20.83 -35.56 25.86
CA SER D 58 21.27 -36.67 26.71
C SER D 58 21.03 -36.29 28.15
N ASP D 59 20.66 -37.25 28.98
CA ASP D 59 20.45 -36.93 30.39
C ASP D 59 21.74 -37.08 31.20
N ALA D 60 22.79 -37.60 30.55
CA ALA D 60 24.08 -37.82 31.20
C ALA D 60 25.21 -36.97 30.58
N LEU D 61 26.27 -36.73 31.36
CA LEU D 61 27.43 -36.01 30.85
C LEU D 61 27.91 -36.69 29.57
N GLY D 62 28.40 -35.89 28.63
CA GLY D 62 28.91 -36.42 27.38
C GLY D 62 30.31 -37.03 27.50
N VAL D 63 30.97 -36.75 28.61
CA VAL D 63 32.30 -37.27 28.88
C VAL D 63 32.55 -37.11 30.38
N LEU D 64 33.42 -37.96 30.94
CA LEU D 64 33.78 -37.81 32.34
C LEU D 64 34.71 -36.64 32.48
N PRO D 65 34.64 -35.95 33.62
CA PRO D 65 35.51 -34.80 33.85
C PRO D 65 36.96 -35.13 33.55
N HIS D 66 37.67 -34.21 32.92
CA HIS D 66 39.05 -34.46 32.61
C HIS D 66 39.81 -33.19 32.30
N ILE D 67 41.11 -33.35 32.12
CA ILE D 67 42.01 -32.25 31.87
C ILE D 67 42.89 -32.56 30.67
N HIS D 68 43.28 -31.55 29.91
CA HIS D 68 44.31 -31.75 28.90
C HIS D 68 45.50 -30.94 29.35
N GLN D 69 46.69 -31.54 29.37
CA GLN D 69 47.87 -30.80 29.81
C GLN D 69 48.54 -30.04 28.66
N LYS D 70 48.32 -30.50 27.44
CA LYS D 70 49.03 -29.94 26.29
C LYS D 70 48.15 -29.26 25.25
N HIS D 71 46.85 -29.39 25.38
CA HIS D 71 45.92 -28.84 24.41
C HIS D 71 44.98 -27.83 25.02
N TYR D 72 44.80 -26.71 24.33
CA TYR D 72 43.87 -25.66 24.70
C TYR D 72 42.59 -25.98 23.91
N GLU D 73 41.45 -26.04 24.57
CA GLU D 73 40.22 -26.43 23.90
C GLU D 73 39.25 -25.26 23.82
N ASN D 74 38.48 -25.20 22.74
CA ASN D 74 37.48 -24.16 22.52
C ASN D 74 36.19 -24.81 22.08
N PHE D 75 35.08 -24.34 22.65
CA PHE D 75 33.76 -24.87 22.38
C PHE D 75 32.88 -23.77 21.83
N TYR D 76 32.43 -23.93 20.58
CA TYR D 76 31.54 -22.95 19.98
C TYR D 76 30.25 -23.66 19.62
N CYS D 77 29.11 -23.12 20.05
CA CYS D 77 27.84 -23.77 19.75
C CYS D 77 27.32 -23.35 18.40
N ASN D 78 27.28 -24.28 17.47
CA ASN D 78 26.81 -23.96 16.13
C ASN D 78 25.29 -23.82 16.18
N LYS D 79 24.64 -24.72 16.90
CA LYS D 79 23.19 -24.74 17.03
C LYS D 79 22.83 -25.71 18.15
N GLY D 80 21.57 -25.66 18.55
CA GLY D 80 21.10 -26.49 19.64
C GLY D 80 21.66 -25.88 20.90
N SER D 81 22.01 -26.72 21.88
CA SER D 81 22.60 -26.21 23.11
C SER D 81 23.25 -27.31 23.92
N PHE D 82 24.28 -26.91 24.66
CA PHE D 82 24.98 -27.83 25.51
C PHE D 82 25.54 -27.05 26.69
N GLN D 83 25.55 -27.70 27.83
CA GLN D 83 26.14 -27.12 29.02
C GLN D 83 27.62 -27.47 29.10
N LEU D 84 28.41 -26.52 29.57
CA LEU D 84 29.84 -26.69 29.69
C LEU D 84 30.24 -26.37 31.13
N TRP D 85 31.05 -27.23 31.74
CA TRP D 85 31.55 -26.95 33.09
C TRP D 85 33.06 -26.82 33.00
N ALA D 86 33.64 -25.97 33.83
CA ALA D 86 35.08 -25.73 33.83
C ALA D 86 35.58 -25.21 35.17
N GLN D 87 36.82 -25.57 35.51
CA GLN D 87 37.42 -25.08 36.74
C GLN D 87 38.94 -25.11 36.63
N SER D 88 39.57 -23.99 36.94
CA SER D 88 41.03 -23.92 36.99
C SER D 88 41.41 -23.96 38.45
N GLY D 89 42.39 -24.79 38.80
CA GLY D 89 42.84 -24.89 40.18
C GLY D 89 41.73 -24.97 41.21
N ASN D 90 41.80 -24.08 42.19
CA ASN D 90 40.76 -24.01 43.21
C ASN D 90 39.83 -22.83 42.97
N GLU D 91 39.95 -22.19 41.80
CA GLU D 91 39.07 -21.05 41.52
C GLU D 91 37.63 -21.57 41.43
N THR D 92 36.66 -20.72 41.70
CA THR D 92 35.27 -21.14 41.62
C THR D 92 34.98 -21.94 40.32
N GLN D 93 34.19 -23.01 40.43
CA GLN D 93 33.81 -23.79 39.25
C GLN D 93 32.79 -23.01 38.43
N GLN D 94 33.02 -22.90 37.12
CA GLN D 94 32.09 -22.16 36.27
C GLN D 94 31.31 -23.07 35.33
N THR D 95 30.07 -22.71 35.06
CA THR D 95 29.29 -23.47 34.11
C THR D 95 28.30 -22.58 33.36
N ARG D 96 28.17 -22.84 32.07
CA ARG D 96 27.24 -22.09 31.24
C ARG D 96 26.51 -23.07 30.35
N VAL D 97 25.30 -22.71 29.98
CA VAL D 97 24.58 -23.45 28.96
C VAL D 97 24.73 -22.60 27.69
N LEU D 98 25.44 -23.15 26.71
CA LEU D 98 25.73 -22.42 25.49
C LEU D 98 24.66 -22.67 24.47
N SER D 99 24.13 -21.61 23.87
CA SER D 99 23.20 -21.75 22.74
C SER D 99 23.90 -21.22 21.48
N SER D 100 23.17 -21.11 20.38
CA SER D 100 23.78 -20.76 19.09
C SER D 100 24.61 -19.51 19.19
N GLY D 101 25.86 -19.58 18.73
CA GLY D 101 26.75 -18.44 18.78
C GLY D 101 27.51 -18.24 20.08
N ASP D 102 27.20 -19.04 21.11
CA ASP D 102 27.93 -18.90 22.37
C ASP D 102 29.28 -19.59 22.31
N TYR D 103 30.20 -19.13 23.15
CA TYR D 103 31.57 -19.61 23.14
C TYR D 103 32.09 -19.88 24.54
N GLY D 104 32.81 -20.99 24.70
CA GLY D 104 33.44 -21.38 25.96
C GLY D 104 34.93 -21.68 25.73
N SER D 105 35.79 -21.03 26.51
CA SER D 105 37.24 -21.19 26.37
C SER D 105 37.77 -22.11 27.46
N VAL D 106 38.52 -23.14 27.07
CA VAL D 106 39.06 -24.09 28.05
C VAL D 106 40.57 -24.30 27.90
N PRO D 107 41.35 -23.43 28.53
CA PRO D 107 42.81 -23.56 28.53
C PRO D 107 43.38 -24.86 29.08
N ARG D 108 44.65 -25.10 28.78
CA ARG D 108 45.35 -26.24 29.33
C ARG D 108 45.16 -26.27 30.85
N ASN D 109 45.06 -27.50 31.37
CA ASN D 109 44.97 -27.75 32.81
C ASN D 109 43.69 -27.25 33.48
N VAL D 110 42.63 -27.14 32.69
CA VAL D 110 41.34 -26.75 33.22
C VAL D 110 40.44 -27.97 33.17
N THR D 111 39.92 -28.36 34.32
CA THR D 111 39.03 -29.51 34.36
C THR D 111 37.73 -29.14 33.65
N HIS D 112 37.20 -30.05 32.84
CA HIS D 112 35.96 -29.75 32.14
C HIS D 112 35.15 -30.99 31.76
N THR D 113 33.89 -30.72 31.44
CA THR D 113 32.97 -31.71 30.91
C THR D 113 31.81 -30.97 30.22
N PHE D 114 30.90 -31.71 29.60
CA PHE D 114 29.80 -31.11 28.87
C PHE D 114 28.65 -32.09 28.85
N GLN D 115 27.48 -31.58 28.44
CA GLN D 115 26.28 -32.39 28.33
C GLN D 115 25.41 -31.77 27.25
N ILE D 116 24.96 -32.59 26.31
CA ILE D 116 24.11 -32.10 25.22
C ILE D 116 22.67 -31.96 25.73
N GLN D 117 22.10 -30.77 25.51
CA GLN D 117 20.75 -30.41 25.93
C GLN D 117 19.69 -30.57 24.85
N ASP D 118 19.88 -29.93 23.68
CA ASP D 118 18.86 -29.92 22.62
C ASP D 118 19.06 -31.00 21.59
N PRO D 119 17.96 -31.40 20.94
CA PRO D 119 17.94 -32.46 19.94
C PRO D 119 18.78 -32.18 18.70
N ASP D 120 18.94 -30.93 18.28
CA ASP D 120 19.76 -30.66 17.10
C ASP D 120 20.99 -29.84 17.49
N THR D 121 21.85 -30.46 18.29
CA THR D 121 23.00 -29.74 18.82
C THR D 121 24.23 -30.02 18.01
N GLU D 122 24.96 -28.95 17.73
CA GLU D 122 26.21 -29.04 17.03
C GLU D 122 27.23 -28.21 17.82
N MET D 123 28.34 -28.85 18.18
CA MET D 123 29.45 -28.16 18.86
C MET D 123 30.58 -28.08 17.87
N THR D 124 31.10 -26.89 17.61
CA THR D 124 32.31 -26.80 16.80
C THR D 124 33.47 -26.70 17.78
N GLY D 125 34.38 -27.66 17.70
CA GLY D 125 35.52 -27.64 18.59
C GLY D 125 36.77 -27.19 17.87
N VAL D 126 37.51 -26.26 18.48
CA VAL D 126 38.81 -25.85 17.95
C VAL D 126 39.86 -26.21 19.00
N ILE D 127 40.77 -27.12 18.65
CA ILE D 127 41.80 -27.56 19.57
C ILE D 127 43.18 -27.18 19.08
N VAL D 128 44.03 -26.69 19.97
CA VAL D 128 45.37 -26.25 19.61
C VAL D 128 46.37 -26.89 20.58
N PRO D 129 47.43 -27.52 20.09
CA PRO D 129 47.69 -27.68 18.66
C PRO D 129 46.89 -28.85 18.10
N GLY D 130 47.07 -29.12 16.80
CA GLY D 130 46.32 -30.17 16.14
C GLY D 130 46.81 -31.57 16.47
N GLY D 131 45.99 -32.56 16.13
CA GLY D 131 46.37 -33.93 16.34
C GLY D 131 45.61 -34.63 17.47
N PHE D 132 45.00 -33.87 18.35
CA PHE D 132 44.23 -34.47 19.44
C PHE D 132 43.20 -35.48 18.95
N GLU D 133 42.67 -35.28 17.74
CA GLU D 133 41.60 -36.12 17.25
C GLU D 133 41.90 -37.64 17.28
N ASP D 134 43.17 -38.01 17.40
CA ASP D 134 43.52 -39.44 17.44
C ASP D 134 42.71 -40.16 18.51
N LEU D 135 42.49 -39.49 19.63
CA LEU D 135 41.69 -40.02 20.73
C LEU D 135 40.30 -40.44 20.23
N PHE D 136 39.66 -39.59 19.44
CA PHE D 136 38.33 -39.92 18.96
C PHE D 136 38.37 -41.13 18.01
N TYR D 137 39.45 -41.24 17.22
CA TYR D 137 39.59 -42.42 16.36
C TYR D 137 39.69 -43.66 17.24
N TYR D 138 40.52 -43.55 18.26
CA TYR D 138 40.81 -44.67 19.17
C TYR D 138 39.58 -45.11 19.94
N LEU D 139 38.98 -44.21 20.70
CA LEU D 139 37.81 -44.55 21.51
C LEU D 139 36.50 -44.67 20.73
N GLY D 140 36.44 -44.06 19.56
CA GLY D 140 35.20 -44.02 18.78
C GLY D 140 35.00 -45.21 17.87
N THR D 141 33.83 -45.31 17.27
CA THR D 141 33.55 -46.39 16.33
C THR D 141 33.38 -45.75 14.96
N ASN D 142 34.08 -46.27 13.96
CA ASN D 142 33.97 -45.69 12.63
C ASN D 142 32.53 -45.58 12.13
N ALA D 143 32.23 -44.49 11.40
CA ALA D 143 30.89 -44.31 10.83
C ALA D 143 30.97 -44.04 9.34
N THR D 144 30.42 -44.96 8.55
CA THR D 144 30.33 -44.77 7.13
C THR D 144 29.38 -43.59 6.82
N ASP D 145 28.25 -43.56 7.50
CA ASP D 145 27.24 -42.47 7.35
C ASP D 145 26.99 -42.07 5.89
N THR D 146 26.54 -43.04 5.10
CA THR D 146 26.30 -42.86 3.68
C THR D 146 25.47 -41.63 3.32
N THR D 147 24.36 -41.41 4.03
CA THR D 147 23.50 -40.28 3.72
C THR D 147 24.00 -38.91 4.20
N HIS D 148 25.10 -38.88 4.94
CA HIS D 148 25.63 -37.64 5.51
C HIS D 148 24.69 -37.01 6.55
N THR D 149 23.90 -37.84 7.21
CA THR D 149 23.01 -37.35 8.23
C THR D 149 23.85 -36.78 9.39
N PRO D 150 23.42 -35.65 9.97
CA PRO D 150 24.18 -35.03 11.06
C PRO D 150 24.63 -36.01 12.15
N TYR D 151 23.72 -36.84 12.63
CA TYR D 151 24.10 -37.86 13.59
C TYR D 151 23.14 -39.01 13.43
N ILE D 152 23.48 -40.17 13.98
CA ILE D 152 22.68 -41.36 13.77
C ILE D 152 21.44 -41.26 14.64
N PRO D 153 20.27 -41.43 14.04
CA PRO D 153 19.04 -41.37 14.82
C PRO D 153 18.93 -42.65 15.67
N SER D 170 41.19 -43.03 32.57
CA SER D 170 42.37 -43.03 33.43
C SER D 170 43.53 -43.75 32.72
N THR D 171 43.30 -44.10 31.47
CA THR D 171 44.25 -44.92 30.72
C THR D 171 44.81 -44.19 29.49
N LEU D 172 44.22 -43.02 29.24
CA LEU D 172 44.48 -42.20 28.07
C LEU D 172 45.48 -41.06 28.28
N GLN D 173 46.43 -41.24 29.22
CA GLN D 173 47.42 -40.19 29.44
C GLN D 173 48.19 -39.98 28.15
N SER D 174 48.42 -41.07 27.44
CA SER D 174 49.09 -41.06 26.14
C SER D 174 48.43 -40.10 25.15
N PHE D 175 47.11 -39.98 25.26
CA PHE D 175 46.31 -39.11 24.41
C PHE D 175 46.08 -37.73 25.02
N ASP D 176 46.88 -37.37 26.02
CA ASP D 176 46.69 -36.11 26.72
C ASP D 176 45.31 -36.01 27.34
N VAL D 177 44.82 -37.09 27.92
CA VAL D 177 43.56 -37.06 28.66
C VAL D 177 43.87 -37.53 30.08
N TYR D 178 43.62 -36.65 31.06
CA TYR D 178 43.91 -36.95 32.45
C TYR D 178 42.63 -36.86 33.24
N ALA D 179 42.24 -37.98 33.83
CA ALA D 179 41.00 -38.06 34.57
C ALA D 179 40.97 -37.15 35.80
N GLU D 180 39.77 -36.71 36.15
CA GLU D 180 39.51 -35.90 37.33
C GLU D 180 38.25 -36.48 37.94
N LEU D 181 38.42 -37.61 38.61
CA LEU D 181 37.30 -38.34 39.14
C LEU D 181 36.70 -37.70 40.38
N SER D 182 37.47 -36.84 41.05
CA SER D 182 36.96 -36.16 42.24
C SER D 182 35.98 -35.02 41.88
N PHE D 183 36.22 -34.40 40.72
CA PHE D 183 35.43 -33.26 40.22
C PHE D 183 33.94 -33.54 40.12
N THR D 184 33.13 -32.71 40.76
CA THR D 184 31.68 -32.86 40.70
C THR D 184 31.10 -31.64 39.98
N PRO D 185 30.45 -31.86 38.84
CA PRO D 185 29.82 -30.77 38.07
C PRO D 185 28.72 -30.12 38.88
N ARG D 186 28.80 -28.81 39.12
CA ARG D 186 27.82 -28.16 39.97
C ARG D 186 26.43 -28.30 39.38
N THR D 187 25.44 -28.27 40.26
CA THR D 187 24.07 -28.56 39.91
C THR D 187 23.09 -27.45 40.34
N ASP D 188 23.61 -26.24 40.54
CA ASP D 188 22.78 -25.10 40.91
C ASP D 188 22.59 -24.12 39.75
N THR D 189 22.69 -24.65 38.52
CA THR D 189 22.51 -23.84 37.33
C THR D 189 21.13 -23.19 37.34
N VAL D 190 21.08 -21.89 37.11
CA VAL D 190 19.82 -21.17 36.97
C VAL D 190 19.99 -20.20 35.83
N ASN D 191 19.00 -20.15 34.92
CA ASN D 191 19.08 -19.26 33.78
C ASN D 191 20.33 -19.53 32.91
N GLY D 192 20.73 -20.80 32.81
CA GLY D 192 21.87 -21.21 31.98
C GLY D 192 23.27 -20.87 32.49
N THR D 193 23.40 -20.63 33.80
CA THR D 193 24.70 -20.27 34.37
C THR D 193 24.79 -20.52 35.87
N ALA D 194 26.03 -20.57 36.35
CA ALA D 194 26.35 -20.72 37.77
C ALA D 194 27.85 -20.49 37.84
N PRO D 195 28.34 -19.91 38.94
CA PRO D 195 27.51 -19.46 40.06
C PRO D 195 26.62 -18.28 39.68
N ALA D 196 25.89 -17.77 40.65
CA ALA D 196 24.92 -16.70 40.44
C ALA D 196 25.52 -15.35 40.05
N ASN D 197 26.70 -15.01 40.58
CA ASN D 197 27.30 -13.73 40.25
C ASN D 197 28.09 -13.79 38.93
N THR D 198 27.42 -14.19 37.86
CA THR D 198 28.00 -14.21 36.54
C THR D 198 27.04 -13.54 35.60
N VAL D 199 27.53 -13.24 34.40
CA VAL D 199 26.73 -12.59 33.39
C VAL D 199 26.62 -13.52 32.20
N TRP D 200 25.41 -13.95 31.86
CA TRP D 200 25.24 -14.86 30.73
C TRP D 200 24.01 -14.47 29.94
N HIS D 201 24.25 -13.78 28.83
CA HIS D 201 23.19 -13.28 27.97
C HIS D 201 22.40 -12.14 28.60
N THR D 202 22.95 -11.50 29.64
CA THR D 202 22.26 -10.40 30.29
C THR D 202 23.13 -9.17 30.42
N GLY D 203 24.31 -9.22 29.83
CA GLY D 203 25.24 -8.10 29.96
C GLY D 203 26.51 -8.52 29.26
N ALA D 204 27.47 -7.60 29.16
CA ALA D 204 28.68 -7.89 28.41
C ALA D 204 29.57 -8.90 29.11
N ASN D 205 30.33 -9.66 28.33
CA ASN D 205 31.30 -10.61 28.85
C ASN D 205 32.69 -10.16 28.44
N ALA D 206 33.69 -10.39 29.29
CA ALA D 206 35.06 -10.05 28.91
C ALA D 206 35.90 -11.31 28.75
N LEU D 207 36.96 -11.21 27.95
CA LEU D 207 37.92 -12.30 27.84
C LEU D 207 38.68 -12.30 29.16
N ALA D 208 38.94 -13.48 29.73
CA ALA D 208 39.73 -13.54 30.96
C ALA D 208 41.02 -12.76 30.81
N SER D 209 41.38 -12.00 31.82
CA SER D 209 42.64 -11.27 31.76
C SER D 209 43.74 -12.16 32.36
N THR D 210 43.32 -13.22 33.04
CA THR D 210 44.26 -14.13 33.68
C THR D 210 44.45 -15.39 32.82
N ALA D 211 45.66 -15.64 32.38
CA ALA D 211 45.92 -16.82 31.54
C ALA D 211 45.68 -18.10 32.34
N GLY D 212 45.16 -19.13 31.68
CA GLY D 212 44.89 -20.39 32.35
C GLY D 212 43.48 -20.52 32.93
N ASP D 213 42.73 -19.42 32.93
CA ASP D 213 41.37 -19.45 33.46
C ASP D 213 40.39 -19.64 32.33
N PRO D 214 39.37 -20.44 32.56
CA PRO D 214 38.32 -20.64 31.56
C PRO D 214 37.44 -19.40 31.52
N TYR D 215 36.73 -19.16 30.42
CA TYR D 215 35.81 -18.02 30.34
C TYR D 215 34.81 -18.25 29.23
N PHE D 216 33.68 -17.54 29.32
CA PHE D 216 32.62 -17.71 28.34
C PHE D 216 32.15 -16.39 27.80
N ILE D 217 31.82 -16.40 26.52
CA ILE D 217 31.31 -15.23 25.82
C ILE D 217 30.00 -15.58 25.15
N ALA D 218 28.92 -14.97 25.62
CA ALA D 218 27.60 -15.16 25.02
C ALA D 218 27.53 -14.42 23.68
N ASN D 219 26.83 -15.04 22.72
CA ASN D 219 26.73 -14.53 21.36
C ASN D 219 26.43 -13.04 21.31
N GLY D 220 27.37 -12.25 20.81
CA GLY D 220 27.15 -10.83 20.65
C GLY D 220 27.50 -9.98 21.86
N TRP D 221 27.77 -10.64 22.99
CA TRP D 221 28.04 -9.93 24.25
C TRP D 221 29.52 -9.63 24.55
N GLY D 222 30.45 -10.05 23.70
CA GLY D 222 31.84 -9.76 23.96
C GLY D 222 32.35 -8.52 23.26
N PRO D 223 33.62 -8.17 23.48
CA PRO D 223 34.22 -7.01 22.82
C PRO D 223 34.20 -7.20 21.31
N LYS D 224 34.04 -6.10 20.59
CA LYS D 224 33.98 -6.17 19.16
C LYS D 224 34.75 -5.02 18.59
N TYR D 225 35.27 -5.19 17.37
CA TYR D 225 36.01 -4.14 16.69
C TYR D 225 35.51 -3.99 15.25
N LEU D 226 35.30 -2.76 14.84
CA LEU D 226 34.89 -2.45 13.49
C LEU D 226 36.09 -2.18 12.60
N ASN D 227 36.20 -2.86 11.47
CA ASN D 227 37.23 -2.53 10.49
C ASN D 227 36.52 -2.03 9.25
N SER D 228 36.95 -0.87 8.78
CA SER D 228 36.33 -0.22 7.63
C SER D 228 37.29 -0.08 6.44
N GLN D 229 38.34 -0.90 6.42
CA GLN D 229 39.34 -0.80 5.37
C GLN D 229 38.92 -1.46 4.05
N TYR D 230 38.11 -2.51 4.14
CA TYR D 230 37.66 -3.23 2.96
C TYR D 230 36.20 -3.56 3.10
N GLY D 231 35.37 -2.54 3.06
CA GLY D 231 33.98 -2.70 3.38
C GLY D 231 33.98 -2.79 4.90
N TYR D 232 32.87 -3.22 5.50
CA TYR D 232 32.83 -3.31 6.95
C TYR D 232 33.03 -4.72 7.42
N GLN D 233 33.86 -4.87 8.44
CA GLN D 233 34.08 -6.17 9.07
C GLN D 233 34.10 -5.98 10.57
N ILE D 234 33.40 -6.87 11.27
CA ILE D 234 33.35 -6.80 12.73
C ILE D 234 33.98 -8.06 13.26
N VAL D 235 35.08 -7.90 14.03
CA VAL D 235 35.76 -9.03 14.63
C VAL D 235 35.37 -9.15 16.10
N ALA D 236 34.91 -10.32 16.51
CA ALA D 236 34.61 -10.51 17.93
C ALA D 236 35.63 -11.49 18.47
N PRO D 237 36.69 -10.97 19.09
CA PRO D 237 37.76 -11.82 19.61
C PRO D 237 37.28 -12.82 20.68
N PHE D 238 37.81 -14.03 20.59
CA PHE D 238 37.53 -15.09 21.55
C PHE D 238 38.81 -15.48 22.30
N VAL D 239 39.91 -15.58 21.54
CA VAL D 239 41.22 -15.87 22.09
C VAL D 239 42.28 -14.94 21.48
N THR D 240 43.02 -14.23 22.32
CA THR D 240 44.10 -13.38 21.82
C THR D 240 45.37 -13.89 22.46
N ALA D 241 46.49 -13.20 22.21
CA ALA D 241 47.77 -13.59 22.76
C ALA D 241 47.70 -13.73 24.27
N THR D 242 47.02 -12.78 24.89
CA THR D 242 46.85 -12.76 26.34
C THR D 242 46.42 -14.13 26.83
N GLN D 243 45.43 -14.75 26.19
CA GLN D 243 44.98 -16.06 26.63
C GLN D 243 45.79 -17.24 26.07
N ALA D 244 46.19 -17.14 24.80
CA ALA D 244 46.87 -18.27 24.13
C ALA D 244 48.29 -18.48 24.63
N GLN D 245 48.92 -17.39 25.07
CA GLN D 245 50.31 -17.43 25.44
C GLN D 245 51.07 -18.31 24.46
N ASP D 246 51.78 -19.30 24.98
CA ASP D 246 52.63 -20.11 24.14
C ASP D 246 51.91 -21.01 23.11
N THR D 247 50.60 -21.20 23.25
CA THR D 247 49.89 -21.96 22.23
C THR D 247 49.85 -21.16 20.94
N ASN D 248 50.03 -19.84 21.03
CA ASN D 248 50.34 -19.05 19.84
C ASN D 248 49.28 -19.13 18.73
N TYR D 249 48.09 -18.60 19.01
CA TYR D 249 46.99 -18.60 18.05
C TYR D 249 45.95 -17.56 18.44
N THR D 250 45.04 -17.25 17.50
CA THR D 250 43.92 -16.38 17.81
C THR D 250 42.66 -17.07 17.31
N LEU D 251 41.53 -16.67 17.87
CA LEU D 251 40.24 -17.27 17.51
C LEU D 251 39.19 -16.19 17.68
N SER D 252 38.26 -16.10 16.74
CA SER D 252 37.22 -15.09 16.80
C SER D 252 36.15 -15.38 15.79
N THR D 253 35.12 -14.53 15.77
CA THR D 253 34.19 -14.51 14.65
C THR D 253 34.51 -13.23 13.85
N ILE D 254 34.30 -13.30 12.55
CA ILE D 254 34.43 -12.13 11.71
C ILE D 254 33.12 -11.99 10.96
N SER D 255 32.42 -10.88 11.18
CA SER D 255 31.21 -10.57 10.48
C SER D 255 31.60 -9.67 9.34
N MET D 256 30.97 -9.85 8.18
CA MET D 256 31.33 -9.11 6.98
C MET D 256 30.16 -8.52 6.21
N SER D 257 30.36 -7.30 5.72
CA SER D 257 29.42 -6.69 4.82
C SER D 257 29.86 -7.14 3.44
N THR D 258 29.16 -6.66 2.42
CA THR D 258 29.62 -6.90 1.06
C THR D 258 30.77 -5.94 0.81
N THR D 259 31.48 -6.17 -0.28
CA THR D 259 32.57 -5.27 -0.63
C THR D 259 32.07 -4.33 -1.69
N PRO D 260 32.10 -3.03 -1.40
CA PRO D 260 31.60 -2.04 -2.34
C PRO D 260 32.42 -2.14 -3.60
N SER D 261 31.81 -1.81 -4.73
CA SER D 261 32.44 -1.94 -6.05
C SER D 261 33.65 -1.05 -6.25
N THR D 262 33.84 -0.11 -5.34
CA THR D 262 34.93 0.85 -5.45
C THR D 262 36.09 0.45 -4.56
N VAL D 263 35.95 -0.71 -3.94
CA VAL D 263 37.00 -1.23 -3.07
C VAL D 263 37.56 -2.50 -3.68
N THR D 264 38.88 -2.62 -3.73
CA THR D 264 39.44 -3.86 -4.20
C THR D 264 39.46 -4.81 -3.01
N VAL D 265 39.06 -6.06 -3.21
CA VAL D 265 39.12 -7.05 -2.15
C VAL D 265 40.58 -7.36 -1.93
N PRO D 266 41.09 -7.22 -0.71
CA PRO D 266 42.53 -7.40 -0.49
C PRO D 266 43.00 -8.85 -0.64
N THR D 267 44.28 -9.02 -0.90
CA THR D 267 44.87 -10.36 -0.95
C THR D 267 45.66 -10.53 0.35
N TRP D 268 45.45 -11.63 1.05
CA TRP D 268 46.17 -11.82 2.31
C TRP D 268 47.17 -12.94 2.25
N SER D 269 48.13 -12.90 3.18
CA SER D 269 49.12 -13.95 3.35
C SER D 269 49.65 -13.85 4.78
N PHE D 270 49.76 -14.98 5.46
CA PHE D 270 50.22 -14.97 6.84
C PHE D 270 51.11 -16.18 7.01
N PRO D 271 52.07 -16.08 7.93
CA PRO D 271 53.03 -17.15 8.16
C PRO D 271 52.34 -18.40 8.67
N GLY D 272 51.37 -18.22 9.56
CA GLY D 272 50.68 -19.35 10.14
C GLY D 272 49.44 -19.78 9.37
N ALA D 273 49.18 -21.07 9.41
CA ALA D 273 47.97 -21.59 8.80
C ALA D 273 46.73 -20.92 9.43
N CYS D 274 45.63 -20.85 8.68
CA CYS D 274 44.39 -20.35 9.26
C CYS D 274 43.19 -21.03 8.62
N ALA D 275 42.03 -20.92 9.26
CA ALA D 275 40.84 -21.53 8.72
C ALA D 275 39.58 -20.82 9.20
N PHE D 276 38.46 -21.08 8.53
CA PHE D 276 37.21 -20.53 9.02
C PHE D 276 36.04 -21.42 8.63
N GLN D 277 35.04 -21.45 9.51
CA GLN D 277 33.79 -22.14 9.27
C GLN D 277 32.70 -21.06 9.16
N VAL D 278 31.95 -21.08 8.08
CA VAL D 278 30.87 -20.12 7.93
C VAL D 278 29.76 -20.49 8.91
N GLN D 279 29.26 -19.51 9.66
CA GLN D 279 28.16 -19.74 10.59
C GLN D 279 26.87 -19.26 9.98
N GLU D 280 26.95 -18.12 9.29
CA GLU D 280 25.79 -17.52 8.65
C GLU D 280 26.25 -16.79 7.42
N GLY D 281 25.47 -16.84 6.35
CA GLY D 281 25.80 -16.12 5.14
C GLY D 281 26.42 -16.96 4.04
N ARG D 282 26.97 -16.26 3.06
CA ARG D 282 27.58 -16.86 1.87
C ARG D 282 28.92 -16.17 1.63
N VAL D 283 30.00 -16.91 1.84
CA VAL D 283 31.32 -16.35 1.68
C VAL D 283 32.09 -17.00 0.53
N VAL D 284 32.70 -16.15 -0.29
CA VAL D 284 33.50 -16.64 -1.41
C VAL D 284 34.96 -16.58 -1.00
N VAL D 285 35.66 -17.68 -1.21
CA VAL D 285 37.06 -17.73 -0.87
C VAL D 285 37.81 -18.16 -2.11
N GLN D 286 38.99 -17.59 -2.31
CA GLN D 286 39.89 -17.94 -3.42
C GLN D 286 41.29 -18.10 -2.78
N ILE D 287 41.83 -19.32 -2.86
CA ILE D 287 43.07 -19.65 -2.20
C ILE D 287 44.08 -20.17 -3.22
N GLY D 288 45.26 -19.53 -3.26
CA GLY D 288 46.29 -19.95 -4.19
C GLY D 288 45.83 -19.88 -5.63
N ASP D 289 46.08 -20.94 -6.37
CA ASP D 289 45.72 -20.98 -7.79
C ASP D 289 44.45 -21.80 -8.00
N TYR D 290 43.69 -21.99 -6.93
CA TYR D 290 42.45 -22.74 -6.99
C TYR D 290 41.32 -21.82 -7.40
N ALA D 291 40.27 -22.40 -7.96
CA ALA D 291 39.09 -21.64 -8.35
C ALA D 291 38.39 -21.09 -7.11
N ALA D 292 37.78 -19.92 -7.27
CA ALA D 292 36.99 -19.30 -6.22
C ALA D 292 35.77 -20.19 -5.92
N THR D 293 35.40 -20.29 -4.65
CA THR D 293 34.32 -21.17 -4.26
C THR D 293 33.47 -20.50 -3.21
N GLU D 294 32.16 -20.61 -3.35
CA GLU D 294 31.27 -20.00 -2.38
C GLU D 294 30.87 -21.02 -1.29
N LEU D 295 31.04 -20.62 -0.04
CA LEU D 295 30.78 -21.45 1.13
C LEU D 295 29.49 -21.02 1.78
N GLY D 296 28.75 -21.99 2.33
CA GLY D 296 27.53 -21.73 3.06
C GLY D 296 27.62 -22.24 4.50
N SER D 297 26.49 -22.38 5.16
CA SER D 297 26.53 -22.72 6.58
C SER D 297 27.33 -23.96 6.94
N GLY D 298 28.24 -23.79 7.89
CA GLY D 298 29.04 -24.90 8.37
C GLY D 298 30.18 -25.31 7.47
N ASP D 299 30.24 -24.76 6.27
CA ASP D 299 31.33 -25.06 5.35
C ASP D 299 32.64 -24.52 5.91
N VAL D 300 33.74 -25.23 5.66
CA VAL D 300 35.03 -24.82 6.19
C VAL D 300 36.09 -24.65 5.10
N ALA D 301 36.92 -23.63 5.28
CA ALA D 301 38.01 -23.33 4.37
C ALA D 301 39.32 -23.34 5.13
N PHE D 302 40.33 -23.98 4.55
CA PHE D 302 41.62 -24.04 5.20
C PHE D 302 42.69 -23.47 4.29
N ILE D 303 43.48 -22.56 4.84
CA ILE D 303 44.53 -21.87 4.10
C ILE D 303 45.87 -22.09 4.77
N PRO D 304 46.78 -22.80 4.11
CA PRO D 304 48.11 -23.04 4.65
C PRO D 304 48.85 -21.72 4.88
N GLY D 305 49.81 -21.71 5.79
CA GLY D 305 50.59 -20.52 6.03
C GLY D 305 51.38 -20.17 4.79
N GLY D 306 51.48 -18.87 4.50
CA GLY D 306 52.25 -18.39 3.36
C GLY D 306 51.54 -18.47 2.02
N VAL D 307 50.28 -18.92 2.04
CA VAL D 307 49.52 -19.03 0.80
C VAL D 307 48.56 -17.85 0.64
N GLU D 308 48.59 -17.20 -0.52
CA GLU D 308 47.72 -16.05 -0.78
C GLU D 308 46.25 -16.41 -0.87
N PHE D 309 45.41 -15.60 -0.24
CA PHE D 309 43.97 -15.82 -0.32
C PHE D 309 43.19 -14.53 -0.31
N LYS D 310 42.03 -14.58 -0.94
CA LYS D 310 41.08 -13.48 -0.97
C LYS D 310 39.77 -14.06 -0.49
N TYR D 311 38.96 -13.25 0.16
CA TYR D 311 37.64 -13.68 0.58
C TYR D 311 36.75 -12.46 0.62
N TYR D 312 35.47 -12.65 0.34
CA TYR D 312 34.47 -11.59 0.40
C TYR D 312 33.10 -12.20 0.60
N SER D 313 32.18 -11.41 1.10
CA SER D 313 30.84 -11.90 1.34
C SER D 313 29.92 -11.54 0.18
N GLU D 314 29.26 -12.54 -0.36
CA GLU D 314 28.25 -12.34 -1.38
C GLU D 314 26.94 -12.02 -0.67
N ALA D 315 26.77 -12.54 0.53
CA ALA D 315 25.57 -12.23 1.30
C ALA D 315 25.74 -10.84 1.88
N TYR D 316 24.63 -10.14 2.12
CA TYR D 316 24.68 -8.78 2.62
C TYR D 316 25.28 -8.74 4.01
N PHE D 317 25.32 -9.90 4.66
CA PHE D 317 25.94 -10.04 5.98
C PHE D 317 26.29 -11.50 6.16
N SER D 318 27.55 -11.76 6.47
CA SER D 318 28.00 -13.10 6.76
C SER D 318 28.74 -13.07 8.08
N LYS D 319 28.87 -14.23 8.70
CA LYS D 319 29.62 -14.35 9.94
C LYS D 319 30.36 -15.69 9.96
N VAL D 320 31.66 -15.65 10.19
CA VAL D 320 32.44 -16.88 10.24
C VAL D 320 33.17 -17.06 11.58
N LEU D 321 33.46 -18.33 11.91
CA LEU D 321 34.29 -18.63 13.05
C LEU D 321 35.70 -18.78 12.48
N PHE D 322 36.63 -18.00 13.00
CA PHE D 322 37.96 -17.94 12.43
C PHE D 322 39.08 -18.33 13.37
N VAL D 323 39.97 -19.21 12.92
CA VAL D 323 41.11 -19.60 13.74
C VAL D 323 42.41 -19.41 12.99
N SER D 324 43.44 -18.91 13.68
CA SER D 324 44.72 -18.69 13.03
C SER D 324 45.89 -19.04 13.91
N SER D 325 46.85 -19.72 13.30
CA SER D 325 48.08 -20.05 13.97
C SER D 325 49.02 -18.84 13.86
N GLY D 326 49.52 -18.40 15.01
CA GLY D 326 50.36 -17.22 15.08
C GLY D 326 49.69 -16.18 15.95
N SER D 327 50.40 -15.10 16.24
CA SER D 327 49.84 -14.07 17.11
C SER D 327 49.27 -12.92 16.28
N ASP D 328 49.61 -12.90 15.00
CA ASP D 328 49.19 -11.81 14.12
C ASP D 328 48.52 -12.19 12.81
N GLY D 329 47.54 -13.09 12.85
CA GLY D 329 46.80 -13.47 11.65
C GLY D 329 45.69 -12.49 11.30
N LEU D 330 44.88 -12.86 10.30
CA LEU D 330 43.77 -12.03 9.82
C LEU D 330 42.93 -11.28 10.85
N ASP D 331 42.47 -11.98 11.89
CA ASP D 331 41.60 -11.32 12.84
C ASP D 331 42.34 -10.25 13.64
N GLN D 332 43.53 -10.55 14.10
CA GLN D 332 44.30 -9.55 14.84
C GLN D 332 44.63 -8.39 13.91
N ASN D 333 44.90 -8.68 12.64
CA ASN D 333 45.18 -7.61 11.70
C ASN D 333 44.00 -6.65 11.49
N LEU D 334 42.80 -7.20 11.40
CA LEU D 334 41.61 -6.37 11.21
C LEU D 334 41.32 -5.55 12.48
N VAL D 335 41.51 -6.15 13.64
CA VAL D 335 41.32 -5.44 14.90
C VAL D 335 42.31 -4.26 14.95
N ASN D 336 43.59 -4.55 14.71
CA ASN D 336 44.63 -3.53 14.75
C ASN D 336 44.39 -2.34 13.81
N GLY D 337 43.81 -2.62 12.65
CA GLY D 337 43.56 -1.57 11.68
C GLY D 337 42.16 -1.01 11.88
N GLY D 338 41.52 -1.46 12.95
CA GLY D 338 40.14 -1.10 13.26
C GLY D 338 39.94 -0.31 14.55
N GLU D 339 38.70 -0.29 15.04
CA GLU D 339 38.36 0.51 16.20
C GLU D 339 37.40 -0.26 17.11
N GLU D 340 37.32 0.12 18.37
CA GLU D 340 36.37 -0.53 19.27
C GLU D 340 34.99 -0.22 18.76
N TRP D 341 34.11 -1.22 18.75
CA TRP D 341 32.77 -1.06 18.20
C TRP D 341 31.73 -1.67 19.13
N SER D 342 30.60 -0.97 19.33
CA SER D 342 29.61 -1.43 20.29
C SER D 342 28.48 -2.26 19.73
N SER D 343 28.40 -2.43 18.43
CA SER D 343 27.25 -3.17 17.92
C SER D 343 27.66 -4.38 17.13
N VAL D 344 26.76 -5.36 17.03
CA VAL D 344 26.96 -6.52 16.16
C VAL D 344 26.62 -6.18 14.72
N SER D 345 26.00 -5.03 14.51
CA SER D 345 25.71 -4.57 13.15
C SER D 345 26.71 -3.50 12.72
N PHE D 346 26.98 -3.39 11.42
CA PHE D 346 27.87 -2.35 10.93
C PHE D 346 27.09 -1.09 10.53
N PRO D 347 27.78 0.02 10.28
CA PRO D 347 27.10 1.26 9.91
C PRO D 347 26.24 1.13 8.65
N ALA D 348 25.17 1.92 8.60
CA ALA D 348 24.23 1.88 7.49
C ALA D 348 24.74 2.56 6.24
N ASP D 349 25.80 3.36 6.41
CA ASP D 349 26.39 4.12 5.32
C ASP D 349 27.86 3.77 5.17
N TRP D 350 28.34 3.69 3.92
CA TRP D 350 29.74 3.37 3.66
C TRP D 350 30.65 4.51 4.12
C1 NAG E . -25.89 7.17 -32.06
C2 NAG E . -25.59 6.59 -33.46
C3 NAG E . -25.18 5.13 -33.39
C4 NAG E . -23.97 4.98 -32.46
C5 NAG E . -24.29 5.66 -31.13
C6 NAG E . -23.05 5.62 -30.22
C7 NAG E . -26.79 7.68 -35.24
C8 NAG E . -27.85 7.57 -36.31
N2 NAG E . -26.71 6.68 -34.38
O3 NAG E . -24.90 4.73 -34.71
O4 NAG E . -23.71 3.61 -32.17
O5 NAG E . -24.73 6.99 -31.27
O6 NAG E . -23.49 5.92 -28.92
O7 NAG E . -26.04 8.66 -35.18
C1 NAG E . -22.63 3.04 -32.96
C2 NAG E . -21.99 1.86 -32.25
C3 NAG E . -20.85 1.25 -33.09
C4 NAG E . -21.26 1.02 -34.55
C5 NAG E . -22.00 2.25 -35.07
C6 NAG E . -22.52 2.02 -36.49
C7 NAG E . -21.99 1.86 -29.82
C8 NAG E . -21.25 2.31 -28.59
N2 NAG E . -21.42 2.21 -30.97
O3 NAG E . -20.47 0.04 -32.48
O4 NAG E . -20.09 0.79 -35.31
O5 NAG E . -23.07 2.58 -34.22
O6 NAG E . -23.53 1.03 -36.43
O7 NAG E . -23.05 1.23 -29.75
C1 MAN E . -20.10 -0.53 -35.91
C2 MAN E . -19.15 -0.55 -37.09
C3 MAN E . -19.13 -1.95 -37.75
C4 MAN E . -19.08 -3.08 -36.71
C5 MAN E . -20.04 -2.82 -35.55
C6 MAN E . -19.89 -3.90 -34.48
O2 MAN E . -17.87 -0.14 -36.65
O3 MAN E . -18.06 -2.10 -38.68
O4 MAN E . -19.43 -4.29 -37.35
O5 MAN E . -19.77 -1.55 -35.00
O6 MAN E . -18.59 -3.84 -33.92
C1 NAG F . 16.77 -24.70 35.58
C2 NAG F . 16.07 -25.54 36.65
C3 NAG F . 17.01 -26.46 37.41
C4 NAG F . 18.09 -27.11 36.54
C5 NAG F . 18.65 -26.12 35.55
C6 NAG F . 19.55 -26.86 34.56
C7 NAG F . 14.11 -24.56 37.70
C8 NAG F . 13.57 -23.77 38.87
N2 NAG F . 15.43 -24.66 37.60
O3 NAG F . 16.24 -27.44 38.08
O4 NAG F . 19.20 -27.55 37.30
O5 NAG F . 17.60 -25.54 34.82
O6 NAG F . 20.07 -25.91 33.65
O7 NAG F . 13.35 -25.07 36.89
C1 NAG F . 19.11 -28.95 37.62
C2 NAG F . 20.51 -29.55 37.72
C3 NAG F . 20.44 -31.03 38.10
C4 NAG F . 19.48 -31.25 39.26
C5 NAG F . 18.18 -30.49 39.06
C6 NAG F . 17.29 -30.60 40.30
C7 NAG F . 22.21 -28.55 36.35
C8 NAG F . 23.02 -28.68 35.09
N2 NAG F . 21.23 -29.42 36.48
O3 NAG F . 21.71 -31.45 38.51
O4 NAG F . 19.24 -32.63 39.38
O5 NAG F . 18.50 -29.13 38.86
O6 NAG F . 17.93 -29.94 41.37
O7 NAG F . 22.46 -27.67 37.17
C1 MAN F . 19.61 -32.96 40.74
C2 MAN F . 19.14 -34.37 41.09
C3 MAN F . 19.64 -34.80 42.46
C4 MAN F . 21.09 -34.41 42.76
C5 MAN F . 21.33 -32.96 42.36
C6 MAN F . 22.77 -32.58 42.65
O2 MAN F . 19.49 -35.30 40.07
O3 MAN F . 19.56 -36.19 42.60
O4 MAN F . 21.39 -34.59 44.13
O5 MAN F . 21.00 -32.79 41.00
O6 MAN F . 23.66 -33.61 42.23
C1 MAN F . 18.42 -36.44 43.44
C2 MAN F . 18.45 -37.90 43.87
C3 MAN F . 18.09 -38.76 42.65
C4 MAN F . 16.76 -38.31 42.11
C5 MAN F . 16.95 -36.87 41.65
C6 MAN F . 15.74 -36.35 40.87
O2 MAN F . 17.57 -38.10 44.95
O3 MAN F . 18.08 -40.15 42.94
O4 MAN F . 16.40 -39.14 41.02
O5 MAN F . 17.21 -36.09 42.80
O6 MAN F . 14.81 -35.76 41.76
C1 NAG G . -33.77 9.36 -29.62
C2 NAG G . -35.02 8.60 -30.05
C3 NAG G . -35.98 9.50 -30.87
C4 NAG G . -36.26 10.79 -30.10
C5 NAG G . -34.94 11.42 -29.65
C6 NAG G . -35.17 12.63 -28.76
C7 NAG G . -35.01 6.20 -30.49
C8 NAG G . -34.95 5.15 -31.56
N2 NAG G . -34.60 7.44 -30.80
O3 NAG G . -37.20 8.83 -31.13
O4 NAG G . -36.92 11.73 -30.93
O5 NAG G . -34.18 10.50 -28.91
O6 NAG G . -33.98 13.40 -28.70
O7 NAG G . -35.44 5.93 -29.38
C1 NAG G . -38.34 11.73 -30.78
C2 NAG G . -38.84 13.10 -31.21
C3 NAG G . -40.34 13.18 -31.12
C4 NAG G . -41.00 12.06 -31.91
C5 NAG G . -40.37 10.72 -31.50
C6 NAG G . -40.92 9.55 -32.33
C7 NAG G . -37.38 15.04 -30.80
C8 NAG G . -37.08 16.15 -29.84
N2 NAG G . -38.29 14.17 -30.39
O3 NAG G . -40.75 14.45 -31.57
O4 NAG G . -42.35 12.02 -31.54
O5 NAG G . -38.96 10.77 -31.60
O6 NAG G . -40.44 9.59 -33.67
O7 NAG G . -36.80 14.99 -31.89
C1 MAN G . -43.22 12.06 -32.67
C2 MAN G . -44.62 11.72 -32.15
C3 MAN G . -45.68 11.79 -33.24
C4 MAN G . -45.46 12.96 -34.20
C5 MAN G . -43.99 13.27 -34.48
C6 MAN G . -43.91 14.62 -35.16
O2 MAN G . -44.96 12.59 -31.11
O3 MAN G . -46.97 11.90 -32.65
O4 MAN G . -46.13 12.67 -35.41
O5 MAN G . -43.26 13.32 -33.27
O6 MAN G . -44.49 15.54 -34.29
C1 MAN G . -44.34 16.87 -34.81
C2 MAN G . -44.55 17.82 -33.64
C3 MAN G . -45.96 17.56 -33.09
C4 MAN G . -46.97 17.78 -34.21
C5 MAN G . -46.62 16.90 -35.42
C6 MAN G . -47.64 17.05 -36.57
O2 MAN G . -44.40 19.13 -34.13
O3 MAN G . -46.28 18.34 -31.96
O4 MAN G . -48.23 17.40 -33.72
O5 MAN G . -45.27 17.13 -35.83
O6 MAN G . -47.18 17.84 -37.66
C1 NAG H . 16.21 -15.74 35.68
C2 NAG H . 16.26 -14.96 37.00
C3 NAG H . 14.94 -14.20 37.23
C4 NAG H . 14.59 -13.34 36.03
C5 NAG H . 14.68 -14.20 34.77
C6 NAG H . 14.42 -13.34 33.54
C7 NAG H . 17.62 -15.87 38.78
C8 NAG H . 17.64 -16.59 40.09
N2 NAG H . 16.47 -15.86 38.11
O3 NAG H . 15.04 -13.42 38.41
O4 NAG H . 13.25 -12.87 36.12
O5 NAG H . 15.95 -14.80 34.66
O6 NAG H . 14.33 -14.16 32.40
O7 NAG H . 18.62 -15.30 38.37
C1 NAG H . 13.14 -11.46 36.40
C2 NAG H . 11.83 -10.92 35.82
C3 NAG H . 11.61 -9.49 36.29
C4 NAG H . 11.67 -9.41 37.80
C5 NAG H . 12.96 -10.02 38.33
C6 NAG H . 12.84 -10.15 39.86
C7 NAG H . 11.08 -11.79 33.67
C8 NAG H . 11.27 -11.71 32.18
N2 NAG H . 11.80 -10.92 34.37
O3 NAG H . 10.34 -9.08 35.83
O4 NAG H . 11.56 -8.06 38.24
O5 NAG H . 13.15 -11.32 37.81
O6 NAG H . 11.80 -11.07 40.18
O7 NAG H . 10.28 -12.59 34.15
C1 KOJ I . -34.56 34.06 -23.09
C2 KOJ I . -34.98 33.71 -24.37
C3 KOJ I . -35.31 32.43 -24.61
C4 KOJ I . -35.24 31.49 -23.58
C5 KOJ I . -34.85 31.87 -22.30
C6 KOJ I . -34.78 30.91 -21.19
O2 KOJ I . -35.05 34.57 -25.38
O3 KOJ I . -35.67 32.13 -25.85
O5 KOJ I . -34.51 33.06 -22.07
O6 KOJ I . -33.66 30.82 -20.48
CU CU J . -35.34 34.16 -27.10
C1 NAG K . -33.17 41.85 -38.11
C2 NAG K . -32.13 42.86 -38.61
C3 NAG K . -32.69 44.26 -38.92
C4 NAG K . -33.98 44.16 -39.74
C5 NAG K . -34.91 43.18 -39.04
C6 NAG K . -36.25 43.11 -39.76
C7 NAG K . -29.89 42.41 -37.93
C8 NAG K . -28.72 42.83 -37.10
N2 NAG K . -31.05 43.01 -37.67
O3 NAG K . -31.74 44.97 -39.68
O4 NAG K . -34.57 45.45 -39.82
O5 NAG K . -34.29 41.90 -38.96
O6 NAG K . -36.27 42.06 -40.72
O7 NAG K . -29.78 41.55 -38.81
C1 NAG L . -17.17 48.39 -27.37
C2 NAG L . -17.33 49.88 -27.73
C3 NAG L . -16.34 50.78 -27.01
C4 NAG L . -16.36 50.49 -25.51
C5 NAG L . -16.06 49.02 -25.32
C6 NAG L . -16.04 48.66 -23.83
C7 NAG L . -18.22 50.54 -29.87
C8 NAG L . -17.96 50.84 -31.32
N2 NAG L . -17.17 50.12 -29.16
O3 NAG L . -16.61 52.15 -27.22
O4 NAG L . -15.38 51.30 -24.91
O5 NAG L . -17.08 48.28 -25.95
O6 NAG L . -17.31 48.87 -23.24
O7 NAG L . -19.36 50.67 -29.40
C1 NAG M . -45.35 38.65 -5.21
C2 NAG M . -45.51 37.47 -4.25
C3 NAG M . -46.70 37.67 -3.31
C4 NAG M . -46.75 39.07 -2.70
C5 NAG M . -46.24 40.19 -3.61
C6 NAG M . -45.68 41.30 -2.73
C7 NAG M . -45.00 35.19 -4.83
C8 NAG M . -45.54 33.95 -5.47
N2 NAG M . -45.73 36.28 -5.03
O3 NAG M . -46.64 36.68 -2.29
O4 NAG M . -48.09 39.37 -2.39
O5 NAG M . -45.16 39.81 -4.45
O6 NAG M . -44.44 40.86 -2.20
O7 NAG M . -43.94 35.17 -4.20
C1 NAG N . -33.52 33.72 -48.85
C2 NAG N . -32.76 34.91 -49.46
C3 NAG N . -33.82 35.96 -49.80
C4 NAG N . -34.83 35.34 -50.77
C5 NAG N . -35.47 34.08 -50.17
C6 NAG N . -36.41 33.45 -51.19
C7 NAG N . -30.54 35.84 -48.77
C8 NAG N . -29.67 36.16 -47.59
N2 NAG N . -31.79 35.43 -48.48
O3 NAG N . -33.26 37.12 -50.38
O4 NAG N . -35.80 36.29 -51.16
O5 NAG N . -34.43 33.18 -49.77
O6 NAG N . -36.59 32.06 -51.02
O7 NAG N . -30.09 36.00 -49.88
C1 KOJ O . 3.97 -7.76 14.46
C2 KOJ O . 3.19 -7.93 15.59
C3 KOJ O . 3.84 -8.04 16.79
C4 KOJ O . 5.23 -7.98 16.84
C5 KOJ O . 5.99 -7.81 15.67
C6 KOJ O . 7.47 -7.73 15.75
O2 KOJ O . 1.86 -8.00 15.57
O3 KOJ O . 3.08 -8.21 17.86
O5 KOJ O . 5.40 -7.71 14.58
O6 KOJ O . 8.23 -8.04 14.69
CU CU P . 0.88 -8.82 17.27
C1 NAG Q . -12.21 -12.61 18.18
C2 NAG Q . -13.24 -13.50 17.51
C3 NAG Q . -14.43 -12.69 17.03
C4 NAG Q . -14.98 -11.75 18.08
C5 NAG Q . -13.82 -10.99 18.70
C6 NAG Q . -14.28 -10.13 19.87
C7 NAG Q . -12.14 -15.34 16.40
C8 NAG Q . -11.37 -15.76 15.18
N2 NAG Q . -12.65 -14.12 16.35
O3 NAG Q . -15.43 -13.58 16.60
O4 NAG Q . -15.90 -10.86 17.46
O5 NAG Q . -12.87 -11.90 19.20
O6 NAG Q . -15.42 -10.75 20.39
O7 NAG Q . -12.29 -16.08 17.37
C1 NAG R . -7.72 -22.39 1.07
C2 NAG R . -9.00 -22.14 0.25
C3 NAG R . -8.96 -22.91 -1.06
C4 NAG R . -7.74 -22.44 -1.83
C5 NAG R . -6.49 -22.60 -0.97
C6 NAG R . -5.29 -22.04 -1.72
C7 NAG R . -11.11 -21.48 1.21
C8 NAG R . -12.34 -21.88 1.99
N2 NAG R . -10.23 -22.46 0.95
O3 NAG R . -10.14 -22.71 -1.81
O4 NAG R . -7.57 -23.22 -3.00
O5 NAG R . -6.66 -21.93 0.26
O6 NAG R . -5.21 -20.63 -1.66
O7 NAG R . -10.96 -20.31 0.82
C1 NAG S . 8.32 5.24 2.15
C2 NAG S . 7.66 6.54 1.73
C3 NAG S . 6.26 6.29 1.15
C4 NAG S . 6.31 5.15 0.12
C5 NAG S . 7.10 3.97 0.66
C6 NAG S . 7.20 2.88 -0.39
C7 NAG S . 7.97 8.66 2.90
C8 NAG S . 7.46 9.50 4.03
N2 NAG S . 7.57 7.39 2.90
O3 NAG S . 5.72 7.45 0.53
O4 NAG S . 5.01 4.70 -0.18
O5 NAG S . 8.39 4.39 1.03
O6 NAG S . 8.29 3.15 -1.23
O7 NAG S . 8.71 9.15 2.04
C1 KOJ T . -11.98 0.18 -11.82
C2 KOJ T . -12.59 -0.70 -12.70
C3 KOJ T . -12.90 -0.28 -13.96
C4 KOJ T . -12.63 1.05 -14.33
C5 KOJ T . -12.01 1.91 -13.42
C6 KOJ T . -11.72 3.31 -13.80
O2 KOJ T . -12.86 -1.96 -12.38
O3 KOJ T . -13.48 -1.16 -14.77
O5 KOJ T . -11.71 1.52 -12.26
O6 KOJ T . -12.37 4.30 -13.21
CU CU U . -13.96 -3.37 -12.84
C1 NAG V . -19.28 -14.85 -7.76
C2 NAG V . -19.83 -15.40 -6.46
C3 NAG V . -18.93 -16.50 -5.88
C4 NAG V . -18.64 -17.50 -6.98
C5 NAG V . -17.94 -16.73 -8.08
C6 NAG V . -17.28 -17.65 -9.10
C7 NAG V . -21.10 -13.63 -5.37
C8 NAG V . -21.08 -12.59 -4.29
N2 NAG V . -19.97 -14.30 -5.53
O3 NAG V . -19.57 -17.18 -4.83
O4 NAG V . -17.82 -18.55 -6.53
O5 NAG V . -18.92 -15.89 -8.64
O6 NAG V . -18.26 -18.42 -9.77
O7 NAG V . -22.12 -13.81 -6.05
C1 NAG W . -21.30 -3.59 8.77
C2 NAG W . -21.00 -4.69 9.79
C3 NAG W . -20.92 -4.23 11.25
C4 NAG W . -20.20 -2.90 11.37
C5 NAG W . -20.71 -1.95 10.28
C6 NAG W . -20.06 -0.57 10.33
C7 NAG W . -21.72 -6.92 9.23
C8 NAG W . -22.87 -7.90 9.20
N2 NAG W . -22.03 -5.70 9.67
O3 NAG W . -20.24 -5.17 12.06
O4 NAG W . -20.42 -2.38 12.66
O5 NAG W . -20.41 -2.54 9.04
O6 NAG W . -18.67 -0.67 10.13
O7 NAG W . -20.59 -7.24 8.89
C1 NAG X . 5.28 4.79 -6.80
C2 NAG X . 6.56 4.13 -6.27
C3 NAG X . 6.38 3.23 -5.04
C4 NAG X . 5.18 3.57 -4.15
C5 NAG X . 4.06 4.22 -4.96
C6 NAG X . 2.85 4.61 -4.11
C7 NAG X . 8.20 3.81 -7.94
C8 NAG X . 8.78 2.99 -9.06
N2 NAG X . 7.16 3.31 -7.31
O3 NAG X . 7.57 3.29 -4.30
O4 NAG X . 4.71 2.36 -3.57
O5 NAG X . 4.61 5.33 -5.68
O6 NAG X . 1.66 3.99 -4.59
O7 NAG X . 8.65 4.90 -7.61
C1 KOJ Y . 37.13 -32.77 23.18
C2 KOJ Y . 37.17 -32.65 24.55
C3 KOJ Y . 36.00 -32.51 25.23
C4 KOJ Y . 34.78 -32.49 24.53
C5 KOJ Y . 34.79 -32.63 23.16
C6 KOJ Y . 33.55 -32.60 22.35
O2 KOJ Y . 38.33 -32.68 25.20
O3 KOJ Y . 36.07 -32.39 26.56
O5 KOJ Y . 35.86 -32.75 22.53
O6 KOJ Y . 33.40 -31.57 21.52
CU CU Z . 38.45 -32.16 26.90
C1 NAG AA . 49.80 -28.13 33.25
C2 NAG AA . 51.03 -27.28 32.88
C3 NAG AA . 52.21 -28.19 32.56
C4 NAG AA . 52.51 -29.07 33.75
C5 NAG AA . 51.24 -29.84 34.11
C6 NAG AA . 51.45 -30.66 35.39
C7 NAG AA . 50.17 -25.27 31.88
C8 NAG AA . 50.06 -24.45 30.65
N2 NAG AA . 50.79 -26.43 31.73
O3 NAG AA . 53.36 -27.44 32.26
O4 NAG AA . 53.57 -29.92 33.38
O5 NAG AA . 50.15 -28.97 34.35
O6 NAG AA . 51.08 -29.82 36.48
O7 NAG AA . 49.72 -24.88 32.97
C1 NAG BA . 53.64 -18.69 16.21
C2 NAG BA . 55.17 -18.82 16.18
C3 NAG BA . 55.82 -18.30 14.90
C4 NAG BA . 55.08 -18.75 13.65
C5 NAG BA . 53.59 -18.52 13.84
C6 NAG BA . 52.78 -19.07 12.66
C7 NAG BA . 56.27 -18.81 18.31
C8 NAG BA . 56.63 -18.05 19.55
N2 NAG BA . 55.76 -18.12 17.31
O3 NAG BA . 57.17 -18.71 14.80
O4 NAG BA . 55.56 -17.99 12.57
O5 NAG BA . 53.14 -19.19 14.99
O6 NAG BA . 52.94 -20.46 12.56
O7 NAG BA . 56.47 -20.03 18.24
#